data_8KGR
#
_entry.id   8KGR
#
_cell.length_a   1.00
_cell.length_b   1.00
_cell.length_c   1.00
_cell.angle_alpha   90.00
_cell.angle_beta   90.00
_cell.angle_gamma   90.00
#
_symmetry.space_group_name_H-M   'P 1'
#
loop_
_entity.id
_entity.type
_entity.pdbx_description
1 polymer 'DNA (32-MER)'
2 polymer 'DNA (33-MER)'
3 polymer 'DNA topoisomerase 2'
4 non-polymer 'MAGNESIUM ION'
#
loop_
_entity_poly.entity_id
_entity_poly.type
_entity_poly.pdbx_seq_one_letter_code
_entity_poly.pdbx_strand_id
1 'polydeoxyribonucleotide'
;(DA)(DT)(DG)(DC)(DA)(DT)(DA)(DT)(DA)(DT)(DA)(DT)(DG)(DT)(DA)(DT)(DA)(DT)(DG)(DT)
(DA)(DT)(DG)(DT)(DG)(DT)(DG)(DT)(DA)(DT)(DA)(DT)(DA)(DT)(DA)(DC)(DA)(DC)(DA)(DT)
(DA)(DT)(DA)(DT)(DA)(DT)(DA)(DT)(DA)(DT)(DA)(DT)
;
C
2 'polydeoxyribonucleotide'
;(DA)(DT)(DA)(DT)(DA)(DT)(DA)(DT)(DA)(DT)(DA)(DT)(DA)(DT)(DG)(DT)(DG)(DT)(DA)(DT)
(DA)(DT)(DA)(DT)(DA)(DC)(DA)(DC)(DA)(DC)(DA)(DT)(DA)(DC)(DA)(DT)(DA)(DT)(DA)(DC)
(DA)(DT)(DA)(DT)(DA)(DT)(DA)(DT)(DG)(DC)(DA)(DT)
;
D
3 'polypeptide(L)'
;EFATMEAFEISDFKEHAKKKSMWAGALNKVTISGLMGVFTEDEDLMALPIHRDHCPALLKIFDEIIVNATDHERACHNKT
KKVTYIKISFDKGVFSCENDGPGIPIAKHEQASLIAKRDVYVPEVASCHFLAGTNINKAKDCIKGGTNGVGLKLAMVHSQ
WAILTTADGAQKYVQHINQRLDIIEPPTITPSREMFTRIELMPVYQELGYAEPLSETEQADLSAWIYLRACQCAAYVGKG
TTIYYNDKPCRTGSVMALAKMYTLLSAPNSTIHTATIKADAKPYSLHPLQVAAVVSPKFKKFEHVSVINGVNCVKGEHVT
FLKKTINEMVVKKFQQTIKDKNRKTTLRDSCSNIFIVIVGSIPGIEWTGQRKDELSIAENVFKTHYSIPSSFLTSMTKSI
VDILLQSISKKDNHKQVDVDKYTRARNAGGKRAQDCMLLAAEGDSALSLLRTGLTLGKSNPSGPSFDFCGMISLGGVIMN
ACKKVTNITTDSGETIMVRNEQLTNNKVLQGIVQVLGLDFNCHYKTQEERAKLRYGCIVACVDQDLDGCGKILGLLLAYF
HLFWPQLIIHGFVKRLLTPLIRVYEKGKTMPVEFYYEQEFDAWAKKQTSLANHTVKYYKGLAAHDTHEVKSMFKHFDNMV
YTFTLDDSAKELFHIYFGGESELRKRELCTGVVPLTETQTQSIHSVRRIPCSLHLQVDTKAYKLDAIERQIPNFLDGMTR
ARRKILAGGVKCFASNNRERKVFQFGGYVADHMFYHHGDMSLNTSIIKAAQYYPGSSHLYPVFIGIGSFGSRHLGGKDAG
SPRYISVQLASEFIKTMFPAEDSWLLPYVFEDGQRAEPEYYVPVLPLAIMEYGANPSEGWKYTTWARQLEDILALVRAYV
DKDNPKHELLHYAIKHKITILPLRPSNYNFKGHLKRFGQYYYSYGTYVISEQRNIITITELPLRVPTVAYIESIKKSSNR
MTFIEEIIDYSSSETIEILVKLKPNSLNRIVEEFKETEEQDSIENFLRLRNCLHSHLNFVKPKGGIIEFNTYYEILYAWL
PYRRELYQKRLMREHAVLKLRIIMETAIVRYINESAELNLSHYEDEKEASRILSEHGFPPLNHTLIISPEFASIEELNQK
ALQGCYTYILSLQARELLIAAKTRRVEKIKKMQARLDKVEQLLQESPFPGASVWLEEIDAVEKAIIKGRNTQWKFHENLY
FQGHHHHHHHH
;
A,B
#
loop_
_chem_comp.id
_chem_comp.type
_chem_comp.name
_chem_comp.formula
DA DNA linking 2'-DEOXYADENOSINE-5'-MONOPHOSPHATE 'C10 H14 N5 O6 P'
DC DNA linking 2'-DEOXYCYTIDINE-5'-MONOPHOSPHATE 'C9 H14 N3 O7 P'
DG DNA linking 2'-DEOXYGUANOSINE-5'-MONOPHOSPHATE 'C10 H14 N5 O7 P'
DT DNA linking THYMIDINE-5'-MONOPHOSPHATE 'C10 H15 N2 O8 P'
MG non-polymer 'MAGNESIUM ION' 'Mg 2'
#
# COMPACT_ATOMS: atom_id res chain seq x y z
N VAL C 417 28.09 -7.07 26.28
CA VAL C 417 27.47 -5.91 25.66
C VAL C 417 25.99 -5.86 26.03
N ASP C 418 25.41 -4.66 26.12
CA ASP C 418 23.97 -4.54 26.08
C ASP C 418 23.49 -4.93 24.70
N VAL C 419 22.64 -5.96 24.65
CA VAL C 419 22.20 -6.52 23.38
C VAL C 419 21.17 -5.62 22.72
N ASP C 420 20.86 -5.93 21.48
CA ASP C 420 20.11 -5.03 20.61
C ASP C 420 18.63 -5.05 20.97
N LYS C 421 18.02 -3.86 20.99
CA LYS C 421 16.63 -3.63 21.41
C LYS C 421 16.32 -4.25 22.76
N TYR C 422 17.12 -3.93 23.77
CA TYR C 422 16.99 -4.52 25.09
C TYR C 422 16.92 -3.44 26.15
N THR C 423 15.90 -3.53 27.00
CA THR C 423 15.71 -2.61 28.12
C THR C 423 15.75 -3.42 29.40
N ARG C 424 16.81 -3.25 30.18
CA ARG C 424 16.96 -4.01 31.41
C ARG C 424 16.04 -3.45 32.49
N ALA C 425 15.79 -4.27 33.50
CA ALA C 425 15.08 -3.81 34.68
C ALA C 425 16.08 -3.21 35.65
N ARG C 426 15.58 -2.43 36.61
CA ARG C 426 16.46 -1.78 37.58
C ARG C 426 17.03 -2.77 38.59
N ASN C 427 16.46 -3.97 38.66
CA ASN C 427 16.80 -4.93 39.68
C ASN C 427 17.23 -6.26 39.07
N ALA C 428 18.06 -6.20 38.03
CA ALA C 428 18.51 -7.39 37.32
C ALA C 428 19.84 -7.85 37.89
N GLY C 429 19.88 -9.07 38.40
CA GLY C 429 21.12 -9.63 38.91
C GLY C 429 21.57 -9.11 40.25
N GLY C 430 20.64 -8.71 41.10
CA GLY C 430 20.95 -8.10 42.38
C GLY C 430 20.36 -8.89 43.53
N LYS C 431 20.05 -8.16 44.61
CA LYS C 431 19.54 -8.80 45.82
C LYS C 431 18.09 -9.22 45.70
N ARG C 432 17.34 -8.67 44.74
CA ARG C 432 16.00 -9.17 44.49
C ARG C 432 15.93 -9.56 43.02
N ALA C 433 16.93 -10.32 42.58
CA ALA C 433 17.03 -10.69 41.18
C ALA C 433 15.95 -11.68 40.78
N GLN C 434 15.52 -12.55 41.70
CA GLN C 434 14.61 -13.63 41.32
C GLN C 434 13.20 -13.12 41.06
N ASP C 435 12.82 -11.99 41.63
CA ASP C 435 11.46 -11.48 41.48
C ASP C 435 11.31 -10.51 40.31
N CYS C 436 12.11 -10.65 39.26
CA CYS C 436 12.00 -9.81 38.09
C CYS C 436 11.66 -10.64 36.86
N MET C 437 10.99 -10.00 35.92
CA MET C 437 10.41 -10.63 34.74
C MET C 437 11.15 -10.13 33.51
N LEU C 438 11.15 -10.96 32.46
CA LEU C 438 11.60 -10.54 31.14
C LEU C 438 10.43 -10.72 30.20
N LEU C 439 9.84 -9.61 29.75
CA LEU C 439 8.71 -9.63 28.83
C LEU C 439 9.26 -9.63 27.41
N ALA C 440 9.57 -10.81 26.91
CA ALA C 440 10.15 -10.96 25.59
C ALA C 440 9.05 -10.83 24.54
N ALA C 441 9.16 -9.81 23.69
CA ALA C 441 8.16 -9.52 22.67
C ALA C 441 8.67 -9.93 21.29
N GLU C 442 7.79 -9.82 20.30
CA GLU C 442 8.05 -10.41 19.00
C GLU C 442 8.79 -9.47 18.05
N GLY C 443 8.53 -8.17 18.13
CA GLY C 443 9.19 -7.20 17.29
C GLY C 443 9.52 -5.93 18.04
N ASP C 444 9.25 -4.77 17.42
CA ASP C 444 9.45 -3.49 18.07
C ASP C 444 8.18 -2.69 18.25
N SER C 445 7.14 -2.96 17.48
CA SER C 445 5.86 -2.32 17.75
C SER C 445 5.24 -2.87 19.02
N ALA C 446 5.47 -4.15 19.29
CA ALA C 446 5.06 -4.74 20.55
C ALA C 446 5.82 -4.12 21.72
N LEU C 447 7.11 -3.83 21.53
CA LEU C 447 7.86 -3.16 22.59
C LEU C 447 7.40 -1.73 22.77
N SER C 448 6.89 -1.10 21.71
CA SER C 448 6.30 0.22 21.84
C SER C 448 5.02 0.16 22.66
N LEU C 449 4.22 -0.91 22.47
CA LEU C 449 3.05 -1.11 23.32
C LEU C 449 3.45 -1.36 24.77
N LEU C 450 4.47 -2.20 24.99
CA LEU C 450 4.88 -2.52 26.35
C LEU C 450 5.50 -1.32 27.05
N ARG C 451 6.20 -0.47 26.30
CA ARG C 451 6.72 0.76 26.89
C ARG C 451 5.60 1.73 27.21
N THR C 452 4.55 1.75 26.39
CA THR C 452 3.37 2.55 26.70
C THR C 452 2.70 2.06 27.98
N GLY C 453 2.65 0.75 28.16
CA GLY C 453 1.89 0.19 29.26
C GLY C 453 2.60 0.01 30.58
N LEU C 454 3.92 -0.19 30.56
CA LEU C 454 4.69 -0.30 31.81
C LEU C 454 5.01 1.05 32.41
N THR C 455 4.54 2.14 31.82
CA THR C 455 4.78 3.49 32.31
C THR C 455 3.50 4.20 32.69
N LEU C 456 2.45 3.45 33.00
CA LEU C 456 1.28 4.02 33.67
C LEU C 456 1.72 4.36 35.08
N GLY C 457 2.01 5.63 35.33
CA GLY C 457 2.69 6.01 36.55
C GLY C 457 1.85 5.94 37.81
N LYS C 458 0.85 6.79 37.90
CA LYS C 458 -0.09 6.79 39.01
C LYS C 458 -1.49 6.39 38.58
N SER C 459 -1.71 6.16 37.29
CA SER C 459 -2.98 5.68 36.81
C SER C 459 -3.14 4.18 36.96
N ASN C 460 -2.10 3.48 37.40
CA ASN C 460 -2.16 2.05 37.64
C ASN C 460 -1.21 1.70 38.77
N PRO C 461 -1.66 1.85 40.02
CA PRO C 461 -0.78 1.52 41.15
C PRO C 461 -0.59 0.02 41.36
N SER C 462 -1.46 -0.80 40.78
CA SER C 462 -1.37 -2.24 40.92
C SER C 462 -0.66 -2.92 39.77
N GLY C 463 -0.26 -2.18 38.75
CA GLY C 463 0.39 -2.75 37.59
C GLY C 463 1.89 -2.77 37.74
N PRO C 464 2.56 -3.44 36.80
CA PRO C 464 4.02 -3.49 36.83
C PRO C 464 4.65 -2.25 36.21
N SER C 465 5.95 -2.13 36.42
CA SER C 465 6.75 -1.05 35.84
C SER C 465 8.16 -1.58 35.66
N PHE C 466 9.09 -0.69 35.34
CA PHE C 466 10.45 -1.12 35.05
C PHE C 466 11.29 -1.39 36.27
N ASP C 467 10.71 -1.32 37.46
CA ASP C 467 11.47 -1.70 38.64
C ASP C 467 11.67 -3.20 38.71
N PHE C 468 10.77 -3.98 38.09
CA PHE C 468 10.86 -5.44 38.12
C PHE C 468 10.47 -6.08 36.80
N CYS C 469 10.67 -5.39 35.68
CA CYS C 469 10.31 -5.91 34.37
C CYS C 469 11.29 -5.41 33.33
N GLY C 470 11.59 -6.25 32.34
CA GLY C 470 12.47 -5.90 31.24
C GLY C 470 11.81 -6.19 29.90
N MET C 471 12.54 -5.88 28.84
CA MET C 471 12.03 -6.02 27.48
C MET C 471 13.13 -6.46 26.53
N ILE C 472 12.78 -7.35 25.61
CA ILE C 472 13.71 -7.84 24.58
C ILE C 472 12.86 -8.36 23.43
N SER C 473 13.42 -8.32 22.21
CA SER C 473 12.70 -8.71 21.01
C SER C 473 13.15 -10.08 20.52
N LEU C 474 12.20 -10.86 20.03
CA LEU C 474 12.49 -12.22 19.56
C LEU C 474 12.91 -12.28 18.10
N GLY C 475 12.98 -11.14 17.41
CA GLY C 475 13.55 -11.10 16.08
C GLY C 475 12.71 -11.72 14.98
N GLY C 476 11.40 -11.85 15.17
CA GLY C 476 10.56 -12.46 14.18
C GLY C 476 10.16 -13.88 14.52
N VAL C 477 10.80 -14.85 13.88
CA VAL C 477 10.57 -16.26 14.15
C VAL C 477 11.85 -16.85 14.71
N ILE C 478 11.72 -17.60 15.81
CA ILE C 478 12.86 -18.23 16.46
C ILE C 478 13.38 -19.37 15.57
N MET C 479 14.71 -19.49 15.50
CA MET C 479 15.33 -20.69 14.97
C MET C 479 15.04 -21.89 15.86
N ASN C 480 14.73 -23.05 15.27
CA ASN C 480 14.59 -24.24 16.08
C ASN C 480 15.93 -24.91 16.31
N ALA C 481 16.13 -25.41 17.51
CA ALA C 481 17.34 -26.11 17.85
C ALA C 481 17.18 -27.62 17.83
N CYS C 482 15.97 -28.12 17.67
CA CYS C 482 15.71 -29.54 17.65
C CYS C 482 16.17 -30.22 16.37
N LYS C 483 16.67 -29.48 15.39
CA LYS C 483 17.22 -30.12 14.20
C LYS C 483 18.47 -29.42 13.69
N LYS C 484 19.17 -28.68 14.55
CA LYS C 484 20.50 -28.15 14.27
C LYS C 484 21.44 -28.48 15.42
N VAL C 485 21.41 -29.74 15.85
CA VAL C 485 22.17 -30.18 17.01
C VAL C 485 22.45 -31.66 16.82
N THR C 486 23.57 -32.15 17.38
CA THR C 486 23.89 -33.56 17.26
C THR C 486 24.31 -34.14 18.60
N ASN C 487 23.95 -35.41 18.81
CA ASN C 487 24.34 -36.18 19.98
C ASN C 487 25.66 -36.88 19.72
N ILE C 488 26.54 -36.86 20.71
CA ILE C 488 27.78 -37.65 20.69
C ILE C 488 27.80 -38.44 21.98
N THR C 489 27.56 -39.75 21.89
CA THR C 489 27.66 -40.61 23.06
C THR C 489 29.13 -40.83 23.39
N THR C 490 29.55 -40.34 24.55
CA THR C 490 30.96 -40.42 24.92
C THR C 490 31.33 -41.83 25.34
N ASP C 491 32.64 -42.10 25.30
CA ASP C 491 33.16 -43.39 25.75
C ASP C 491 33.12 -43.55 27.26
N SER C 492 32.94 -42.44 28.00
CA SER C 492 32.68 -42.55 29.43
C SER C 492 31.27 -43.02 29.71
N GLY C 493 30.36 -42.91 28.74
CA GLY C 493 28.99 -43.36 28.90
C GLY C 493 27.99 -42.22 28.80
N GLU C 494 28.31 -41.08 29.41
CA GLU C 494 27.39 -39.94 29.43
C GLU C 494 27.49 -39.19 28.12
N THR C 495 26.38 -39.13 27.40
CA THR C 495 26.35 -38.51 26.08
C THR C 495 26.37 -36.98 26.19
N ILE C 496 26.85 -36.34 25.14
CA ILE C 496 27.00 -34.90 25.09
C ILE C 496 26.22 -34.42 23.87
N MET C 497 25.91 -33.13 23.86
CA MET C 497 25.01 -32.55 22.85
C MET C 497 25.65 -31.31 22.28
N VAL C 498 26.23 -31.41 21.07
CA VAL C 498 26.99 -30.31 20.49
C VAL C 498 26.12 -29.57 19.47
N ARG C 499 26.12 -28.25 19.56
CA ARG C 499 25.35 -27.38 18.70
C ARG C 499 25.98 -27.28 17.32
N ASN C 500 25.29 -26.56 16.44
CA ASN C 500 25.82 -26.27 15.12
C ASN C 500 26.44 -24.88 15.14
N GLU C 501 27.23 -24.57 14.11
CA GLU C 501 27.84 -23.26 14.06
C GLU C 501 26.83 -22.20 13.66
N GLN C 502 25.81 -22.58 12.90
CA GLN C 502 24.71 -21.68 12.59
C GLN C 502 23.87 -21.39 13.82
N LEU C 503 23.60 -22.41 14.63
CA LEU C 503 22.83 -22.22 15.86
C LEU C 503 23.61 -21.46 16.92
N THR C 504 24.93 -21.61 16.91
CA THR C 504 25.77 -20.89 17.87
C THR C 504 25.79 -19.39 17.58
N ASN C 505 25.73 -19.02 16.29
CA ASN C 505 25.93 -17.66 15.84
C ASN C 505 24.62 -16.92 15.57
N ASN C 506 23.51 -17.39 16.10
CA ASN C 506 22.26 -16.65 15.97
C ASN C 506 22.29 -15.51 16.97
N LYS C 507 21.87 -14.33 16.52
CA LYS C 507 21.98 -13.14 17.37
C LYS C 507 20.92 -13.11 18.47
N VAL C 508 19.72 -13.62 18.17
CA VAL C 508 18.61 -13.58 19.12
C VAL C 508 18.86 -14.52 20.28
N LEU C 509 19.29 -15.75 19.99
CA LEU C 509 19.47 -16.72 21.05
C LEU C 509 20.72 -16.43 21.87
N GLN C 510 21.78 -15.95 21.22
CA GLN C 510 22.95 -15.46 21.95
C GLN C 510 22.58 -14.28 22.85
N GLY C 511 21.69 -13.41 22.37
CA GLY C 511 21.24 -12.29 23.19
C GLY C 511 20.43 -12.70 24.39
N ILE C 512 19.54 -13.68 24.23
CA ILE C 512 18.73 -14.06 25.40
C ILE C 512 19.47 -15.01 26.35
N VAL C 513 20.49 -15.74 25.89
CA VAL C 513 21.31 -16.45 26.87
C VAL C 513 22.35 -15.54 27.49
N GLN C 514 22.56 -14.37 26.92
CA GLN C 514 23.39 -13.36 27.58
C GLN C 514 22.58 -12.58 28.60
N VAL C 515 21.30 -12.35 28.35
CA VAL C 515 20.48 -11.58 29.27
C VAL C 515 20.20 -12.37 30.53
N LEU C 516 19.68 -13.58 30.39
CA LEU C 516 19.31 -14.35 31.57
C LEU C 516 20.49 -15.02 32.26
N GLY C 517 21.68 -14.97 31.66
CA GLY C 517 22.84 -15.57 32.27
C GLY C 517 22.84 -17.08 32.28
N LEU C 518 22.26 -17.71 31.27
CA LEU C 518 22.11 -19.15 31.24
C LEU C 518 23.46 -19.83 30.99
N ASP C 519 23.46 -21.15 31.16
CA ASP C 519 24.65 -21.95 30.99
C ASP C 519 24.25 -23.27 30.35
N PHE C 520 25.08 -23.77 29.44
CA PHE C 520 24.72 -24.95 28.68
C PHE C 520 25.16 -26.25 29.33
N ASN C 521 26.12 -26.20 30.25
CA ASN C 521 26.56 -27.36 31.00
C ASN C 521 26.17 -27.25 32.47
N CYS C 522 25.00 -26.69 32.72
CA CYS C 522 24.37 -26.68 34.02
C CYS C 522 22.94 -27.14 33.84
N HIS C 523 22.53 -28.14 34.60
CA HIS C 523 21.19 -28.69 34.41
C HIS C 523 20.14 -27.96 35.22
N TYR C 524 20.56 -27.07 36.13
CA TYR C 524 19.70 -26.22 36.95
C TYR C 524 18.72 -27.05 37.77
N LYS C 525 19.24 -28.06 38.45
CA LYS C 525 18.39 -29.01 39.17
C LYS C 525 18.15 -28.59 40.61
N THR C 526 19.17 -28.08 41.29
CA THR C 526 18.99 -27.53 42.63
C THR C 526 18.75 -26.02 42.55
N GLN C 527 18.60 -25.40 43.71
CA GLN C 527 18.15 -24.01 43.77
C GLN C 527 19.28 -23.02 43.92
N GLU C 528 20.44 -23.42 44.45
CA GLU C 528 21.56 -22.48 44.49
C GLU C 528 22.26 -22.37 43.15
N GLU C 529 21.91 -23.19 42.17
CA GLU C 529 22.35 -22.98 40.80
C GLU C 529 21.27 -22.33 39.94
N ARG C 530 20.02 -22.34 40.38
CA ARG C 530 18.99 -21.51 39.76
C ARG C 530 18.94 -20.11 40.35
N ALA C 531 19.62 -19.87 41.46
CA ALA C 531 19.73 -18.52 41.99
C ALA C 531 20.80 -17.71 41.29
N LYS C 532 21.57 -18.33 40.40
CA LYS C 532 22.60 -17.63 39.63
C LYS C 532 22.12 -17.22 38.25
N LEU C 533 20.81 -17.12 38.07
CA LEU C 533 20.25 -16.51 36.87
C LEU C 533 20.02 -15.04 37.13
N ARG C 534 20.10 -14.24 36.06
CA ARG C 534 20.16 -12.80 36.22
C ARG C 534 18.79 -12.21 36.54
N TYR C 535 17.71 -12.81 36.03
CA TYR C 535 16.40 -12.71 36.64
C TYR C 535 15.53 -13.88 36.24
N GLY C 536 14.73 -14.35 37.20
CA GLY C 536 14.25 -15.70 37.22
C GLY C 536 12.87 -16.05 36.71
N CYS C 537 12.48 -15.54 35.54
CA CYS C 537 11.35 -15.99 34.73
C CYS C 537 11.39 -15.29 33.39
N ILE C 538 10.94 -15.98 32.35
CA ILE C 538 10.74 -15.42 31.03
C ILE C 538 9.23 -15.44 30.77
N VAL C 539 8.71 -14.36 30.18
CA VAL C 539 7.30 -14.23 29.84
C VAL C 539 7.24 -13.82 28.38
N ALA C 540 6.70 -14.70 27.54
CA ALA C 540 6.64 -14.44 26.11
C ALA C 540 5.36 -13.68 25.79
N CYS C 541 5.49 -12.42 25.37
CA CYS C 541 4.36 -11.57 25.03
C CYS C 541 4.22 -11.56 23.50
N VAL C 542 3.51 -12.54 22.99
CA VAL C 542 3.39 -12.74 21.55
C VAL C 542 1.96 -12.50 21.12
N ASP C 543 1.68 -12.66 19.84
CA ASP C 543 0.38 -12.36 19.26
C ASP C 543 -0.62 -13.46 19.65
N GLN C 544 -1.80 -13.43 19.04
CA GLN C 544 -2.76 -14.50 19.22
C GLN C 544 -3.20 -15.17 17.93
N ASP C 545 -2.76 -14.70 16.78
CA ASP C 545 -2.98 -15.50 15.58
C ASP C 545 -2.05 -16.70 15.62
N LEU C 546 -2.38 -17.73 14.85
CA LEU C 546 -1.70 -19.01 14.96
C LEU C 546 -0.25 -18.94 14.52
N ASP C 547 0.11 -17.91 13.76
CA ASP C 547 1.49 -17.70 13.33
C ASP C 547 2.38 -17.33 14.50
N GLY C 548 1.82 -16.73 15.55
CA GLY C 548 2.61 -16.22 16.64
C GLY C 548 2.35 -16.90 17.96
N CYS C 549 1.14 -17.40 18.18
CA CYS C 549 0.84 -18.16 19.38
C CYS C 549 1.20 -19.62 19.24
N GLY C 550 1.07 -20.18 18.05
CA GLY C 550 1.37 -21.58 17.85
C GLY C 550 2.79 -21.84 17.41
N LYS C 551 3.28 -21.08 16.45
CA LYS C 551 4.59 -21.39 15.85
C LYS C 551 5.76 -21.01 16.75
N ILE C 552 5.94 -19.71 16.99
CA ILE C 552 7.20 -19.29 17.60
C ILE C 552 7.17 -19.50 19.10
N LEU C 553 5.99 -19.50 19.73
CA LEU C 553 5.90 -19.92 21.12
C LEU C 553 6.21 -21.40 21.26
N GLY C 554 5.81 -22.21 20.29
CA GLY C 554 6.17 -23.61 20.30
C GLY C 554 7.66 -23.84 20.09
N LEU C 555 8.29 -23.05 19.22
CA LEU C 555 9.72 -23.18 19.01
C LEU C 555 10.52 -22.70 20.21
N LEU C 556 10.01 -21.70 20.93
CA LEU C 556 10.65 -21.25 22.16
C LEU C 556 10.55 -22.32 23.25
N LEU C 557 9.37 -22.94 23.39
CA LEU C 557 9.20 -24.07 24.30
C LEU C 557 10.10 -25.23 23.91
N ALA C 558 10.29 -25.46 22.61
CA ALA C 558 11.15 -26.54 22.16
C ALA C 558 12.61 -26.28 22.48
N TYR C 559 13.03 -25.01 22.38
CA TYR C 559 14.40 -24.64 22.73
C TYR C 559 14.68 -24.88 24.21
N PHE C 560 13.78 -24.39 25.06
CA PHE C 560 13.95 -24.64 26.50
C PHE C 560 13.73 -26.10 26.88
N HIS C 561 12.99 -26.87 26.09
CA HIS C 561 12.89 -28.30 26.37
C HIS C 561 14.19 -29.01 26.03
N LEU C 562 14.75 -28.70 24.86
CA LEU C 562 15.90 -29.42 24.37
C LEU C 562 17.15 -29.09 25.18
N PHE C 563 17.23 -27.91 25.77
CA PHE C 563 18.46 -27.63 26.52
C PHE C 563 18.32 -27.59 28.04
N TRP C 564 17.19 -27.16 28.60
CA TRP C 564 17.04 -27.09 30.05
C TRP C 564 15.62 -27.42 30.45
N PRO C 565 15.26 -28.71 30.48
CA PRO C 565 13.88 -29.08 30.80
C PRO C 565 13.52 -28.91 32.27
N GLN C 566 14.52 -28.78 33.14
CA GLN C 566 14.26 -28.65 34.56
C GLN C 566 13.65 -27.31 34.92
N LEU C 567 13.86 -26.29 34.08
CA LEU C 567 13.22 -25.00 34.29
C LEU C 567 11.78 -25.02 33.83
N ILE C 568 11.43 -25.90 32.90
CA ILE C 568 10.02 -26.05 32.57
C ILE C 568 9.34 -26.90 33.63
N ILE C 569 10.09 -27.78 34.29
CA ILE C 569 9.53 -28.50 35.44
C ILE C 569 9.26 -27.55 36.61
N HIS C 570 10.28 -26.82 37.04
CA HIS C 570 10.12 -25.97 38.23
C HIS C 570 9.31 -24.71 37.98
N GLY C 571 9.18 -24.29 36.73
CA GLY C 571 8.33 -23.16 36.40
C GLY C 571 9.13 -21.90 36.18
N PHE C 572 9.45 -21.64 34.92
CA PHE C 572 10.27 -20.52 34.50
C PHE C 572 9.75 -19.85 33.25
N VAL C 573 8.97 -20.54 32.43
CA VAL C 573 8.54 -20.07 31.12
C VAL C 573 7.05 -19.75 31.19
N LYS C 574 6.68 -18.52 30.83
CA LYS C 574 5.34 -18.02 31.04
C LYS C 574 4.88 -17.29 29.78
N ARG C 575 3.62 -16.84 29.79
CA ARG C 575 3.06 -16.08 28.68
C ARG C 575 1.89 -15.24 29.16
N LEU C 576 1.62 -14.15 28.44
CA LEU C 576 0.36 -13.45 28.58
C LEU C 576 -0.74 -14.16 27.81
N LEU C 577 -1.93 -13.57 27.81
CA LEU C 577 -3.03 -14.09 27.01
C LEU C 577 -3.97 -12.92 26.73
N THR C 578 -3.92 -12.42 25.51
CA THR C 578 -4.60 -11.26 24.95
C THR C 578 -5.74 -11.66 24.04
N PRO C 579 -6.65 -10.77 23.68
CA PRO C 579 -7.70 -11.15 22.73
C PRO C 579 -7.26 -11.00 21.28
N LEU C 580 -7.74 -11.92 20.45
CA LEU C 580 -7.62 -11.77 19.01
C LEU C 580 -8.82 -11.05 18.42
N ILE C 581 -10.04 -11.36 18.86
CA ILE C 581 -11.22 -10.67 18.37
C ILE C 581 -11.96 -10.07 19.56
N ARG C 582 -12.37 -8.81 19.44
CA ARG C 582 -13.35 -8.21 20.33
C ARG C 582 -14.56 -7.80 19.49
N VAL C 583 -15.75 -8.11 19.98
CA VAL C 583 -16.98 -7.73 19.32
C VAL C 583 -17.71 -6.76 20.24
N TYR C 584 -17.99 -5.56 19.73
CA TYR C 584 -18.63 -4.51 20.50
C TYR C 584 -20.09 -4.40 20.11
N GLU C 585 -20.97 -4.52 21.10
CA GLU C 585 -22.38 -4.19 20.92
C GLU C 585 -22.57 -2.70 21.14
N LYS C 586 -23.49 -2.12 20.38
CA LYS C 586 -23.91 -0.74 20.62
C LYS C 586 -24.51 -0.60 22.02
N GLY C 587 -24.05 0.40 22.75
CA GLY C 587 -24.59 0.65 24.07
C GLY C 587 -23.81 0.05 25.23
N LYS C 588 -23.54 -1.25 25.18
CA LYS C 588 -22.88 -1.90 26.30
C LYS C 588 -21.38 -1.59 26.32
N THR C 589 -20.86 -1.36 27.52
CA THR C 589 -19.46 -0.99 27.72
C THR C 589 -18.59 -2.18 28.09
N MET C 590 -19.01 -3.39 27.73
CA MET C 590 -18.16 -4.57 27.83
C MET C 590 -18.29 -5.38 26.55
N PRO C 591 -17.20 -5.58 25.81
CA PRO C 591 -17.28 -6.37 24.59
C PRO C 591 -17.22 -7.86 24.88
N VAL C 592 -17.40 -8.65 23.83
CA VAL C 592 -17.28 -10.10 23.89
C VAL C 592 -15.97 -10.47 23.23
N GLU C 593 -15.10 -11.17 23.96
CA GLU C 593 -13.74 -11.43 23.50
C GLU C 593 -13.58 -12.89 23.08
N PHE C 594 -12.83 -13.09 22.00
CA PHE C 594 -12.55 -14.40 21.42
C PHE C 594 -11.05 -14.53 21.25
N TYR C 595 -10.56 -15.75 21.46
CA TYR C 595 -9.14 -16.08 21.40
C TYR C 595 -8.77 -16.91 20.18
N TYR C 596 -9.75 -17.37 19.42
CA TYR C 596 -9.52 -18.23 18.27
C TYR C 596 -10.50 -17.85 17.15
N GLU C 597 -10.09 -18.09 15.91
CA GLU C 597 -10.85 -17.61 14.76
C GLU C 597 -12.09 -18.46 14.49
N GLN C 598 -11.95 -19.77 14.61
CA GLN C 598 -13.08 -20.66 14.36
C GLN C 598 -14.13 -20.58 15.46
N GLU C 599 -13.72 -20.21 16.69
CA GLU C 599 -14.69 -19.93 17.73
C GLU C 599 -15.53 -18.71 17.38
N PHE C 600 -14.91 -17.69 16.80
CA PHE C 600 -15.67 -16.53 16.32
C PHE C 600 -16.60 -16.90 15.17
N ASP C 601 -16.13 -17.74 14.25
CA ASP C 601 -16.98 -18.08 13.12
C ASP C 601 -18.18 -18.92 13.55
N ALA C 602 -17.98 -19.81 14.52
CA ALA C 602 -19.08 -20.60 15.06
C ALA C 602 -20.04 -19.74 15.87
N TRP C 603 -19.53 -18.74 16.59
CA TRP C 603 -20.41 -17.82 17.30
C TRP C 603 -21.18 -16.94 16.33
N ALA C 604 -20.55 -16.54 15.23
CA ALA C 604 -21.13 -15.53 14.36
C ALA C 604 -22.17 -16.11 13.41
N LYS C 605 -21.96 -17.35 12.94
CA LYS C 605 -22.92 -17.94 12.02
C LYS C 605 -24.22 -18.33 12.72
N LYS C 606 -24.18 -18.52 14.04
CA LYS C 606 -25.40 -18.76 14.81
C LYS C 606 -26.24 -17.52 14.98
N GLN C 607 -25.71 -16.33 14.70
CA GLN C 607 -26.45 -15.10 14.89
C GLN C 607 -27.47 -14.92 13.76
N THR C 608 -28.34 -13.93 13.93
CA THR C 608 -29.38 -13.67 12.94
C THR C 608 -29.23 -12.34 12.22
N SER C 609 -28.58 -11.35 12.83
CA SER C 609 -28.30 -10.07 12.19
C SER C 609 -27.15 -9.43 12.93
N LEU C 610 -26.11 -9.04 12.20
CA LEU C 610 -24.89 -8.53 12.81
C LEU C 610 -24.66 -7.07 12.36
N ALA C 611 -25.75 -6.34 12.17
CA ALA C 611 -25.68 -4.98 11.67
C ALA C 611 -25.87 -3.99 12.83
N ASN C 612 -25.56 -4.42 14.05
CA ASN C 612 -25.40 -3.48 15.17
C ASN C 612 -24.20 -3.85 16.03
N HIS C 613 -23.31 -4.69 15.52
CA HIS C 613 -22.08 -5.07 16.19
C HIS C 613 -20.89 -4.55 15.40
N THR C 614 -19.75 -4.41 16.06
CA THR C 614 -18.50 -4.09 15.37
C THR C 614 -17.45 -5.12 15.75
N VAL C 615 -16.81 -5.70 14.74
CA VAL C 615 -15.86 -6.79 14.92
C VAL C 615 -14.46 -6.25 14.66
N LYS C 616 -13.59 -6.35 15.65
CA LYS C 616 -12.20 -5.93 15.49
C LYS C 616 -11.27 -7.13 15.53
N TYR C 617 -10.35 -7.16 14.58
CA TYR C 617 -9.32 -8.19 14.50
C TYR C 617 -8.00 -7.55 14.90
N TYR C 618 -7.26 -8.21 15.76
CA TYR C 618 -6.03 -7.66 16.31
C TYR C 618 -4.86 -8.55 15.90
N LYS C 619 -4.24 -8.22 14.78
CA LYS C 619 -3.02 -8.92 14.35
C LYS C 619 -1.92 -8.10 15.03
N GLY C 620 -1.11 -8.71 15.89
CA GLY C 620 -0.10 -7.97 16.61
C GLY C 620 -0.60 -7.18 17.79
N LEU C 621 0.28 -6.90 18.75
CA LEU C 621 -0.11 -6.17 19.93
C LEU C 621 -0.29 -4.68 19.71
N ALA C 622 0.30 -4.12 18.66
CA ALA C 622 0.26 -2.68 18.45
C ALA C 622 -1.06 -2.18 17.88
N ALA C 623 -2.04 -3.04 17.65
CA ALA C 623 -3.34 -2.60 17.20
C ALA C 623 -4.27 -2.22 18.34
N HIS C 624 -3.84 -2.37 19.59
CA HIS C 624 -4.67 -2.07 20.74
C HIS C 624 -4.48 -0.61 21.12
N ASP C 625 -5.55 0.17 21.09
CA ASP C 625 -5.44 1.59 21.41
C ASP C 625 -5.43 1.79 22.93
N THR C 626 -5.56 3.03 23.39
CA THR C 626 -5.24 3.36 24.77
C THR C 626 -6.30 2.87 25.76
N HIS C 627 -7.58 3.05 25.42
CA HIS C 627 -8.65 2.73 26.36
C HIS C 627 -8.87 1.23 26.51
N GLU C 628 -8.10 0.40 25.82
CA GLU C 628 -8.12 -1.02 26.06
C GLU C 628 -6.77 -1.57 26.50
N VAL C 629 -5.65 -0.87 26.26
CA VAL C 629 -4.43 -1.30 26.92
C VAL C 629 -4.49 -0.97 28.40
N LYS C 630 -5.22 0.08 28.79
CA LYS C 630 -5.38 0.34 30.23
C LYS C 630 -6.20 -0.76 30.90
N SER C 631 -7.22 -1.28 30.21
CA SER C 631 -7.96 -2.40 30.75
C SER C 631 -7.15 -3.68 30.74
N MET C 632 -6.26 -3.85 29.76
CA MET C 632 -5.41 -5.03 29.76
C MET C 632 -4.34 -4.97 30.83
N PHE C 633 -3.96 -3.79 31.30
CA PHE C 633 -2.92 -3.71 32.30
C PHE C 633 -3.41 -3.30 33.68
N LYS C 634 -4.72 -3.15 33.88
CA LYS C 634 -5.23 -3.23 35.24
C LYS C 634 -5.23 -4.67 35.76
N HIS C 635 -5.18 -5.64 34.85
CA HIS C 635 -5.27 -7.05 35.20
C HIS C 635 -4.10 -7.82 34.63
N PHE C 636 -2.88 -7.32 34.82
CA PHE C 636 -1.71 -7.92 34.18
C PHE C 636 -1.39 -9.27 34.78
N ASP C 637 -1.35 -9.36 36.11
CA ASP C 637 -0.99 -10.60 36.77
C ASP C 637 -2.12 -11.62 36.71
N ASN C 638 -3.33 -11.18 36.35
CA ASN C 638 -4.46 -12.08 36.19
C ASN C 638 -4.36 -12.90 34.92
N MET C 639 -3.57 -12.46 33.94
CA MET C 639 -3.53 -13.13 32.64
C MET C 639 -2.13 -13.60 32.27
N VAL C 640 -1.30 -13.96 33.26
CA VAL C 640 -0.04 -14.65 33.00
C VAL C 640 -0.20 -16.12 33.37
N TYR C 641 0.16 -17.00 32.45
CA TYR C 641 -0.02 -18.44 32.64
C TYR C 641 1.34 -19.13 32.62
N THR C 642 1.48 -20.20 33.39
CA THR C 642 2.75 -20.89 33.59
C THR C 642 2.68 -22.30 33.01
N PHE C 643 3.76 -22.76 32.39
CA PHE C 643 3.78 -24.06 31.72
C PHE C 643 4.31 -25.16 32.62
N THR C 644 3.61 -26.30 32.59
CA THR C 644 4.07 -27.54 33.18
C THR C 644 4.21 -28.57 32.10
N LEU C 645 5.02 -29.60 32.35
CA LEU C 645 5.14 -30.69 31.41
C LEU C 645 5.13 -32.01 32.16
N ASP C 646 4.65 -33.04 31.48
CA ASP C 646 4.52 -34.39 31.99
C ASP C 646 5.37 -35.33 31.14
N ASP C 647 5.19 -36.64 31.36
CA ASP C 647 5.95 -37.63 30.60
C ASP C 647 5.44 -37.80 29.18
N SER C 648 4.22 -37.34 28.89
CA SER C 648 3.62 -37.49 27.58
C SER C 648 3.96 -36.36 26.63
N ALA C 649 5.08 -35.67 26.84
CA ALA C 649 5.39 -34.46 26.11
C ALA C 649 6.63 -34.57 25.24
N LYS C 650 7.58 -35.44 25.57
CA LYS C 650 8.84 -35.49 24.84
C LYS C 650 8.64 -36.06 23.44
N GLU C 651 7.75 -37.04 23.31
CA GLU C 651 7.45 -37.58 22.00
C GLU C 651 6.69 -36.58 21.15
N LEU C 652 5.92 -35.68 21.77
CA LEU C 652 5.21 -34.69 20.96
C LEU C 652 6.15 -33.61 20.45
N PHE C 653 7.15 -33.22 21.23
CA PHE C 653 8.15 -32.30 20.70
C PHE C 653 8.98 -32.96 19.61
N HIS C 654 9.24 -34.26 19.72
CA HIS C 654 9.94 -34.93 18.62
C HIS C 654 9.08 -35.06 17.37
N ILE C 655 7.76 -35.24 17.53
CA ILE C 655 6.89 -35.32 16.36
C ILE C 655 6.79 -33.95 15.69
N TYR C 656 6.43 -32.92 16.45
CA TYR C 656 6.17 -31.62 15.84
C TYR C 656 7.43 -30.91 15.39
N PHE C 657 8.59 -31.17 16.02
CA PHE C 657 9.75 -30.38 15.68
C PHE C 657 10.99 -31.22 15.44
N GLY C 658 10.84 -32.49 15.08
CA GLY C 658 11.96 -33.34 14.79
C GLY C 658 12.25 -33.42 13.30
N GLY C 659 13.40 -34.00 13.00
CA GLY C 659 13.92 -34.01 11.65
C GLY C 659 13.29 -34.98 10.68
N GLU C 660 12.22 -35.68 11.05
CA GLU C 660 11.55 -36.60 10.14
C GLU C 660 10.08 -36.26 10.01
N SER C 661 9.56 -36.38 8.78
CA SER C 661 8.25 -35.85 8.43
C SER C 661 7.14 -36.89 8.44
N GLU C 662 7.48 -38.19 8.45
CA GLU C 662 6.47 -39.23 8.39
C GLU C 662 5.57 -39.23 9.61
N LEU C 663 6.18 -38.98 10.78
CA LEU C 663 5.40 -38.76 12.00
C LEU C 663 4.49 -37.56 11.85
N ARG C 664 5.00 -36.51 11.23
CA ARG C 664 4.25 -35.27 11.06
C ARG C 664 3.16 -35.41 10.02
N LYS C 665 3.41 -36.21 8.97
CA LYS C 665 2.35 -36.51 8.01
C LYS C 665 1.24 -37.32 8.65
N ARG C 666 1.59 -38.36 9.41
CA ARG C 666 0.51 -39.20 9.93
C ARG C 666 -0.21 -38.59 11.12
N GLU C 667 0.39 -37.61 11.82
CA GLU C 667 -0.43 -36.90 12.78
C GLU C 667 -1.25 -35.81 12.12
N LEU C 668 -0.69 -35.17 11.10
CA LEU C 668 -1.22 -33.91 10.61
C LEU C 668 -2.38 -34.10 9.63
N CYS C 669 -2.74 -35.34 9.31
CA CYS C 669 -3.93 -35.59 8.49
C CYS C 669 -5.21 -35.31 9.26
N THR C 670 -5.29 -35.79 10.50
CA THR C 670 -6.48 -35.59 11.30
C THR C 670 -6.56 -34.16 11.81
N GLY C 671 -7.77 -33.68 12.02
CA GLY C 671 -7.98 -32.32 12.47
C GLY C 671 -7.67 -32.12 13.93
N VAL C 672 -7.99 -30.93 14.41
CA VAL C 672 -7.73 -30.55 15.79
C VAL C 672 -8.77 -31.21 16.70
N VAL C 673 -8.32 -31.65 17.88
CA VAL C 673 -9.19 -32.30 18.84
C VAL C 673 -9.60 -31.26 19.88
N PRO C 674 -10.89 -31.00 20.07
CA PRO C 674 -11.32 -29.94 21.00
C PRO C 674 -11.04 -30.25 22.45
N LEU C 675 -11.37 -29.31 23.33
CA LEU C 675 -10.90 -29.33 24.70
C LEU C 675 -12.05 -29.66 25.64
N THR C 676 -11.77 -30.48 26.64
CA THR C 676 -12.79 -30.94 27.57
C THR C 676 -13.11 -29.87 28.61
N GLU C 677 -14.19 -30.09 29.36
CA GLU C 677 -14.63 -29.11 30.35
C GLU C 677 -13.73 -29.11 31.57
N THR C 678 -13.21 -30.27 31.96
CA THR C 678 -12.33 -30.35 33.13
C THR C 678 -11.00 -29.67 32.86
N GLN C 679 -10.42 -29.92 31.69
CA GLN C 679 -9.17 -29.28 31.29
C GLN C 679 -9.33 -27.77 31.16
N THR C 680 -10.45 -27.32 30.59
CA THR C 680 -10.68 -25.89 30.41
C THR C 680 -10.89 -25.18 31.75
N GLN C 681 -11.67 -25.80 32.65
CA GLN C 681 -11.86 -25.21 33.97
C GLN C 681 -10.58 -25.20 34.78
N SER C 682 -9.76 -26.26 34.64
CA SER C 682 -8.49 -26.30 35.35
C SER C 682 -7.53 -25.23 34.86
N ILE C 683 -7.45 -25.03 33.55
CA ILE C 683 -6.58 -23.98 33.00
C ILE C 683 -7.08 -22.61 33.39
N HIS C 684 -8.36 -22.34 33.20
CA HIS C 684 -8.87 -21.00 33.50
C HIS C 684 -9.06 -20.76 34.99
N SER C 685 -8.84 -21.75 35.85
CA SER C 685 -8.90 -21.56 37.29
C SER C 685 -7.51 -21.45 37.93
N VAL C 686 -6.66 -22.46 37.76
CA VAL C 686 -5.38 -22.45 38.46
C VAL C 686 -4.28 -21.78 37.64
N ARG C 687 -4.53 -21.55 36.34
CA ARG C 687 -3.65 -20.82 35.42
C ARG C 687 -2.29 -21.51 35.26
N ARG C 688 -2.34 -22.78 34.87
CA ARG C 688 -1.17 -23.49 34.38
C ARG C 688 -1.57 -24.32 33.17
N ILE C 689 -0.64 -24.46 32.25
CA ILE C 689 -0.88 -25.05 30.94
C ILE C 689 0.01 -26.27 30.78
N PRO C 690 -0.52 -27.43 30.41
CA PRO C 690 0.36 -28.54 30.01
C PRO C 690 0.97 -28.26 28.65
N CYS C 691 2.26 -28.60 28.51
CA CYS C 691 2.95 -28.36 27.25
C CYS C 691 2.39 -29.23 26.13
N SER C 692 2.03 -30.47 26.46
CA SER C 692 1.45 -31.37 25.47
C SER C 692 0.06 -30.92 25.05
N LEU C 693 -0.71 -30.36 25.97
CA LEU C 693 -2.02 -29.85 25.63
C LEU C 693 -1.92 -28.54 24.85
N HIS C 694 -0.82 -27.82 24.98
CA HIS C 694 -0.57 -26.69 24.10
C HIS C 694 -0.20 -27.15 22.69
N LEU C 695 0.64 -28.18 22.60
CA LEU C 695 1.05 -28.69 21.29
C LEU C 695 -0.11 -29.32 20.54
N GLN C 696 -1.03 -29.96 21.23
CA GLN C 696 -2.09 -30.66 20.52
C GLN C 696 -3.27 -29.76 20.19
N VAL C 697 -3.18 -28.46 20.45
CA VAL C 697 -4.20 -27.51 20.00
C VAL C 697 -3.56 -26.41 19.18
N ASP C 698 -2.67 -25.61 19.78
CA ASP C 698 -2.23 -24.38 19.12
C ASP C 698 -1.26 -24.65 17.98
N THR C 699 -0.25 -25.48 18.21
CA THR C 699 0.74 -25.75 17.17
C THR C 699 0.13 -26.58 16.04
N LYS C 700 -0.76 -27.49 16.38
CA LYS C 700 -1.42 -28.29 15.35
C LYS C 700 -2.39 -27.44 14.53
N ALA C 701 -3.07 -26.49 15.17
CA ALA C 701 -3.94 -25.59 14.43
C ALA C 701 -3.14 -24.68 13.52
N TYR C 702 -1.95 -24.26 13.97
CA TYR C 702 -1.04 -23.52 13.10
C TYR C 702 -0.64 -24.34 11.89
N LYS C 703 -0.25 -25.59 12.09
CA LYS C 703 0.26 -26.38 10.97
C LYS C 703 -0.83 -26.74 9.98
N LEU C 704 -2.07 -26.94 10.46
CA LEU C 704 -3.18 -27.13 9.53
C LEU C 704 -3.48 -25.84 8.75
N ASP C 705 -3.43 -24.69 9.42
CA ASP C 705 -3.63 -23.41 8.73
C ASP C 705 -2.53 -23.13 7.71
N ALA C 706 -1.29 -23.53 8.01
CA ALA C 706 -0.19 -23.32 7.08
C ALA C 706 -0.31 -24.22 5.86
N ILE C 707 -0.81 -25.45 6.05
CA ILE C 707 -1.13 -26.32 4.93
C ILE C 707 -2.20 -25.68 4.05
N GLU C 708 -3.22 -25.09 4.67
CA GLU C 708 -4.27 -24.44 3.88
C GLU C 708 -3.75 -23.24 3.11
N ARG C 709 -2.81 -22.49 3.69
CA ARG C 709 -2.31 -21.31 2.99
C ARG C 709 -1.31 -21.65 1.90
N GLN C 710 -0.51 -22.70 2.07
CA GLN C 710 0.65 -22.90 1.20
C GLN C 710 0.51 -24.07 0.22
N ILE C 711 -0.66 -24.68 0.10
CA ILE C 711 -0.86 -25.80 -0.81
C ILE C 711 -2.10 -25.56 -1.65
N PRO C 712 -2.06 -25.80 -2.96
CA PRO C 712 -3.18 -25.46 -3.84
C PRO C 712 -4.36 -26.42 -3.76
N ASN C 713 -5.54 -25.88 -3.99
CA ASN C 713 -6.73 -26.68 -4.20
C ASN C 713 -6.64 -27.36 -5.57
N PHE C 714 -7.33 -28.48 -5.73
CA PHE C 714 -7.20 -29.21 -6.99
C PHE C 714 -8.29 -28.87 -7.98
N LEU C 715 -9.22 -27.99 -7.62
CA LEU C 715 -10.28 -27.62 -8.56
C LEU C 715 -9.86 -26.42 -9.40
N ASP C 716 -9.52 -25.31 -8.77
CA ASP C 716 -9.07 -24.12 -9.48
C ASP C 716 -7.55 -24.08 -9.64
N GLY C 717 -6.82 -24.77 -8.78
CA GLY C 717 -5.38 -24.86 -8.92
C GLY C 717 -4.60 -23.77 -8.25
N MET C 718 -5.24 -22.95 -7.43
CA MET C 718 -4.59 -21.80 -6.82
C MET C 718 -4.72 -21.84 -5.31
N THR C 719 -3.87 -21.05 -4.66
CA THR C 719 -3.83 -20.98 -3.20
C THR C 719 -4.92 -20.03 -2.72
N ARG C 720 -4.86 -19.66 -1.44
CA ARG C 720 -5.89 -18.84 -0.85
C ARG C 720 -5.65 -17.35 -1.08
N ALA C 721 -4.37 -16.94 -1.01
CA ALA C 721 -3.99 -15.58 -1.35
C ALA C 721 -4.27 -15.27 -2.81
N ARG C 722 -3.93 -16.21 -3.71
CA ARG C 722 -4.16 -15.95 -5.12
C ARG C 722 -5.63 -15.98 -5.48
N ARG C 723 -6.44 -16.70 -4.71
CA ARG C 723 -7.87 -16.67 -4.94
C ARG C 723 -8.49 -15.36 -4.47
N LYS C 724 -7.96 -14.80 -3.36
CA LYS C 724 -8.34 -13.44 -2.96
C LYS C 724 -7.93 -12.42 -4.00
N ILE C 725 -6.75 -12.57 -4.59
CA ILE C 725 -6.27 -11.65 -5.61
C ILE C 725 -7.15 -11.73 -6.86
N LEU C 726 -7.56 -12.93 -7.25
CA LEU C 726 -8.44 -13.10 -8.40
C LEU C 726 -9.82 -12.49 -8.17
N ALA C 727 -10.40 -12.69 -6.98
CA ALA C 727 -11.72 -12.13 -6.70
C ALA C 727 -11.69 -10.61 -6.62
N GLY C 728 -10.69 -10.06 -5.91
CA GLY C 728 -10.56 -8.62 -5.82
C GLY C 728 -10.16 -7.98 -7.13
N GLY C 729 -9.51 -8.73 -8.03
CA GLY C 729 -9.17 -8.19 -9.32
C GLY C 729 -10.31 -8.24 -10.31
N VAL C 730 -11.19 -9.23 -10.21
CA VAL C 730 -12.42 -9.19 -10.98
C VAL C 730 -13.28 -8.01 -10.54
N LYS C 731 -13.32 -7.74 -9.23
CA LYS C 731 -14.16 -6.64 -8.76
C LYS C 731 -13.51 -5.27 -8.98
N CYS C 732 -12.17 -5.19 -9.01
CA CYS C 732 -11.49 -3.90 -9.09
C CYS C 732 -11.53 -3.32 -10.49
N PHE C 733 -11.31 -4.15 -11.50
CA PHE C 733 -11.28 -3.71 -12.89
C PHE C 733 -12.62 -3.91 -13.57
N ALA C 734 -13.71 -3.74 -12.83
CA ALA C 734 -15.04 -4.04 -13.35
C ALA C 734 -15.53 -2.96 -14.30
N SER C 735 -15.53 -1.70 -13.85
CA SER C 735 -16.08 -0.58 -14.61
C SER C 735 -15.27 -0.31 -15.88
N ASN C 736 -14.01 0.08 -15.72
CA ASN C 736 -13.09 0.18 -16.84
C ASN C 736 -11.76 -0.43 -16.44
N ASN C 737 -11.11 -1.05 -17.41
CA ASN C 737 -9.91 -1.83 -17.15
C ASN C 737 -8.66 -0.96 -17.28
N ARG C 738 -8.61 0.08 -16.44
CA ARG C 738 -7.44 0.99 -16.37
C ARG C 738 -6.43 0.35 -15.41
N GLU C 739 -5.14 0.44 -15.70
CA GLU C 739 -4.15 -0.22 -14.87
C GLU C 739 -3.84 0.63 -13.64
N ARG C 740 -3.39 -0.04 -12.59
CA ARG C 740 -3.02 0.61 -11.35
C ARG C 740 -1.64 0.11 -10.95
N LYS C 741 -1.01 0.81 -10.01
CA LYS C 741 0.24 0.33 -9.46
C LYS C 741 -0.02 -0.92 -8.62
N VAL C 742 1.05 -1.66 -8.33
CA VAL C 742 0.89 -2.90 -7.59
C VAL C 742 0.54 -2.62 -6.13
N PHE C 743 1.04 -1.54 -5.56
CA PHE C 743 0.71 -1.27 -4.17
C PHE C 743 -0.70 -0.72 -4.01
N GLN C 744 -1.23 -0.07 -5.04
CA GLN C 744 -2.60 0.44 -4.96
C GLN C 744 -3.62 -0.68 -5.10
N PHE C 745 -3.38 -1.59 -6.03
CA PHE C 745 -4.20 -2.78 -6.16
C PHE C 745 -4.08 -3.68 -4.93
N GLY C 746 -2.89 -3.73 -4.33
CA GLY C 746 -2.72 -4.49 -3.10
C GLY C 746 -3.50 -3.92 -1.94
N GLY C 747 -3.54 -2.59 -1.83
CA GLY C 747 -4.38 -1.96 -0.83
C GLY C 747 -5.86 -2.21 -1.06
N TYR C 748 -6.27 -2.24 -2.33
CA TYR C 748 -7.66 -2.58 -2.65
C TYR C 748 -8.01 -4.00 -2.24
N VAL C 749 -7.16 -4.98 -2.60
CA VAL C 749 -7.50 -6.37 -2.28
C VAL C 749 -7.26 -6.71 -0.82
N ALA C 750 -6.50 -5.91 -0.08
CA ALA C 750 -6.43 -6.14 1.34
C ALA C 750 -7.57 -5.44 2.06
N ASP C 751 -8.21 -4.47 1.43
CA ASP C 751 -9.37 -3.83 2.04
C ASP C 751 -10.64 -4.63 1.80
N HIS C 752 -10.90 -5.02 0.56
CA HIS C 752 -12.20 -5.54 0.21
C HIS C 752 -12.30 -7.05 0.30
N MET C 753 -11.18 -7.76 0.45
CA MET C 753 -11.16 -9.20 0.58
C MET C 753 -10.75 -9.67 1.96
N PHE C 754 -10.58 -8.74 2.91
CA PHE C 754 -10.35 -9.01 4.33
C PHE C 754 -9.06 -9.77 4.57
N TYR C 755 -8.00 -9.37 3.90
CA TYR C 755 -6.69 -10.01 4.04
C TYR C 755 -6.06 -9.58 5.36
N HIS C 756 -5.82 -10.55 6.26
CA HIS C 756 -5.36 -10.23 7.61
C HIS C 756 -3.86 -10.41 7.78
N HIS C 757 -3.05 -10.13 6.78
CA HIS C 757 -1.62 -10.34 6.94
C HIS C 757 -0.84 -9.10 6.55
N GLY C 758 0.48 -9.25 6.43
CA GLY C 758 1.32 -8.14 6.03
C GLY C 758 1.12 -7.74 4.58
N ASP C 759 1.71 -6.62 4.22
CA ASP C 759 1.51 -6.02 2.91
C ASP C 759 2.60 -6.36 1.90
N MET C 760 3.77 -6.79 2.36
CA MET C 760 4.88 -7.04 1.45
C MET C 760 4.69 -8.34 0.68
N SER C 761 4.25 -9.40 1.37
CA SER C 761 4.05 -10.68 0.71
C SER C 761 2.86 -10.65 -0.24
N LEU C 762 1.86 -9.80 0.05
CA LEU C 762 0.75 -9.65 -0.88
C LEU C 762 1.21 -9.01 -2.18
N ASN C 763 2.08 -8.01 -2.09
CA ASN C 763 2.62 -7.37 -3.29
C ASN C 763 3.54 -8.30 -4.06
N THR C 764 4.28 -9.17 -3.35
CA THR C 764 5.10 -10.16 -4.04
C THR C 764 4.23 -11.16 -4.78
N SER C 765 3.10 -11.57 -4.19
CA SER C 765 2.20 -12.47 -4.89
C SER C 765 1.51 -11.81 -6.08
N ILE C 766 1.21 -10.52 -5.98
CA ILE C 766 0.60 -9.81 -7.11
C ILE C 766 1.62 -9.65 -8.25
N ILE C 767 2.89 -9.44 -7.91
CA ILE C 767 3.95 -9.39 -8.92
C ILE C 767 4.10 -10.74 -9.60
N LYS C 768 4.23 -11.82 -8.82
CA LYS C 768 4.48 -13.11 -9.44
C LYS C 768 3.25 -13.75 -10.03
N ALA C 769 2.07 -13.23 -9.75
CA ALA C 769 0.84 -13.74 -10.35
C ALA C 769 0.56 -13.12 -11.71
N ALA C 770 1.48 -12.30 -12.22
CA ALA C 770 1.31 -11.62 -13.49
C ALA C 770 2.49 -11.81 -14.43
N GLN C 771 3.52 -12.53 -14.03
CA GLN C 771 4.70 -12.68 -14.87
C GLN C 771 4.44 -13.65 -16.01
N TYR C 772 5.14 -13.42 -17.13
CA TYR C 772 4.98 -14.28 -18.30
C TYR C 772 6.29 -14.27 -19.08
N TYR C 773 7.01 -15.37 -19.04
CA TYR C 773 8.27 -15.54 -19.74
C TYR C 773 8.51 -17.03 -19.93
N PRO C 774 9.46 -17.43 -20.81
CA PRO C 774 9.75 -18.87 -20.93
C PRO C 774 10.29 -19.50 -19.66
N GLY C 775 9.49 -20.35 -19.04
CA GLY C 775 9.86 -20.99 -17.80
C GLY C 775 9.24 -20.40 -16.56
N SER C 776 8.27 -19.51 -16.69
CA SER C 776 7.59 -18.98 -15.53
C SER C 776 6.65 -20.02 -14.94
N SER C 777 6.15 -19.72 -13.74
CA SER C 777 5.26 -20.64 -13.05
C SER C 777 3.91 -20.72 -13.76
N HIS C 778 3.28 -19.60 -13.99
CA HIS C 778 1.94 -19.56 -14.55
C HIS C 778 2.06 -19.51 -16.07
N LEU C 779 1.48 -20.50 -16.75
CA LEU C 779 1.41 -20.47 -18.19
C LEU C 779 0.25 -19.62 -18.70
N TYR C 780 -0.78 -19.44 -17.90
CA TYR C 780 -1.96 -18.67 -18.30
C TYR C 780 -2.26 -17.69 -17.17
N PRO C 781 -1.58 -16.54 -17.14
CA PRO C 781 -1.74 -15.65 -15.99
C PRO C 781 -3.06 -14.91 -15.99
N VAL C 782 -3.49 -14.58 -14.78
CA VAL C 782 -4.71 -13.80 -14.55
C VAL C 782 -4.56 -12.37 -15.06
N PHE C 783 -3.40 -11.76 -14.88
CA PHE C 783 -3.20 -10.36 -15.18
C PHE C 783 -2.28 -10.14 -16.37
N ILE C 784 -2.46 -9.01 -17.04
CA ILE C 784 -1.50 -8.46 -17.97
C ILE C 784 -0.61 -7.51 -17.19
N GLY C 785 0.70 -7.67 -17.31
CA GLY C 785 1.66 -6.90 -16.56
C GLY C 785 2.33 -5.86 -17.45
N ILE C 786 2.43 -4.63 -16.93
CA ILE C 786 2.77 -3.44 -17.69
C ILE C 786 3.95 -2.79 -16.99
N GLY C 787 5.15 -2.98 -17.52
CA GLY C 787 6.35 -2.52 -16.87
C GLY C 787 7.47 -3.52 -17.02
N SER C 788 8.34 -3.63 -16.03
CA SER C 788 9.43 -4.61 -16.05
C SER C 788 9.16 -5.66 -14.98
N PHE C 789 8.89 -6.90 -15.42
CA PHE C 789 8.48 -7.99 -14.53
C PHE C 789 9.47 -9.14 -14.50
N GLY C 790 10.76 -8.87 -14.70
CA GLY C 790 11.77 -9.91 -14.58
C GLY C 790 11.85 -10.81 -15.78
N SER C 791 12.89 -11.63 -15.80
CA SER C 791 13.24 -12.40 -16.98
C SER C 791 13.62 -13.82 -16.59
N ARG C 792 13.99 -14.61 -17.61
CA ARG C 792 14.48 -15.97 -17.40
C ARG C 792 15.77 -15.98 -16.61
N HIS C 793 16.61 -14.98 -16.82
CA HIS C 793 18.02 -15.04 -16.47
C HIS C 793 18.27 -14.89 -14.99
N LEU C 794 17.29 -14.41 -14.23
CA LEU C 794 17.34 -14.42 -12.77
C LEU C 794 16.14 -15.12 -12.18
N GLY C 795 15.35 -15.80 -13.00
CA GLY C 795 14.20 -16.53 -12.49
C GLY C 795 13.06 -15.65 -12.03
N GLY C 796 12.88 -14.48 -12.65
CA GLY C 796 11.86 -13.57 -12.21
C GLY C 796 12.15 -12.83 -10.92
N LYS C 797 13.35 -12.93 -10.39
CA LYS C 797 13.71 -12.29 -9.14
C LYS C 797 14.16 -10.86 -9.32
N ASP C 798 14.16 -10.34 -10.54
CA ASP C 798 14.61 -8.99 -10.83
C ASP C 798 13.52 -8.14 -11.44
N ALA C 799 12.32 -8.19 -10.86
CA ALA C 799 11.25 -7.33 -11.30
C ALA C 799 11.44 -5.93 -10.73
N GLY C 800 10.57 -5.01 -11.09
CA GLY C 800 10.59 -3.71 -10.47
C GLY C 800 10.00 -3.73 -9.07
N SER C 801 10.16 -2.62 -8.38
CA SER C 801 9.47 -2.42 -7.13
C SER C 801 7.98 -2.18 -7.43
N PRO C 802 7.08 -2.39 -6.46
CA PRO C 802 5.67 -2.15 -6.74
C PRO C 802 5.32 -0.69 -6.94
N ARG C 803 6.23 0.22 -6.57
CA ARG C 803 6.08 1.64 -6.80
C ARG C 803 6.03 1.98 -8.29
N TYR C 804 6.68 1.17 -9.13
CA TYR C 804 6.91 1.43 -10.55
C TYR C 804 5.92 0.73 -11.47
N ILE C 805 5.79 -0.59 -11.35
CA ILE C 805 5.16 -1.43 -12.34
C ILE C 805 3.65 -1.51 -12.11
N SER C 806 2.93 -1.99 -13.12
CA SER C 806 1.47 -1.97 -13.10
C SER C 806 0.90 -3.30 -13.57
N VAL C 807 -0.37 -3.53 -13.25
CA VAL C 807 -1.13 -4.69 -13.73
C VAL C 807 -2.52 -4.25 -14.12
N GLN C 808 -3.11 -4.97 -15.08
CA GLN C 808 -4.52 -4.89 -15.36
C GLN C 808 -5.03 -6.30 -15.65
N LEU C 809 -6.33 -6.43 -15.79
CA LEU C 809 -6.97 -7.74 -15.82
C LEU C 809 -7.02 -8.26 -17.25
N ALA C 810 -6.54 -9.48 -17.46
CA ALA C 810 -6.65 -10.09 -18.78
C ALA C 810 -8.10 -10.51 -19.00
N SER C 811 -8.91 -9.59 -19.53
CA SER C 811 -10.35 -9.64 -19.31
C SER C 811 -11.05 -10.75 -20.08
N GLU C 812 -10.61 -11.08 -21.29
CA GLU C 812 -11.36 -12.08 -22.02
C GLU C 812 -11.02 -13.50 -21.61
N PHE C 813 -9.80 -13.75 -21.15
CA PHE C 813 -9.47 -15.07 -20.61
C PHE C 813 -10.20 -15.32 -19.29
N ILE C 814 -10.31 -14.30 -18.44
CA ILE C 814 -11.07 -14.42 -17.21
C ILE C 814 -12.56 -14.48 -17.50
N LYS C 815 -12.99 -13.89 -18.61
CA LYS C 815 -14.40 -13.97 -18.98
C LYS C 815 -14.77 -15.37 -19.45
N THR C 816 -13.89 -16.01 -20.21
CA THR C 816 -14.22 -17.32 -20.78
C THR C 816 -13.88 -18.48 -19.85
N MET C 817 -12.78 -18.41 -19.11
CA MET C 817 -12.38 -19.52 -18.24
C MET C 817 -13.21 -19.57 -16.97
N PHE C 818 -13.45 -18.42 -16.35
CA PHE C 818 -14.23 -18.32 -15.12
C PHE C 818 -15.51 -17.58 -15.45
N PRO C 819 -16.60 -18.26 -15.82
CA PRO C 819 -17.79 -17.55 -16.26
C PRO C 819 -18.48 -16.83 -15.11
N ALA C 820 -18.98 -15.62 -15.41
CA ALA C 820 -19.44 -14.72 -14.37
C ALA C 820 -20.76 -15.15 -13.77
N GLU C 821 -21.58 -15.87 -14.52
CA GLU C 821 -22.84 -16.35 -13.98
C GLU C 821 -22.69 -17.65 -13.20
N ASP C 822 -21.47 -18.16 -13.05
CA ASP C 822 -21.18 -19.28 -12.19
C ASP C 822 -20.58 -18.87 -10.87
N SER C 823 -20.13 -17.62 -10.74
CA SER C 823 -19.61 -17.14 -9.47
C SER C 823 -20.71 -16.79 -8.48
N TRP C 824 -21.98 -16.84 -8.89
CA TRP C 824 -23.07 -16.66 -7.94
C TRP C 824 -23.42 -17.94 -7.20
N LEU C 825 -22.93 -19.08 -7.66
CA LEU C 825 -23.40 -20.38 -7.23
C LEU C 825 -22.37 -21.16 -6.43
N LEU C 826 -21.37 -20.50 -5.91
CA LEU C 826 -20.28 -21.18 -5.24
C LEU C 826 -20.35 -20.95 -3.74
N PRO C 827 -19.82 -21.87 -2.94
CA PRO C 827 -19.71 -21.60 -1.50
C PRO C 827 -18.63 -20.56 -1.23
N TYR C 828 -18.93 -19.62 -0.34
CA TYR C 828 -18.01 -18.52 -0.11
C TYR C 828 -17.36 -18.58 1.26
N VAL C 829 -16.21 -17.95 1.36
CA VAL C 829 -15.47 -17.79 2.62
C VAL C 829 -15.99 -16.54 3.31
N PHE C 830 -16.68 -16.71 4.43
CA PHE C 830 -17.14 -15.59 5.23
C PHE C 830 -16.06 -15.22 6.23
N GLU C 831 -15.66 -13.94 6.23
CA GLU C 831 -14.66 -13.42 7.15
C GLU C 831 -15.24 -12.22 7.88
N ASP C 832 -15.16 -12.26 9.21
CA ASP C 832 -15.58 -11.21 10.13
C ASP C 832 -17.07 -10.85 10.03
N GLY C 833 -17.89 -11.72 9.43
CA GLY C 833 -19.32 -11.52 9.36
C GLY C 833 -19.87 -11.40 7.96
N GLN C 834 -19.07 -10.92 7.01
CA GLN C 834 -19.53 -10.75 5.64
C GLN C 834 -18.57 -11.42 4.67
N ARG C 835 -19.07 -11.74 3.47
CA ARG C 835 -18.40 -12.70 2.60
C ARG C 835 -17.19 -12.11 1.93
N ALA C 836 -16.18 -12.96 1.68
CA ALA C 836 -14.96 -12.46 1.08
C ALA C 836 -14.74 -13.00 -0.31
N GLU C 837 -14.57 -14.31 -0.45
CA GLU C 837 -14.24 -14.90 -1.74
C GLU C 837 -14.78 -16.32 -1.74
N PRO C 838 -14.80 -17.02 -2.88
CA PRO C 838 -15.26 -18.40 -2.87
C PRO C 838 -14.36 -19.33 -2.07
N GLU C 839 -14.94 -20.46 -1.67
CA GLU C 839 -14.13 -21.57 -1.17
C GLU C 839 -13.25 -22.11 -2.27
N TYR C 840 -13.74 -22.10 -3.50
CA TYR C 840 -13.03 -22.58 -4.67
C TYR C 840 -13.72 -22.05 -5.91
N TYR C 841 -12.93 -21.81 -6.96
CA TYR C 841 -13.45 -21.63 -8.30
C TYR C 841 -13.48 -22.97 -9.02
N VAL C 842 -14.39 -23.10 -9.98
CA VAL C 842 -14.40 -24.28 -10.83
C VAL C 842 -14.26 -23.84 -12.27
N PRO C 843 -13.06 -23.90 -12.84
CA PRO C 843 -12.85 -23.42 -14.21
C PRO C 843 -13.46 -24.38 -15.23
N VAL C 844 -13.49 -23.93 -16.48
CA VAL C 844 -14.02 -24.76 -17.56
C VAL C 844 -13.02 -25.86 -17.93
N LEU C 845 -11.73 -25.61 -17.76
CA LEU C 845 -10.69 -26.59 -17.98
C LEU C 845 -9.97 -26.91 -16.68
N PRO C 846 -9.39 -28.13 -16.52
CA PRO C 846 -8.72 -28.45 -15.25
C PRO C 846 -7.41 -27.72 -15.06
N LEU C 847 -7.51 -26.49 -14.55
CA LEU C 847 -6.37 -25.59 -14.48
C LEU C 847 -5.36 -25.97 -13.41
N ALA C 848 -5.66 -26.97 -12.58
CA ALA C 848 -4.72 -27.37 -11.54
C ALA C 848 -3.52 -28.12 -12.11
N ILE C 849 -3.68 -28.76 -13.26
CA ILE C 849 -2.65 -29.59 -13.87
C ILE C 849 -2.03 -28.91 -15.07
N MET C 850 -2.37 -27.66 -15.33
CA MET C 850 -1.97 -26.94 -16.53
C MET C 850 -0.84 -25.97 -16.29
N GLU C 851 -0.34 -25.85 -15.06
CA GLU C 851 0.77 -24.94 -14.78
C GLU C 851 1.87 -25.62 -13.99
N TYR C 852 2.87 -24.86 -13.57
CA TYR C 852 4.01 -25.37 -12.80
C TYR C 852 3.87 -24.98 -11.33
N GLY C 853 4.79 -25.49 -10.52
CA GLY C 853 4.77 -25.18 -9.11
C GLY C 853 5.66 -26.05 -8.26
N ALA C 854 6.29 -25.46 -7.23
CA ALA C 854 7.14 -26.20 -6.30
C ALA C 854 7.23 -25.41 -5.01
N ASN C 855 6.58 -25.90 -3.95
CA ASN C 855 6.59 -25.29 -2.63
C ASN C 855 6.84 -26.38 -1.60
N PRO C 856 7.44 -26.03 -0.46
CA PRO C 856 7.27 -26.89 0.71
C PRO C 856 6.03 -26.47 1.47
N SER C 857 5.73 -27.16 2.55
CA SER C 857 4.71 -26.77 3.51
C SER C 857 5.02 -27.50 4.80
N GLU C 858 4.02 -27.59 5.67
CA GLU C 858 4.13 -28.40 6.88
C GLU C 858 3.81 -29.83 6.53
N GLY C 859 4.77 -30.73 6.72
CA GLY C 859 4.51 -32.14 6.48
C GLY C 859 4.70 -32.58 5.05
N TRP C 860 4.09 -31.89 4.10
CA TRP C 860 4.05 -32.31 2.70
C TRP C 860 4.86 -31.38 1.80
N LYS C 861 4.87 -31.74 0.52
CA LYS C 861 5.56 -30.97 -0.54
C LYS C 861 4.65 -30.92 -1.77
N TYR C 862 4.65 -29.77 -2.46
CA TYR C 862 3.88 -29.56 -3.67
C TYR C 862 4.82 -29.37 -4.84
N THR C 863 4.64 -30.14 -5.90
CA THR C 863 5.44 -30.00 -7.13
C THR C 863 4.62 -30.52 -8.30
N THR C 864 4.43 -29.71 -9.32
CA THR C 864 3.74 -30.13 -10.53
C THR C 864 4.52 -29.72 -11.76
N TRP C 865 4.28 -30.46 -12.85
CA TRP C 865 4.78 -30.13 -14.18
C TRP C 865 3.59 -30.14 -15.12
N ALA C 866 3.47 -29.11 -15.95
CA ALA C 866 2.24 -28.88 -16.70
C ALA C 866 2.08 -29.88 -17.84
N ARG C 867 0.82 -30.12 -18.20
CA ARG C 867 0.44 -31.05 -19.26
C ARG C 867 0.25 -30.31 -20.57
N GLN C 868 0.16 -31.06 -21.66
CA GLN C 868 -0.15 -30.48 -22.96
C GLN C 868 -1.57 -29.91 -22.96
N LEU C 869 -1.79 -28.91 -23.81
CA LEU C 869 -3.13 -28.36 -23.93
C LEU C 869 -4.01 -29.26 -24.78
N GLU C 870 -3.45 -29.87 -25.82
CA GLU C 870 -4.23 -30.69 -26.71
C GLU C 870 -4.64 -32.02 -26.08
N ASP C 871 -3.81 -32.56 -25.19
CA ASP C 871 -4.20 -33.75 -24.44
C ASP C 871 -5.42 -33.49 -23.58
N ILE C 872 -5.44 -32.35 -22.90
CA ILE C 872 -6.53 -32.03 -22.00
C ILE C 872 -7.80 -31.71 -22.79
N LEU C 873 -7.65 -31.02 -23.93
CA LEU C 873 -8.81 -30.75 -24.77
C LEU C 873 -9.38 -32.02 -25.37
N ALA C 874 -8.51 -32.98 -25.73
CA ALA C 874 -8.96 -34.27 -26.22
C ALA C 874 -9.70 -35.05 -25.15
N LEU C 875 -9.20 -35.05 -23.91
CA LEU C 875 -9.86 -35.80 -22.84
C LEU C 875 -11.21 -35.20 -22.46
N VAL C 876 -11.29 -33.88 -22.35
CA VAL C 876 -12.56 -33.28 -21.94
C VAL C 876 -13.59 -33.39 -23.06
N ARG C 877 -13.17 -33.17 -24.31
CA ARG C 877 -14.09 -33.34 -25.44
C ARG C 877 -14.46 -34.79 -25.68
N ALA C 878 -13.64 -35.75 -25.26
CA ALA C 878 -14.04 -37.14 -25.32
C ALA C 878 -15.04 -37.48 -24.23
N TYR C 879 -14.93 -36.86 -23.07
CA TYR C 879 -15.89 -37.08 -22.00
C TYR C 879 -17.26 -36.51 -22.34
N VAL C 880 -17.30 -35.26 -22.81
CA VAL C 880 -18.54 -34.51 -22.92
C VAL C 880 -19.28 -34.81 -24.22
N ASP C 881 -18.59 -34.62 -25.34
CA ASP C 881 -19.24 -34.64 -26.65
C ASP C 881 -19.63 -36.05 -27.05
N LYS C 882 -20.88 -36.21 -27.50
CA LYS C 882 -21.47 -37.53 -27.59
C LYS C 882 -21.10 -38.28 -28.86
N ASP C 883 -20.71 -37.58 -29.93
CA ASP C 883 -20.37 -38.26 -31.16
C ASP C 883 -18.87 -38.28 -31.44
N ASN C 884 -18.05 -37.99 -30.44
CA ASN C 884 -16.65 -38.37 -30.53
C ASN C 884 -16.54 -39.88 -30.41
N PRO C 885 -15.62 -40.52 -31.15
CA PRO C 885 -15.53 -41.99 -31.10
C PRO C 885 -15.08 -42.53 -29.76
N LYS C 886 -14.35 -41.75 -28.98
CA LYS C 886 -13.85 -42.22 -27.69
C LYS C 886 -14.80 -41.83 -26.54
N HIS C 887 -16.09 -42.12 -26.70
CA HIS C 887 -17.07 -41.63 -25.74
C HIS C 887 -17.35 -42.64 -24.63
N GLU C 888 -17.86 -43.81 -24.99
CA GLU C 888 -18.21 -44.81 -23.98
C GLU C 888 -16.99 -45.54 -23.45
N LEU C 889 -15.93 -45.62 -24.27
CA LEU C 889 -14.71 -46.27 -23.84
C LEU C 889 -14.01 -45.45 -22.76
N LEU C 890 -14.09 -44.12 -22.85
CA LEU C 890 -13.53 -43.28 -21.80
C LEU C 890 -14.33 -43.40 -20.51
N HIS C 891 -15.65 -43.57 -20.61
CA HIS C 891 -16.45 -43.79 -19.40
C HIS C 891 -16.12 -45.13 -18.76
N TYR C 892 -15.84 -46.15 -19.58
CA TYR C 892 -15.35 -47.43 -19.06
C TYR C 892 -14.03 -47.25 -18.33
N ALA C 893 -13.10 -46.49 -18.92
CA ALA C 893 -11.81 -46.24 -18.29
C ALA C 893 -11.93 -45.38 -17.03
N ILE C 894 -12.96 -44.55 -16.92
CA ILE C 894 -13.19 -43.83 -15.67
C ILE C 894 -13.76 -44.76 -14.61
N LYS C 895 -14.59 -45.74 -15.01
CA LYS C 895 -15.09 -46.73 -14.06
C LYS C 895 -13.98 -47.64 -13.54
N HIS C 896 -12.98 -47.94 -14.37
CA HIS C 896 -11.95 -48.91 -13.97
C HIS C 896 -10.59 -48.29 -13.72
N LYS C 897 -10.45 -46.97 -13.88
CA LYS C 897 -9.23 -46.19 -13.61
C LYS C 897 -8.03 -46.69 -14.42
N ILE C 898 -8.23 -46.83 -15.73
CA ILE C 898 -7.17 -47.17 -16.67
C ILE C 898 -7.02 -46.02 -17.66
N THR C 899 -5.88 -45.97 -18.31
CA THR C 899 -5.49 -44.83 -19.15
C THR C 899 -5.55 -45.22 -20.62
N ILE C 900 -6.17 -44.36 -21.43
CA ILE C 900 -6.29 -44.63 -22.85
C ILE C 900 -5.65 -43.50 -23.64
N LEU C 901 -6.19 -42.31 -23.50
CA LEU C 901 -5.65 -41.17 -24.20
C LEU C 901 -4.42 -40.65 -23.44
N PRO C 902 -3.36 -40.32 -24.14
CA PRO C 902 -2.11 -39.96 -23.46
C PRO C 902 -2.16 -38.57 -22.88
N LEU C 903 -1.41 -38.37 -21.79
CA LEU C 903 -1.40 -37.11 -21.08
C LEU C 903 0.06 -36.71 -20.87
N ARG C 904 0.63 -36.06 -21.89
CA ARG C 904 2.06 -35.80 -21.96
C ARG C 904 2.42 -34.51 -21.23
N PRO C 905 3.68 -34.32 -20.87
CA PRO C 905 4.13 -33.01 -20.40
C PRO C 905 4.09 -31.97 -21.51
N SER C 906 4.06 -30.71 -21.08
CA SER C 906 3.97 -29.58 -22.00
C SER C 906 5.34 -29.22 -22.52
N ASN C 907 5.44 -29.04 -23.84
CA ASN C 907 6.68 -28.62 -24.48
C ASN C 907 6.61 -27.22 -25.05
N TYR C 908 5.53 -26.48 -24.80
CA TYR C 908 5.39 -25.14 -25.32
C TYR C 908 6.44 -24.22 -24.71
N ASN C 909 7.01 -23.36 -25.56
CA ASN C 909 8.00 -22.35 -25.20
C ASN C 909 9.27 -23.00 -24.64
N PHE C 910 9.57 -24.19 -25.15
CA PHE C 910 10.73 -25.00 -24.77
C PHE C 910 11.21 -25.70 -26.03
N LYS C 911 12.49 -25.57 -26.35
CA LYS C 911 13.01 -26.05 -27.63
C LYS C 911 13.79 -27.35 -27.51
N GLY C 912 14.03 -27.85 -26.31
CA GLY C 912 14.74 -29.10 -26.13
C GLY C 912 13.84 -30.30 -26.31
N HIS C 913 14.32 -31.45 -25.86
CA HIS C 913 13.60 -32.69 -26.06
C HIS C 913 13.45 -33.49 -24.78
N LEU C 914 12.37 -34.29 -24.76
CA LEU C 914 11.83 -34.97 -23.58
C LEU C 914 11.81 -36.46 -23.83
N LYS C 915 12.26 -37.23 -22.84
CA LYS C 915 12.34 -38.68 -23.00
C LYS C 915 11.80 -39.38 -21.76
N ARG C 916 11.18 -40.53 -21.96
CA ARG C 916 10.64 -41.33 -20.86
C ARG C 916 11.45 -42.60 -20.72
N PHE C 917 12.10 -42.76 -19.57
CA PHE C 917 12.99 -43.88 -19.28
C PHE C 917 12.49 -44.56 -18.01
N GLY C 918 11.54 -45.47 -18.15
CA GLY C 918 10.99 -46.17 -17.02
C GLY C 918 9.75 -45.50 -16.46
N GLN C 919 9.83 -45.01 -15.23
CA GLN C 919 8.70 -44.39 -14.57
C GLN C 919 8.89 -42.88 -14.38
N TYR C 920 9.75 -42.25 -15.19
CA TYR C 920 9.97 -40.82 -15.10
C TYR C 920 10.19 -40.23 -16.47
N TYR C 921 9.99 -38.92 -16.56
CA TYR C 921 10.36 -38.11 -17.72
C TYR C 921 11.65 -37.35 -17.41
N TYR C 922 12.43 -37.13 -18.46
CA TYR C 922 13.70 -36.45 -18.40
C TYR C 922 13.69 -35.38 -19.47
N SER C 923 14.22 -34.20 -19.15
CA SER C 923 14.30 -33.10 -20.10
C SER C 923 15.75 -32.76 -20.35
N TYR C 924 16.09 -32.58 -21.64
CA TYR C 924 17.46 -32.41 -22.10
C TYR C 924 17.67 -31.02 -22.69
N GLY C 925 18.91 -30.55 -22.59
CA GLY C 925 19.28 -29.27 -23.17
C GLY C 925 19.62 -29.39 -24.64
N THR C 926 20.48 -28.50 -25.11
CA THR C 926 20.95 -28.54 -26.50
C THR C 926 22.29 -27.84 -26.57
N TYR C 927 23.31 -28.55 -27.01
CA TYR C 927 24.64 -27.99 -27.23
C TYR C 927 24.95 -28.00 -28.72
N VAL C 928 26.16 -27.54 -29.06
CA VAL C 928 26.61 -27.53 -30.45
C VAL C 928 28.12 -27.64 -30.44
N ILE C 929 28.63 -28.85 -30.71
CA ILE C 929 30.05 -29.15 -30.58
C ILE C 929 30.81 -28.56 -31.77
N SER C 930 32.01 -28.04 -31.51
CA SER C 930 32.91 -27.59 -32.57
C SER C 930 34.35 -27.90 -32.18
N GLU C 931 35.05 -28.58 -33.10
CA GLU C 931 36.47 -28.87 -32.91
C GLU C 931 37.36 -27.93 -33.69
N GLN C 932 36.77 -27.03 -34.48
CA GLN C 932 37.56 -26.09 -35.25
C GLN C 932 38.14 -25.00 -34.35
N ARG C 933 37.43 -24.65 -33.29
CA ARG C 933 37.83 -23.58 -32.38
C ARG C 933 37.71 -24.01 -30.93
N ASN C 934 37.61 -25.32 -30.67
CA ASN C 934 37.30 -26.03 -29.42
C ASN C 934 36.30 -25.30 -28.51
N ILE C 935 35.16 -24.93 -29.09
CA ILE C 935 34.11 -24.19 -28.40
C ILE C 935 32.81 -24.96 -28.51
N ILE C 936 32.17 -25.22 -27.36
CA ILE C 936 30.81 -25.73 -27.32
C ILE C 936 29.88 -24.56 -27.11
N THR C 937 28.89 -24.42 -27.99
CA THR C 937 27.92 -23.34 -27.90
C THR C 937 26.63 -23.89 -27.32
N ILE C 938 26.38 -23.59 -26.05
CA ILE C 938 25.14 -24.00 -25.40
C ILE C 938 24.02 -23.12 -25.92
N THR C 939 22.92 -23.73 -26.35
CA THR C 939 21.81 -22.96 -26.88
C THR C 939 20.54 -23.09 -26.06
N GLU C 940 20.47 -24.00 -25.08
CA GLU C 940 19.27 -24.12 -24.27
C GLU C 940 19.61 -24.88 -22.99
N LEU C 941 18.92 -24.52 -21.92
CA LEU C 941 18.91 -25.17 -20.62
C LEU C 941 17.67 -26.02 -20.46
N PRO C 942 17.68 -27.03 -19.55
CA PRO C 942 16.44 -27.79 -19.26
C PRO C 942 15.32 -26.98 -18.63
N LEU C 943 14.16 -27.60 -18.39
CA LEU C 943 12.97 -26.89 -17.95
C LEU C 943 13.14 -26.23 -16.59
N ARG C 944 12.76 -24.95 -16.53
CA ARG C 944 12.77 -24.12 -15.32
C ARG C 944 14.16 -24.05 -14.68
N VAL C 945 15.17 -23.81 -15.51
CA VAL C 945 16.54 -23.65 -15.06
C VAL C 945 16.95 -22.19 -15.31
N PRO C 946 17.20 -21.40 -14.27
CA PRO C 946 17.73 -20.05 -14.47
C PRO C 946 19.14 -20.08 -15.02
N THR C 947 19.54 -18.97 -15.63
CA THR C 947 20.77 -18.96 -16.40
C THR C 947 21.99 -18.68 -15.52
N VAL C 948 21.90 -17.68 -14.65
CA VAL C 948 23.08 -17.31 -13.86
C VAL C 948 23.36 -18.31 -12.77
N ALA C 949 22.32 -19.00 -12.27
CA ALA C 949 22.52 -20.07 -11.30
C ALA C 949 23.20 -21.27 -11.96
N TYR C 950 22.81 -21.57 -13.21
CA TYR C 950 23.49 -22.61 -13.98
C TYR C 950 24.94 -22.26 -14.24
N ILE C 951 25.22 -20.99 -14.56
CA ILE C 951 26.59 -20.61 -14.87
C ILE C 951 27.46 -20.64 -13.62
N GLU C 952 26.93 -20.19 -12.48
CA GLU C 952 27.74 -20.27 -11.26
C GLU C 952 27.90 -21.72 -10.77
N SER C 953 26.91 -22.59 -11.05
CA SER C 953 27.07 -23.99 -10.69
C SER C 953 28.09 -24.67 -11.58
N ILE C 954 28.16 -24.29 -12.85
CA ILE C 954 29.17 -24.87 -13.72
C ILE C 954 30.54 -24.25 -13.46
N LYS C 955 30.59 -23.11 -12.76
CA LYS C 955 31.85 -22.51 -12.37
C LYS C 955 32.40 -23.03 -11.04
N LYS C 956 31.55 -23.44 -10.10
CA LYS C 956 32.09 -23.86 -8.81
C LYS C 956 32.75 -25.24 -8.83
N SER C 957 32.25 -26.16 -9.66
CA SER C 957 32.69 -27.56 -9.65
C SER C 957 34.11 -27.67 -10.19
N SER C 958 35.05 -28.03 -9.31
CA SER C 958 36.47 -28.01 -9.65
C SER C 958 36.87 -29.10 -10.64
N ASN C 959 36.09 -30.18 -10.74
CA ASN C 959 36.41 -31.24 -11.68
C ASN C 959 36.10 -30.80 -13.11
N ARG C 960 35.14 -29.91 -13.28
CA ARG C 960 34.78 -29.40 -14.60
C ARG C 960 35.59 -28.18 -15.00
N MET C 961 36.12 -27.43 -14.04
CA MET C 961 36.88 -26.24 -14.34
C MET C 961 38.25 -26.53 -14.94
N THR C 962 38.73 -27.76 -14.84
CA THR C 962 40.06 -28.09 -15.34
C THR C 962 40.12 -28.21 -16.85
N PHE C 963 38.99 -28.10 -17.54
CA PHE C 963 38.96 -28.23 -18.99
C PHE C 963 38.56 -26.95 -19.71
N ILE C 964 38.17 -25.90 -19.00
CA ILE C 964 37.69 -24.67 -19.62
C ILE C 964 38.64 -23.53 -19.30
N GLU C 965 38.81 -22.65 -20.28
CA GLU C 965 39.52 -21.39 -20.17
C GLU C 965 38.61 -20.28 -19.70
N GLU C 966 37.53 -20.04 -20.43
CA GLU C 966 36.64 -18.91 -20.17
C GLU C 966 35.23 -19.29 -20.57
N ILE C 967 34.26 -18.80 -19.81
CA ILE C 967 32.85 -19.10 -19.98
C ILE C 967 32.10 -17.78 -20.07
N ILE C 968 31.51 -17.50 -21.24
CA ILE C 968 30.99 -16.19 -21.59
C ILE C 968 29.52 -16.33 -21.96
N ASP C 969 28.72 -15.34 -21.56
CA ASP C 969 27.30 -15.29 -21.89
C ASP C 969 27.05 -14.31 -23.04
N TYR C 970 26.17 -14.69 -23.96
CA TYR C 970 25.74 -13.81 -25.04
C TYR C 970 24.23 -13.90 -25.24
N SER C 971 23.50 -14.27 -24.20
CA SER C 971 22.10 -14.59 -24.36
C SER C 971 21.26 -13.34 -24.48
N SER C 972 20.15 -13.46 -25.20
CA SER C 972 19.17 -12.38 -25.27
C SER C 972 18.27 -12.46 -24.04
N SER C 973 17.24 -11.64 -24.00
CA SER C 973 16.38 -11.61 -22.83
C SER C 973 15.36 -12.76 -22.82
N GLU C 974 15.26 -13.52 -23.91
CA GLU C 974 14.32 -14.64 -23.97
C GLU C 974 14.89 -15.88 -24.64
N THR C 975 16.19 -15.94 -24.92
CA THR C 975 16.75 -17.07 -25.66
C THR C 975 18.16 -17.31 -25.14
N ILE C 976 18.48 -18.56 -24.84
CA ILE C 976 19.77 -18.89 -24.23
C ILE C 976 20.83 -18.98 -25.31
N GLU C 977 22.00 -18.40 -25.04
CA GLU C 977 23.19 -18.65 -25.86
C GLU C 977 24.40 -18.49 -24.97
N ILE C 978 24.89 -19.59 -24.45
CA ILE C 978 26.07 -19.59 -23.59
C ILE C 978 27.23 -20.08 -24.43
N LEU C 979 28.42 -19.55 -24.17
CA LEU C 979 29.61 -19.92 -24.93
C LEU C 979 30.71 -20.30 -23.96
N VAL C 980 31.19 -21.54 -24.08
CA VAL C 980 32.32 -22.00 -23.30
C VAL C 980 33.55 -21.94 -24.18
N LYS C 981 34.72 -22.03 -23.54
CA LYS C 981 35.98 -22.13 -24.25
C LYS C 981 36.82 -23.20 -23.59
N LEU C 982 37.32 -24.15 -24.37
CA LEU C 982 38.05 -25.26 -23.79
C LEU C 982 39.55 -24.99 -23.79
N LYS C 983 40.24 -25.63 -22.86
CA LYS C 983 41.69 -25.65 -22.90
C LYS C 983 42.16 -26.45 -24.12
N PRO C 984 43.32 -26.12 -24.70
CA PRO C 984 43.70 -26.72 -25.98
C PRO C 984 43.96 -28.22 -25.90
N ASN C 985 43.38 -28.93 -26.87
CA ASN C 985 43.37 -30.40 -26.97
C ASN C 985 42.81 -31.03 -25.70
N SER C 986 41.52 -30.76 -25.44
CA SER C 986 40.85 -31.30 -24.27
C SER C 986 39.47 -31.86 -24.59
N LEU C 987 39.11 -31.99 -25.87
CA LEU C 987 37.87 -32.67 -26.21
C LEU C 987 38.00 -34.17 -25.97
N ASN C 988 39.20 -34.71 -26.12
CA ASN C 988 39.40 -36.14 -26.03
C ASN C 988 39.32 -36.64 -24.60
N ARG C 989 39.86 -35.88 -23.65
CA ARG C 989 39.93 -36.30 -22.25
C ARG C 989 38.60 -36.23 -21.52
N ILE C 990 37.56 -35.66 -22.14
CA ILE C 990 36.25 -35.60 -21.50
C ILE C 990 35.58 -36.97 -21.54
N VAL C 991 35.75 -37.71 -22.63
CA VAL C 991 34.99 -38.93 -22.88
C VAL C 991 35.40 -40.06 -21.95
N GLU C 992 36.68 -40.17 -21.62
CA GLU C 992 37.09 -41.18 -20.65
C GLU C 992 36.72 -40.76 -19.22
N GLU C 993 36.70 -39.46 -18.96
CA GLU C 993 36.35 -38.99 -17.61
C GLU C 993 34.86 -39.07 -17.37
N PHE C 994 34.06 -38.53 -18.28
CA PHE C 994 32.61 -38.49 -18.14
C PHE C 994 32.03 -39.51 -19.11
N LYS C 995 31.66 -40.68 -18.59
CA LYS C 995 31.27 -41.81 -19.42
C LYS C 995 29.85 -41.61 -19.94
N GLU C 996 29.64 -42.07 -21.17
CA GLU C 996 28.34 -41.94 -21.84
C GLU C 996 27.49 -43.16 -21.55
N THR C 997 26.41 -42.96 -20.80
CA THR C 997 25.40 -43.99 -20.65
C THR C 997 24.44 -43.90 -21.82
N GLU C 998 23.44 -44.78 -21.83
CA GLU C 998 22.43 -44.71 -22.88
C GLU C 998 21.46 -43.56 -22.63
N GLU C 999 21.30 -43.16 -21.38
CA GLU C 999 20.32 -42.15 -21.01
C GLU C 999 20.82 -40.73 -21.21
N GLN C 1000 22.13 -40.52 -21.22
CA GLN C 1000 22.65 -39.17 -21.42
C GLN C 1000 24.02 -39.26 -22.08
N ASP C 1001 24.38 -38.18 -22.78
CA ASP C 1001 25.62 -38.10 -23.52
C ASP C 1001 26.77 -37.72 -22.58
N SER C 1002 27.99 -37.80 -23.10
CA SER C 1002 29.13 -37.38 -22.29
C SER C 1002 29.18 -35.87 -22.12
N ILE C 1003 28.73 -35.11 -23.11
CA ILE C 1003 28.68 -33.66 -22.98
C ILE C 1003 27.55 -33.26 -22.03
N GLU C 1004 26.41 -33.93 -22.13
CA GLU C 1004 25.30 -33.64 -21.23
C GLU C 1004 25.56 -34.13 -19.82
N ASN C 1005 26.45 -35.11 -19.65
CA ASN C 1005 26.98 -35.41 -18.33
C ASN C 1005 27.97 -34.33 -17.91
N PHE C 1006 28.72 -33.79 -18.85
CA PHE C 1006 29.74 -32.79 -18.55
C PHE C 1006 29.12 -31.44 -18.21
N LEU C 1007 28.11 -31.03 -18.98
CA LEU C 1007 27.60 -29.66 -18.89
C LEU C 1007 26.27 -29.55 -18.16
N ARG C 1008 25.89 -30.57 -17.39
CA ARG C 1008 24.71 -30.54 -16.51
C ARG C 1008 23.42 -30.28 -17.28
N LEU C 1009 23.21 -31.04 -18.36
CA LEU C 1009 22.18 -30.70 -19.33
C LEU C 1009 21.01 -31.68 -19.38
N ARG C 1010 20.61 -32.25 -18.24
CA ARG C 1010 19.32 -32.92 -18.17
C ARG C 1010 18.81 -32.85 -16.74
N ASN C 1011 17.50 -32.96 -16.59
CA ASN C 1011 16.92 -33.12 -15.26
C ASN C 1011 15.69 -34.01 -15.29
N CYS C 1012 15.33 -34.52 -14.12
CA CYS C 1012 14.19 -35.42 -13.96
C CYS C 1012 12.96 -34.63 -13.56
N LEU C 1013 11.81 -35.05 -14.07
CA LEU C 1013 10.56 -34.37 -13.76
C LEU C 1013 9.86 -35.22 -12.70
N HIS C 1014 10.09 -34.88 -11.44
CA HIS C 1014 9.68 -35.69 -10.31
C HIS C 1014 8.58 -34.95 -9.56
N SER C 1015 7.39 -35.52 -9.51
CA SER C 1015 6.19 -34.82 -9.09
C SER C 1015 5.79 -35.20 -7.67
N HIS C 1016 5.12 -34.27 -6.99
CA HIS C 1016 4.57 -34.49 -5.65
C HIS C 1016 3.15 -33.92 -5.69
N LEU C 1017 2.19 -34.75 -6.07
CA LEU C 1017 0.83 -34.28 -6.35
C LEU C 1017 0.01 -34.29 -5.06
N ASN C 1018 0.32 -33.35 -4.17
CA ASN C 1018 -0.31 -33.25 -2.86
C ASN C 1018 -1.10 -31.95 -2.81
N PHE C 1019 -2.42 -32.05 -2.83
CA PHE C 1019 -3.31 -30.89 -2.91
C PHE C 1019 -4.14 -30.79 -1.64
N VAL C 1020 -4.94 -29.73 -1.55
CA VAL C 1020 -6.00 -29.67 -0.55
C VAL C 1020 -7.32 -29.84 -1.27
N LYS C 1021 -8.32 -30.31 -0.54
CA LYS C 1021 -9.61 -30.63 -1.06
C LYS C 1021 -10.65 -29.66 -0.53
N PRO C 1022 -11.85 -29.63 -1.10
CA PRO C 1022 -12.95 -28.91 -0.45
C PRO C 1022 -13.27 -29.46 0.93
N LYS C 1023 -13.75 -28.56 1.79
CA LYS C 1023 -13.89 -28.74 3.24
C LYS C 1023 -12.56 -29.04 3.93
N GLY C 1024 -11.46 -28.60 3.34
CA GLY C 1024 -10.18 -28.61 4.00
C GLY C 1024 -9.55 -29.98 4.10
N GLY C 1025 -8.27 -29.98 4.43
CA GLY C 1025 -7.53 -31.21 4.60
C GLY C 1025 -6.79 -31.62 3.34
N ILE C 1026 -5.76 -32.42 3.54
CA ILE C 1026 -4.89 -32.82 2.45
C ILE C 1026 -5.58 -33.89 1.61
N ILE C 1027 -5.16 -34.01 0.36
CA ILE C 1027 -5.50 -35.12 -0.51
C ILE C 1027 -4.26 -35.39 -1.35
N GLU C 1028 -4.02 -36.64 -1.69
CA GLU C 1028 -2.78 -37.01 -2.35
C GLU C 1028 -3.05 -38.02 -3.45
N PHE C 1029 -2.72 -37.62 -4.67
CA PHE C 1029 -3.00 -38.36 -5.88
C PHE C 1029 -1.74 -39.10 -6.30
N ASN C 1030 -1.91 -40.05 -7.21
CA ASN C 1030 -0.80 -40.81 -7.75
C ASN C 1030 -0.53 -40.56 -9.22
N THR C 1031 -1.46 -39.93 -9.93
CA THR C 1031 -1.28 -39.61 -11.34
C THR C 1031 -2.19 -38.45 -11.68
N TYR C 1032 -1.94 -37.83 -12.83
CA TYR C 1032 -2.72 -36.66 -13.25
C TYR C 1032 -4.13 -37.04 -13.70
N TYR C 1033 -4.31 -38.30 -14.12
CA TYR C 1033 -5.62 -38.80 -14.49
C TYR C 1033 -6.56 -38.79 -13.30
N GLU C 1034 -6.05 -39.07 -12.11
CA GLU C 1034 -6.87 -39.05 -10.91
C GLU C 1034 -7.37 -37.64 -10.61
N ILE C 1035 -6.54 -36.63 -10.89
CA ILE C 1035 -6.94 -35.25 -10.66
C ILE C 1035 -8.01 -34.84 -11.65
N LEU C 1036 -7.87 -35.24 -12.91
CA LEU C 1036 -8.89 -34.94 -13.91
C LEU C 1036 -10.22 -35.62 -13.61
N TYR C 1037 -10.16 -36.89 -13.18
CA TYR C 1037 -11.37 -37.64 -12.89
C TYR C 1037 -12.04 -37.16 -11.62
N ALA C 1038 -11.27 -36.59 -10.70
CA ALA C 1038 -11.86 -35.94 -9.54
C ALA C 1038 -12.42 -34.57 -9.87
N TRP C 1039 -11.92 -33.93 -10.92
CA TRP C 1039 -12.39 -32.59 -11.25
C TRP C 1039 -13.71 -32.58 -12.02
N LEU C 1040 -13.89 -33.49 -12.98
CA LEU C 1040 -15.06 -33.45 -13.88
C LEU C 1040 -16.48 -33.37 -13.26
N PRO C 1041 -16.84 -34.11 -12.20
CA PRO C 1041 -18.24 -34.03 -11.73
C PRO C 1041 -18.65 -32.68 -11.13
N TYR C 1042 -17.70 -31.91 -10.58
CA TYR C 1042 -18.04 -30.59 -10.04
C TYR C 1042 -18.54 -29.65 -11.13
N ARG C 1043 -17.86 -29.65 -12.28
CA ARG C 1043 -18.31 -28.82 -13.40
C ARG C 1043 -19.64 -29.32 -13.95
N ARG C 1044 -19.83 -30.66 -13.94
CA ARG C 1044 -21.12 -31.23 -14.36
C ARG C 1044 -22.29 -30.71 -13.52
N GLU C 1045 -22.20 -30.86 -12.18
CA GLU C 1045 -23.29 -30.41 -11.34
C GLU C 1045 -23.44 -28.89 -11.31
N LEU C 1046 -22.37 -28.14 -11.57
CA LEU C 1046 -22.51 -26.69 -11.60
C LEU C 1046 -23.28 -26.22 -12.83
N TYR C 1047 -23.11 -26.92 -13.98
CA TYR C 1047 -23.98 -26.64 -15.13
C TYR C 1047 -25.44 -26.95 -14.82
N GLN C 1048 -25.69 -28.06 -14.13
CA GLN C 1048 -27.09 -28.39 -13.81
C GLN C 1048 -27.71 -27.34 -12.88
N LYS C 1049 -26.91 -26.83 -11.94
CA LYS C 1049 -27.40 -25.79 -11.03
C LYS C 1049 -27.71 -24.48 -11.75
N ARG C 1050 -26.81 -24.04 -12.65
CA ARG C 1050 -27.06 -22.77 -13.32
C ARG C 1050 -28.25 -22.85 -14.27
N LEU C 1051 -28.49 -24.01 -14.88
CA LEU C 1051 -29.64 -24.11 -15.78
C LEU C 1051 -30.96 -24.13 -15.00
N MET C 1052 -30.99 -24.80 -13.85
CA MET C 1052 -32.23 -24.81 -13.06
C MET C 1052 -32.53 -23.44 -12.46
N ARG C 1053 -31.49 -22.74 -11.99
CA ARG C 1053 -31.67 -21.37 -11.49
C ARG C 1053 -32.17 -20.43 -12.58
N GLU C 1054 -31.61 -20.53 -13.78
CA GLU C 1054 -32.05 -19.69 -14.90
C GLU C 1054 -33.51 -19.98 -15.26
N HIS C 1055 -33.91 -21.26 -15.18
CA HIS C 1055 -35.29 -21.64 -15.48
C HIS C 1055 -36.28 -20.99 -14.52
N ALA C 1056 -35.96 -21.01 -13.21
CA ALA C 1056 -36.82 -20.38 -12.21
C ALA C 1056 -36.89 -18.86 -12.41
N VAL C 1057 -35.75 -18.21 -12.67
CA VAL C 1057 -35.72 -16.76 -12.84
C VAL C 1057 -36.50 -16.35 -14.08
N LEU C 1058 -36.42 -17.14 -15.16
CA LEU C 1058 -37.12 -16.77 -16.38
C LEU C 1058 -38.64 -16.87 -16.24
N LYS C 1059 -39.12 -17.93 -15.57
CA LYS C 1059 -40.56 -17.99 -15.29
C LYS C 1059 -41.02 -16.81 -14.46
N LEU C 1060 -40.22 -16.43 -13.46
CA LEU C 1060 -40.64 -15.35 -12.58
C LEU C 1060 -40.58 -13.98 -13.27
N ARG C 1061 -39.67 -13.80 -14.23
CA ARG C 1061 -39.61 -12.53 -14.96
C ARG C 1061 -40.70 -12.40 -16.02
N ILE C 1062 -41.09 -13.51 -16.66
CA ILE C 1062 -42.29 -13.50 -17.50
C ILE C 1062 -43.51 -13.06 -16.70
N ILE C 1063 -43.65 -13.64 -15.50
CA ILE C 1063 -44.75 -13.27 -14.60
C ILE C 1063 -44.70 -11.79 -14.23
N MET C 1064 -43.49 -11.24 -14.04
CA MET C 1064 -43.40 -9.83 -13.66
C MET C 1064 -43.78 -8.91 -14.81
N GLU C 1065 -43.18 -9.09 -15.99
CA GLU C 1065 -43.41 -8.10 -17.05
C GLU C 1065 -44.77 -8.23 -17.73
N THR C 1066 -45.40 -9.42 -17.70
CA THR C 1066 -46.77 -9.49 -18.19
C THR C 1066 -47.79 -9.20 -17.09
N ALA C 1067 -47.49 -8.15 -16.32
CA ALA C 1067 -48.44 -7.32 -15.59
C ALA C 1067 -48.10 -5.85 -15.72
N ILE C 1068 -46.83 -5.51 -15.94
CA ILE C 1068 -46.43 -4.16 -16.35
C ILE C 1068 -47.12 -3.80 -17.66
N VAL C 1069 -47.24 -4.77 -18.58
CA VAL C 1069 -47.89 -4.51 -19.86
C VAL C 1069 -49.36 -4.15 -19.67
N ARG C 1070 -50.07 -4.89 -18.82
CA ARG C 1070 -51.49 -4.58 -18.65
C ARG C 1070 -51.72 -3.36 -17.77
N TYR C 1071 -50.78 -3.00 -16.90
CA TYR C 1071 -50.91 -1.72 -16.19
C TYR C 1071 -50.71 -0.54 -17.14
N ILE C 1072 -49.78 -0.67 -18.10
CA ILE C 1072 -49.62 0.36 -19.11
C ILE C 1072 -50.87 0.46 -19.97
N ASN C 1073 -51.49 -0.68 -20.28
CA ASN C 1073 -52.72 -0.64 -21.05
C ASN C 1073 -53.93 -0.13 -20.27
N GLU C 1074 -53.93 -0.24 -18.94
CA GLU C 1074 -55.11 0.13 -18.16
C GLU C 1074 -54.90 1.30 -17.21
N SER C 1075 -53.80 2.05 -17.35
CA SER C 1075 -53.55 3.18 -16.46
C SER C 1075 -54.54 4.33 -16.67
N ALA C 1076 -55.07 4.49 -17.88
CA ALA C 1076 -56.05 5.54 -18.11
C ALA C 1076 -57.39 5.20 -17.47
N GLU C 1077 -57.81 3.95 -17.59
CA GLU C 1077 -59.04 3.50 -16.92
C GLU C 1077 -58.86 3.40 -15.41
N LEU C 1078 -57.63 3.27 -14.93
CA LEU C 1078 -57.42 3.04 -13.50
C LEU C 1078 -57.33 4.32 -12.70
N ASN C 1079 -56.77 5.38 -13.28
CA ASN C 1079 -56.70 6.74 -12.72
C ASN C 1079 -55.96 6.75 -11.38
N LEU C 1080 -54.67 6.48 -11.46
CA LEU C 1080 -53.82 6.32 -10.28
C LEU C 1080 -53.64 7.63 -9.51
N SER C 1081 -53.80 8.78 -10.15
CA SER C 1081 -53.61 10.06 -9.48
C SER C 1081 -54.70 10.37 -8.46
N HIS C 1082 -55.86 9.71 -8.56
CA HIS C 1082 -56.99 9.98 -7.70
C HIS C 1082 -56.77 9.51 -6.26
N TYR C 1083 -55.82 8.62 -6.02
CA TYR C 1083 -55.70 7.91 -4.76
C TYR C 1083 -54.72 8.62 -3.83
N GLU C 1084 -54.77 8.24 -2.55
CA GLU C 1084 -54.21 9.06 -1.50
C GLU C 1084 -52.74 8.75 -1.23
N ASP C 1085 -52.42 7.50 -0.89
CA ASP C 1085 -51.02 7.13 -0.67
C ASP C 1085 -50.81 5.70 -1.16
N GLU C 1086 -49.69 5.11 -0.76
CA GLU C 1086 -49.30 3.77 -1.21
C GLU C 1086 -50.22 2.69 -0.67
N LYS C 1087 -50.85 2.94 0.48
CA LYS C 1087 -51.77 1.98 1.06
C LYS C 1087 -53.02 1.80 0.20
N GLU C 1088 -53.70 2.91 -0.12
CA GLU C 1088 -54.88 2.84 -0.95
C GLU C 1088 -54.55 2.44 -2.37
N ALA C 1089 -53.37 2.81 -2.87
CA ALA C 1089 -52.97 2.39 -4.21
C ALA C 1089 -52.70 0.89 -4.27
N SER C 1090 -52.04 0.34 -3.25
CA SER C 1090 -51.81 -1.09 -3.20
C SER C 1090 -53.11 -1.86 -3.02
N ARG C 1091 -54.05 -1.28 -2.27
CA ARG C 1091 -55.36 -1.90 -2.10
C ARG C 1091 -56.15 -1.91 -3.41
N ILE C 1092 -56.14 -0.80 -4.15
CA ILE C 1092 -56.88 -0.74 -5.41
C ILE C 1092 -56.16 -1.48 -6.52
N LEU C 1093 -54.88 -1.79 -6.35
CA LEU C 1093 -54.18 -2.66 -7.29
C LEU C 1093 -54.30 -4.12 -6.94
N SER C 1094 -54.62 -4.45 -5.68
CA SER C 1094 -54.85 -5.84 -5.31
C SER C 1094 -56.22 -6.33 -5.74
N GLU C 1095 -57.15 -5.42 -6.03
CA GLU C 1095 -58.51 -5.79 -6.37
C GLU C 1095 -58.70 -6.07 -7.86
N HIS C 1096 -57.79 -5.60 -8.70
CA HIS C 1096 -57.92 -5.75 -10.14
C HIS C 1096 -57.04 -6.85 -10.71
N GLY C 1097 -56.60 -7.77 -9.85
CA GLY C 1097 -55.89 -8.94 -10.34
C GLY C 1097 -54.43 -8.71 -10.68
N PHE C 1098 -53.74 -7.92 -9.89
CA PHE C 1098 -52.31 -7.76 -10.10
C PHE C 1098 -51.56 -8.60 -9.08
N PRO C 1099 -50.57 -9.39 -9.49
CA PRO C 1099 -49.89 -10.27 -8.55
C PRO C 1099 -48.92 -9.51 -7.68
N PRO C 1100 -48.91 -9.77 -6.37
CA PRO C 1100 -47.85 -9.21 -5.52
C PRO C 1100 -46.52 -9.90 -5.80
N LEU C 1101 -45.48 -9.12 -5.96
CA LEU C 1101 -44.18 -9.61 -6.38
C LEU C 1101 -43.10 -8.99 -5.51
N ASN C 1102 -41.93 -9.60 -5.56
CA ASN C 1102 -40.75 -9.10 -4.87
C ASN C 1102 -39.79 -8.60 -5.95
N HIS C 1103 -39.76 -7.27 -6.14
CA HIS C 1103 -39.08 -6.68 -7.28
C HIS C 1103 -37.56 -6.80 -7.19
N THR C 1104 -37.02 -6.70 -5.97
CA THR C 1104 -35.57 -6.74 -5.79
C THR C 1104 -35.00 -8.12 -6.08
N LEU C 1105 -35.67 -9.18 -5.60
CA LEU C 1105 -35.22 -10.53 -5.86
C LEU C 1105 -35.38 -10.94 -7.32
N ILE C 1106 -36.29 -10.30 -8.06
CA ILE C 1106 -36.46 -10.65 -9.47
C ILE C 1106 -35.43 -9.93 -10.32
N ILE C 1107 -35.18 -8.64 -10.04
CA ILE C 1107 -34.22 -7.89 -10.84
C ILE C 1107 -32.79 -8.34 -10.53
N SER C 1108 -32.46 -8.45 -9.25
CA SER C 1108 -31.13 -8.87 -8.82
C SER C 1108 -31.23 -10.08 -7.89
N PRO C 1109 -31.31 -11.29 -8.44
CA PRO C 1109 -31.16 -12.47 -7.58
C PRO C 1109 -29.71 -12.82 -7.31
N GLU C 1110 -29.04 -12.07 -6.43
CA GLU C 1110 -27.59 -12.13 -6.21
C GLU C 1110 -27.07 -13.53 -5.91
N PHE C 1111 -27.38 -14.07 -4.74
CA PHE C 1111 -26.87 -15.37 -4.32
C PHE C 1111 -27.97 -16.29 -3.85
N ALA C 1112 -29.21 -15.99 -4.24
CA ALA C 1112 -30.36 -16.69 -3.71
C ALA C 1112 -30.45 -18.08 -4.31
N SER C 1113 -30.50 -19.08 -3.44
CA SER C 1113 -30.77 -20.44 -3.88
C SER C 1113 -32.22 -20.56 -4.33
N ILE C 1114 -32.52 -21.66 -5.02
CA ILE C 1114 -33.78 -21.77 -5.74
C ILE C 1114 -34.95 -21.92 -4.78
N GLU C 1115 -34.72 -22.48 -3.59
CA GLU C 1115 -35.78 -22.52 -2.58
C GLU C 1115 -35.99 -21.15 -1.96
N GLU C 1116 -34.90 -20.39 -1.76
CA GLU C 1116 -35.01 -19.00 -1.36
C GLU C 1116 -35.65 -18.16 -2.45
N LEU C 1117 -35.44 -18.52 -3.71
CA LEU C 1117 -35.94 -17.70 -4.79
C LEU C 1117 -37.41 -17.95 -5.07
N ASN C 1118 -37.94 -19.14 -4.83
CA ASN C 1118 -39.37 -19.33 -4.96
C ASN C 1118 -40.10 -19.29 -3.62
N GLN C 1119 -39.38 -19.03 -2.52
CA GLN C 1119 -39.98 -18.96 -1.20
C GLN C 1119 -40.29 -17.55 -0.75
N LYS C 1120 -39.49 -16.56 -1.17
CA LYS C 1120 -39.76 -15.17 -0.81
C LYS C 1120 -40.06 -14.29 -2.04
N ALA C 1121 -40.48 -14.90 -3.15
CA ALA C 1121 -40.79 -14.13 -4.35
C ALA C 1121 -42.22 -13.62 -4.37
N LEU C 1122 -43.18 -14.46 -3.97
CA LEU C 1122 -44.59 -14.11 -3.99
C LEU C 1122 -45.04 -13.44 -2.70
N GLN C 1123 -44.12 -12.86 -1.95
CA GLN C 1123 -44.36 -12.33 -0.62
C GLN C 1123 -43.91 -10.88 -0.56
N GLY C 1124 -44.27 -10.10 -1.56
CA GLY C 1124 -43.86 -8.71 -1.62
C GLY C 1124 -45.00 -7.71 -1.69
N CYS C 1125 -44.88 -6.75 -2.59
CA CYS C 1125 -45.84 -5.67 -2.71
C CYS C 1125 -45.85 -5.21 -4.17
N TYR C 1126 -46.40 -4.03 -4.41
CA TYR C 1126 -46.58 -3.50 -5.76
C TYR C 1126 -45.53 -2.44 -6.12
N THR C 1127 -44.31 -2.62 -5.64
CA THR C 1127 -43.24 -1.67 -5.92
C THR C 1127 -42.72 -1.82 -7.35
N TYR C 1128 -42.95 -2.97 -7.98
CA TYR C 1128 -42.56 -3.19 -9.37
C TYR C 1128 -43.35 -2.30 -10.32
N ILE C 1129 -44.58 -1.97 -9.94
CA ILE C 1129 -45.51 -1.27 -10.81
C ILE C 1129 -45.58 0.21 -10.46
N LEU C 1130 -45.04 0.60 -9.31
CA LEU C 1130 -45.22 1.93 -8.75
C LEU C 1130 -44.01 2.81 -8.98
N SER C 1131 -42.86 2.22 -9.28
CA SER C 1131 -41.69 2.96 -9.71
C SER C 1131 -41.55 3.00 -11.23
N LEU C 1132 -42.64 2.79 -11.95
CA LEU C 1132 -42.63 3.01 -13.40
C LEU C 1132 -42.53 4.49 -13.70
N GLN C 1133 -41.59 4.84 -14.57
CA GLN C 1133 -41.48 6.22 -15.01
C GLN C 1133 -42.53 6.51 -16.08
N ALA C 1134 -42.87 7.79 -16.22
CA ALA C 1134 -43.77 8.19 -17.29
C ALA C 1134 -43.08 8.18 -18.66
N ARG C 1135 -41.77 7.98 -18.69
CA ARG C 1135 -41.04 7.77 -19.94
C ARG C 1135 -41.52 6.50 -20.64
N GLU C 1136 -41.87 5.48 -19.88
CA GLU C 1136 -42.11 4.15 -20.42
C GLU C 1136 -43.60 3.81 -20.52
N LEU C 1137 -44.47 4.81 -20.45
CA LEU C 1137 -45.89 4.64 -20.77
C LEU C 1137 -46.19 4.92 -22.23
N LEU C 1138 -45.17 4.94 -23.07
CA LEU C 1138 -45.31 5.29 -24.48
C LEU C 1138 -45.34 4.02 -25.32
N ILE C 1139 -45.74 4.17 -26.58
CA ILE C 1139 -46.11 3.02 -27.39
C ILE C 1139 -44.88 2.24 -27.88
N ALA C 1140 -43.79 2.96 -28.18
CA ALA C 1140 -42.53 2.29 -28.52
C ALA C 1140 -42.00 1.48 -27.34
N ALA C 1141 -42.23 1.95 -26.11
CA ALA C 1141 -41.87 1.18 -24.93
C ALA C 1141 -42.74 -0.08 -24.80
N LYS C 1142 -44.01 0.01 -25.21
CA LYS C 1142 -44.87 -1.17 -25.22
C LYS C 1142 -44.36 -2.21 -26.21
N THR C 1143 -44.00 -1.77 -27.42
CA THR C 1143 -43.45 -2.69 -28.42
C THR C 1143 -42.16 -3.33 -27.92
N ARG C 1144 -41.32 -2.54 -27.25
CA ARG C 1144 -40.05 -3.03 -26.71
C ARG C 1144 -40.27 -4.08 -25.63
N ARG C 1145 -41.21 -3.84 -24.72
CA ARG C 1145 -41.47 -4.81 -23.65
C ARG C 1145 -42.12 -6.07 -24.18
N VAL C 1146 -42.99 -5.97 -25.18
CA VAL C 1146 -43.63 -7.17 -25.71
C VAL C 1146 -42.61 -8.03 -26.45
N GLU C 1147 -41.70 -7.40 -27.21
CA GLU C 1147 -40.70 -8.24 -27.88
C GLU C 1147 -39.67 -8.80 -26.91
N LYS C 1148 -39.37 -8.12 -25.80
CA LYS C 1148 -38.44 -8.75 -24.86
C LYS C 1148 -39.12 -9.85 -24.05
N ILE C 1149 -40.44 -9.79 -23.85
CA ILE C 1149 -41.15 -10.91 -23.23
C ILE C 1149 -41.14 -12.12 -24.17
N LYS C 1150 -41.30 -11.87 -25.48
CA LYS C 1150 -41.20 -12.96 -26.45
C LYS C 1150 -39.81 -13.60 -26.46
N LYS C 1151 -38.76 -12.78 -26.37
CA LYS C 1151 -37.41 -13.34 -26.29
C LYS C 1151 -37.18 -14.10 -25.00
N MET C 1152 -37.76 -13.65 -23.88
CA MET C 1152 -37.59 -14.38 -22.63
C MET C 1152 -38.30 -15.72 -22.65
N GLN C 1153 -39.49 -15.80 -23.24
CA GLN C 1153 -40.16 -17.10 -23.26
C GLN C 1153 -39.54 -18.05 -24.28
N ALA C 1154 -38.98 -17.53 -25.38
CA ALA C 1154 -38.18 -18.38 -26.26
C ALA C 1154 -36.93 -18.89 -25.55
N ARG C 1155 -36.29 -18.04 -24.74
CA ARG C 1155 -35.16 -18.48 -23.94
C ARG C 1155 -35.58 -19.51 -22.90
N LEU C 1156 -36.80 -19.39 -22.35
CA LEU C 1156 -37.29 -20.36 -21.38
C LEU C 1156 -37.52 -21.72 -22.02
N ASP C 1157 -38.03 -21.73 -23.26
CA ASP C 1157 -38.18 -23.00 -23.97
C ASP C 1157 -36.82 -23.62 -24.29
N LYS C 1158 -35.83 -22.79 -24.64
CA LYS C 1158 -34.48 -23.29 -24.88
C LYS C 1158 -33.86 -23.86 -23.61
N VAL C 1159 -34.11 -23.23 -22.46
CA VAL C 1159 -33.55 -23.70 -21.19
C VAL C 1159 -34.16 -25.04 -20.79
N GLU C 1160 -35.49 -25.15 -20.89
CA GLU C 1160 -36.11 -26.42 -20.53
C GLU C 1160 -35.87 -27.51 -21.56
N GLN C 1161 -35.41 -27.16 -22.76
CA GLN C 1161 -34.90 -28.19 -23.67
C GLN C 1161 -33.46 -28.57 -23.34
N LEU C 1162 -32.66 -27.63 -22.85
CA LEU C 1162 -31.28 -27.96 -22.46
C LEU C 1162 -31.22 -28.81 -21.21
N LEU C 1163 -32.23 -28.74 -20.36
CA LEU C 1163 -32.20 -29.57 -19.15
C LEU C 1163 -32.43 -31.06 -19.40
N GLN C 1164 -32.48 -31.61 -20.62
CA GLN C 1164 -32.79 -33.00 -20.82
C GLN C 1164 -31.71 -33.79 -21.53
N GLU C 1165 -30.78 -33.12 -22.21
CA GLU C 1165 -29.95 -33.78 -23.21
C GLU C 1165 -28.90 -34.68 -22.57
N SER C 1166 -28.34 -35.55 -23.39
CA SER C 1166 -27.39 -36.64 -23.28
C SER C 1166 -25.96 -36.12 -23.39
N PRO C 1167 -25.03 -36.61 -22.58
CA PRO C 1167 -25.21 -37.62 -21.53
C PRO C 1167 -25.64 -37.04 -20.18
N PHE C 1168 -25.66 -35.72 -20.05
CA PHE C 1168 -26.06 -35.04 -18.84
C PHE C 1168 -26.50 -33.63 -19.21
N PRO C 1169 -27.33 -32.99 -18.38
CA PRO C 1169 -27.88 -31.66 -18.75
C PRO C 1169 -26.81 -30.59 -18.82
N GLY C 1170 -26.81 -29.87 -19.94
CA GLY C 1170 -25.84 -28.81 -20.18
C GLY C 1170 -24.57 -29.34 -20.80
N ALA C 1171 -24.70 -30.14 -21.86
CA ALA C 1171 -23.55 -30.77 -22.47
C ALA C 1171 -23.10 -30.10 -23.75
N SER C 1172 -23.93 -29.22 -24.31
CA SER C 1172 -23.53 -28.46 -25.49
C SER C 1172 -22.95 -27.09 -25.15
N VAL C 1173 -23.46 -26.48 -24.08
CA VAL C 1173 -22.95 -25.21 -23.59
C VAL C 1173 -21.49 -25.35 -23.15
N TRP C 1174 -21.15 -26.50 -22.58
CA TRP C 1174 -19.81 -26.72 -22.10
C TRP C 1174 -18.84 -26.97 -23.26
N LEU C 1175 -19.31 -27.56 -24.35
CA LEU C 1175 -18.48 -27.66 -25.55
C LEU C 1175 -18.23 -26.30 -26.18
N GLU C 1176 -19.25 -25.44 -26.21
CA GLU C 1176 -19.08 -24.08 -26.69
C GLU C 1176 -18.06 -23.32 -25.86
N GLU C 1177 -18.10 -23.49 -24.54
CA GLU C 1177 -17.14 -22.81 -23.68
C GLU C 1177 -15.73 -23.38 -23.82
N ILE C 1178 -15.59 -24.68 -24.13
CA ILE C 1178 -14.27 -25.22 -24.46
C ILE C 1178 -13.71 -24.51 -25.70
N ASP C 1179 -14.54 -24.33 -26.72
CA ASP C 1179 -14.06 -23.66 -27.93
C ASP C 1179 -13.71 -22.19 -27.68
N ALA C 1180 -14.47 -21.52 -26.81
CA ALA C 1180 -14.19 -20.12 -26.49
C ALA C 1180 -12.90 -19.97 -25.70
N VAL C 1181 -12.67 -20.83 -24.71
CA VAL C 1181 -11.43 -20.81 -23.94
C VAL C 1181 -10.24 -21.14 -24.84
N GLU C 1182 -10.43 -22.04 -25.82
CA GLU C 1182 -9.34 -22.39 -26.73
C GLU C 1182 -8.95 -21.21 -27.62
N LYS C 1183 -9.94 -20.49 -28.16
CA LYS C 1183 -9.56 -19.36 -29.01
C LYS C 1183 -9.00 -18.20 -28.21
N ALA C 1184 -9.42 -18.02 -26.95
CA ALA C 1184 -8.82 -16.99 -26.13
C ALA C 1184 -7.38 -17.32 -25.74
N ILE C 1185 -7.10 -18.60 -25.48
CA ILE C 1185 -5.72 -19.02 -25.20
C ILE C 1185 -4.84 -18.87 -26.43
N ILE C 1186 -5.36 -19.19 -27.62
CA ILE C 1186 -4.58 -19.04 -28.85
C ILE C 1186 -4.27 -17.56 -29.13
N LYS C 1187 -5.27 -16.68 -28.96
CA LYS C 1187 -5.04 -15.24 -29.13
C LYS C 1187 -4.03 -14.72 -28.12
N GLY C 1188 -4.11 -15.17 -26.87
CA GLY C 1188 -3.14 -14.73 -25.87
C GLY C 1188 -1.74 -15.23 -26.14
N ARG C 1189 -1.59 -16.44 -26.67
CA ARG C 1189 -0.26 -16.94 -26.97
C ARG C 1189 0.34 -16.24 -28.18
N ASN C 1190 -0.49 -15.73 -29.09
CA ASN C 1190 0.08 -15.02 -30.24
C ASN C 1190 0.53 -13.61 -29.89
N THR C 1191 -0.17 -12.92 -29.00
CA THR C 1191 0.11 -11.52 -28.70
C THR C 1191 1.11 -11.34 -27.57
N GLN C 1192 1.90 -12.38 -27.23
CA GLN C 1192 2.84 -12.40 -26.10
C GLN C 1192 2.13 -12.08 -24.78
N TRP C 1193 0.90 -12.57 -24.66
CA TRP C 1193 0.01 -12.40 -23.52
C TRP C 1193 -0.26 -10.93 -23.22
N LYS C 1194 -0.34 -10.12 -24.28
CA LYS C 1194 -0.69 -8.71 -24.15
C LYS C 1194 -2.09 -8.39 -24.65
N PHE C 1195 -2.67 -9.26 -25.50
CA PHE C 1195 -4.06 -9.20 -25.95
C PHE C 1195 -4.36 -7.91 -26.73
N HIS C 1196 -3.40 -7.51 -27.56
CA HIS C 1196 -3.51 -6.34 -28.42
C HIS C 1196 -4.64 -6.38 -29.43
N VAL D 419 33.20 -3.16 -5.26
CA VAL D 419 32.17 -2.42 -5.97
C VAL D 419 30.97 -3.31 -6.29
N ASP D 420 29.79 -2.91 -5.83
CA ASP D 420 28.59 -3.67 -6.05
C ASP D 420 27.72 -2.99 -7.10
N LYS D 421 26.84 -3.81 -7.68
CA LYS D 421 25.86 -3.39 -8.69
C LYS D 421 26.56 -2.81 -9.92
N TYR D 422 27.64 -3.46 -10.34
CA TYR D 422 28.46 -3.01 -11.45
C TYR D 422 28.66 -4.14 -12.44
N THR D 423 27.98 -4.04 -13.58
CA THR D 423 28.16 -4.98 -14.68
C THR D 423 29.28 -4.48 -15.57
N ARG D 424 30.41 -5.17 -15.55
CA ARG D 424 31.57 -4.80 -16.34
C ARG D 424 31.33 -5.05 -17.82
N ALA D 425 31.67 -4.06 -18.65
CA ALA D 425 31.67 -4.27 -20.09
C ALA D 425 32.83 -5.19 -20.48
N ARG D 426 32.68 -5.85 -21.63
CA ARG D 426 33.68 -6.80 -22.07
C ARG D 426 35.00 -6.13 -22.45
N ASN D 427 34.96 -4.86 -22.84
CA ASN D 427 36.14 -4.15 -23.35
C ASN D 427 36.49 -2.96 -22.46
N ALA D 428 36.36 -3.10 -21.16
CA ALA D 428 36.63 -2.02 -20.22
C ALA D 428 38.08 -2.10 -19.77
N GLY D 429 38.88 -1.12 -20.14
CA GLY D 429 40.27 -1.07 -19.73
C GLY D 429 41.24 -1.77 -20.64
N GLY D 430 40.87 -2.01 -21.89
CA GLY D 430 41.76 -2.69 -22.81
C GLY D 430 42.24 -1.82 -23.95
N LYS D 431 42.34 -2.41 -25.14
CA LYS D 431 42.82 -1.68 -26.30
C LYS D 431 41.75 -0.76 -26.88
N ARG D 432 40.50 -1.13 -26.75
CA ARG D 432 39.38 -0.31 -27.23
C ARG D 432 38.58 0.23 -26.06
N ALA D 433 39.29 0.65 -25.01
CA ALA D 433 38.63 1.12 -23.80
C ALA D 433 37.95 2.47 -24.00
N GLN D 434 38.47 3.30 -24.91
CA GLN D 434 37.88 4.60 -25.18
C GLN D 434 36.70 4.53 -26.12
N ASP D 435 36.34 3.33 -26.58
CA ASP D 435 35.15 3.13 -27.38
C ASP D 435 33.93 2.81 -26.53
N CYS D 436 34.06 2.90 -25.21
CA CYS D 436 33.10 2.33 -24.27
C CYS D 436 32.37 3.40 -23.48
N MET D 437 31.15 3.06 -23.08
CA MET D 437 30.24 3.93 -22.34
C MET D 437 29.98 3.32 -20.97
N LEU D 438 29.55 4.15 -20.02
CA LEU D 438 29.17 3.67 -18.69
C LEU D 438 27.81 4.24 -18.35
N LEU D 439 26.77 3.41 -18.42
CA LEU D 439 25.39 3.86 -18.25
C LEU D 439 25.05 3.86 -16.77
N ALA D 440 25.40 4.95 -16.10
CA ALA D 440 25.19 5.06 -14.66
C ALA D 440 23.72 5.28 -14.38
N ALA D 441 23.04 4.24 -13.90
CA ALA D 441 21.63 4.36 -13.58
C ALA D 441 21.46 4.74 -12.12
N GLU D 442 20.22 4.97 -11.72
CA GLU D 442 19.94 5.56 -10.43
C GLU D 442 19.65 4.54 -9.34
N GLY D 443 19.06 3.40 -9.68
CA GLY D 443 18.74 2.38 -8.69
C GLY D 443 19.00 0.97 -9.15
N ASP D 444 18.13 0.03 -8.79
CA ASP D 444 18.20 -1.33 -9.30
C ASP D 444 17.12 -1.67 -10.29
N SER D 445 15.95 -1.04 -10.21
CA SER D 445 14.92 -1.26 -11.21
C SER D 445 15.31 -0.65 -12.54
N ALA D 446 16.06 0.46 -12.50
CA ALA D 446 16.62 1.06 -13.69
C ALA D 446 17.62 0.14 -14.36
N LEU D 447 18.44 -0.55 -13.56
CA LEU D 447 19.37 -1.52 -14.14
C LEU D 447 18.65 -2.71 -14.75
N SER D 448 17.48 -3.07 -14.20
CA SER D 448 16.65 -4.10 -14.81
C SER D 448 16.17 -3.68 -16.18
N LEU D 449 15.76 -2.41 -16.30
CA LEU D 449 15.37 -1.87 -17.60
C LEU D 449 16.53 -1.87 -18.59
N LEU D 450 17.69 -1.38 -18.15
CA LEU D 450 18.83 -1.24 -19.04
C LEU D 450 19.38 -2.59 -19.46
N ARG D 451 19.36 -3.57 -18.57
CA ARG D 451 19.82 -4.91 -18.94
C ARG D 451 18.81 -5.60 -19.85
N THR D 452 17.52 -5.27 -19.72
CA THR D 452 16.54 -5.72 -20.69
C THR D 452 16.80 -5.12 -22.07
N GLY D 453 17.15 -3.84 -22.10
CA GLY D 453 17.35 -3.13 -23.34
C GLY D 453 18.61 -3.49 -24.08
N LEU D 454 19.71 -3.71 -23.36
CA LEU D 454 20.98 -4.00 -24.01
C LEU D 454 21.14 -5.45 -24.44
N THR D 455 20.08 -6.24 -24.39
CA THR D 455 20.14 -7.65 -24.78
C THR D 455 19.18 -8.00 -25.90
N LEU D 456 18.59 -7.01 -26.54
CA LEU D 456 17.83 -7.27 -27.76
C LEU D 456 18.84 -7.61 -28.85
N GLY D 457 19.09 -8.91 -29.02
CA GLY D 457 20.21 -9.34 -29.85
C GLY D 457 19.97 -9.23 -31.34
N LYS D 458 18.76 -9.54 -31.77
CA LYS D 458 18.41 -9.44 -33.18
C LYS D 458 17.11 -8.69 -33.42
N SER D 459 16.44 -8.24 -32.36
CA SER D 459 15.38 -7.26 -32.52
C SER D 459 15.93 -5.85 -32.61
N ASN D 460 17.18 -5.65 -32.22
CA ASN D 460 17.87 -4.37 -32.32
C ASN D 460 19.28 -4.67 -32.84
N PRO D 461 19.45 -4.83 -34.16
CA PRO D 461 20.77 -5.14 -34.68
C PRO D 461 21.67 -3.91 -34.78
N SER D 462 21.11 -2.71 -34.75
CA SER D 462 21.86 -1.48 -34.77
C SER D 462 22.02 -0.84 -33.40
N GLY D 463 21.67 -1.56 -32.33
CA GLY D 463 21.73 -1.01 -31.00
C GLY D 463 23.04 -1.32 -30.31
N PRO D 464 23.16 -0.88 -29.07
CA PRO D 464 24.34 -1.22 -28.26
C PRO D 464 24.16 -2.57 -27.56
N SER D 465 25.24 -3.01 -26.93
CA SER D 465 25.26 -4.24 -26.16
C SER D 465 26.38 -4.14 -25.14
N PHE D 466 26.60 -5.23 -24.40
CA PHE D 466 27.59 -5.22 -23.33
C PHE D 466 29.03 -5.31 -23.81
N ASP D 467 29.27 -5.36 -25.12
CA ASP D 467 30.65 -5.31 -25.61
C ASP D 467 31.30 -3.95 -25.42
N PHE D 468 30.51 -2.89 -25.35
CA PHE D 468 31.08 -1.57 -25.14
C PHE D 468 30.28 -0.74 -24.15
N CYS D 469 29.48 -1.36 -23.29
CA CYS D 469 28.62 -0.62 -22.38
C CYS D 469 28.60 -1.31 -21.03
N GLY D 470 28.73 -0.52 -19.96
CA GLY D 470 28.64 -1.02 -18.61
C GLY D 470 27.41 -0.45 -17.91
N MET D 471 27.26 -0.85 -16.65
CA MET D 471 26.19 -0.35 -15.80
C MET D 471 26.71 -0.18 -14.39
N ILE D 472 26.17 0.82 -13.69
CA ILE D 472 26.50 1.07 -12.29
C ILE D 472 25.35 1.87 -11.69
N SER D 473 25.18 1.79 -10.37
CA SER D 473 24.09 2.47 -9.69
C SER D 473 24.61 3.71 -8.99
N LEU D 474 23.86 4.82 -9.13
CA LEU D 474 24.19 6.06 -8.45
C LEU D 474 23.73 6.10 -7.00
N GLY D 475 22.99 5.10 -6.54
CA GLY D 475 22.69 4.97 -5.14
C GLY D 475 21.69 5.96 -4.59
N GLY D 476 20.79 6.47 -5.40
CA GLY D 476 19.80 7.41 -4.93
C GLY D 476 20.12 8.84 -5.29
N VAL D 477 20.63 9.60 -4.34
CA VAL D 477 20.99 11.01 -4.53
C VAL D 477 22.48 11.15 -4.23
N ILE D 478 23.20 11.83 -5.13
CA ILE D 478 24.64 11.99 -4.99
C ILE D 478 24.93 12.98 -3.88
N MET D 479 25.98 12.72 -3.11
CA MET D 479 26.51 13.72 -2.19
C MET D 479 27.09 14.88 -2.96
N ASN D 480 26.94 16.11 -2.44
CA ASN D 480 27.68 17.20 -3.07
C ASN D 480 29.03 17.42 -2.38
N ALA D 481 29.99 17.85 -3.18
CA ALA D 481 31.32 18.12 -2.69
C ALA D 481 31.58 19.59 -2.43
N CYS D 482 30.73 20.47 -2.96
CA CYS D 482 30.93 21.90 -2.80
C CYS D 482 30.74 22.37 -1.36
N LYS D 483 29.98 21.64 -0.57
CA LYS D 483 29.80 21.97 0.84
C LYS D 483 30.67 21.12 1.74
N LYS D 484 31.53 20.27 1.19
CA LYS D 484 32.29 19.30 1.97
C LYS D 484 33.73 19.26 1.49
N VAL D 485 34.32 20.43 1.27
CA VAL D 485 35.70 20.50 0.80
C VAL D 485 36.26 21.84 1.25
N THR D 486 37.59 21.91 1.40
CA THR D 486 38.25 23.12 1.87
C THR D 486 39.45 23.42 0.98
N ASN D 487 39.53 24.66 0.51
CA ASN D 487 40.72 25.17 -0.17
C ASN D 487 41.64 25.76 0.87
N ILE D 488 42.78 25.11 1.10
CA ILE D 488 43.73 25.56 2.11
C ILE D 488 44.98 26.10 1.41
N THR D 489 45.53 27.16 1.98
CA THR D 489 46.61 27.92 1.36
C THR D 489 47.94 27.48 1.96
N THR D 490 48.89 27.11 1.11
CA THR D 490 50.20 26.68 1.54
C THR D 490 51.18 27.84 1.39
N ASP D 491 52.46 27.56 1.65
CA ASP D 491 53.49 28.59 1.70
C ASP D 491 53.91 29.10 0.33
N SER D 492 53.88 28.23 -0.68
CA SER D 492 54.41 28.58 -2.00
C SER D 492 53.48 29.49 -2.80
N GLY D 493 52.27 29.74 -2.32
CA GLY D 493 51.34 30.57 -3.04
C GLY D 493 50.30 29.82 -3.85
N GLU D 494 49.89 28.63 -3.40
CA GLU D 494 48.88 27.85 -4.10
C GLU D 494 47.89 27.29 -3.10
N THR D 495 46.61 27.34 -3.45
CA THR D 495 45.54 26.78 -2.65
C THR D 495 45.25 25.35 -3.13
N ILE D 496 45.55 24.39 -2.29
CA ILE D 496 45.24 23.00 -2.60
C ILE D 496 43.87 22.67 -2.02
N MET D 497 43.14 21.81 -2.72
CA MET D 497 41.76 21.50 -2.39
C MET D 497 41.71 20.16 -1.68
N VAL D 498 41.56 20.17 -0.36
CA VAL D 498 41.56 18.96 0.45
C VAL D 498 40.14 18.65 0.90
N ARG D 499 39.78 17.37 0.80
CA ARG D 499 38.40 16.92 0.98
C ARG D 499 38.09 16.70 2.46
N ASN D 500 36.92 16.17 2.71
CA ASN D 500 36.47 15.81 4.04
C ASN D 500 36.54 14.30 4.20
N GLU D 501 36.59 13.85 5.46
CA GLU D 501 36.60 12.42 5.72
C GLU D 501 35.25 11.79 5.46
N GLN D 502 34.17 12.56 5.49
CA GLN D 502 32.85 12.03 5.15
C GLN D 502 32.70 11.85 3.65
N LEU D 503 33.14 12.84 2.87
CA LEU D 503 33.10 12.74 1.41
C LEU D 503 34.06 11.67 0.91
N THR D 504 35.16 11.44 1.61
CA THR D 504 36.15 10.47 1.16
C THR D 504 35.62 9.05 1.29
N ASN D 505 34.74 8.81 2.25
CA ASN D 505 34.26 7.48 2.58
C ASN D 505 32.89 7.17 2.01
N ASN D 506 32.43 7.93 1.03
CA ASN D 506 31.14 7.68 0.40
C ASN D 506 31.26 6.54 -0.59
N LYS D 507 30.43 5.51 -0.40
CA LYS D 507 30.60 4.23 -1.08
C LYS D 507 30.25 4.33 -2.55
N VAL D 508 29.34 5.23 -2.91
CA VAL D 508 28.91 5.38 -4.29
C VAL D 508 30.00 6.04 -5.12
N LEU D 509 30.60 7.11 -4.60
CA LEU D 509 31.59 7.84 -5.36
C LEU D 509 32.91 7.09 -5.43
N GLN D 510 33.24 6.33 -4.37
CA GLN D 510 34.36 5.41 -4.42
C GLN D 510 34.19 4.40 -5.53
N GLY D 511 32.96 3.93 -5.75
CA GLY D 511 32.68 3.00 -6.82
C GLY D 511 32.97 3.55 -8.20
N ILE D 512 32.51 4.78 -8.48
CA ILE D 512 32.73 5.31 -9.82
C ILE D 512 34.17 5.75 -10.02
N VAL D 513 34.86 6.15 -8.95
CA VAL D 513 36.28 6.47 -9.10
C VAL D 513 37.08 5.21 -9.37
N GLN D 514 36.75 4.10 -8.70
CA GLN D 514 37.45 2.85 -8.99
C GLN D 514 37.08 2.28 -10.35
N VAL D 515 35.85 2.51 -10.81
CA VAL D 515 35.45 2.00 -12.12
C VAL D 515 36.10 2.81 -13.22
N LEU D 516 35.98 4.13 -13.19
CA LEU D 516 36.52 4.95 -14.27
C LEU D 516 38.02 5.10 -14.21
N GLY D 517 38.64 4.81 -13.06
CA GLY D 517 40.07 4.96 -12.93
C GLY D 517 40.53 6.40 -12.82
N LEU D 518 39.72 7.26 -12.22
CA LEU D 518 40.06 8.66 -12.10
C LEU D 518 41.20 8.87 -11.10
N ASP D 519 41.81 10.04 -11.18
CA ASP D 519 42.89 10.42 -10.28
C ASP D 519 42.64 11.85 -9.84
N PHE D 520 42.81 12.12 -8.55
CA PHE D 520 42.44 13.42 -8.03
C PHE D 520 43.49 14.49 -8.28
N ASN D 521 44.77 14.13 -8.26
CA ASN D 521 45.83 15.10 -8.48
C ASN D 521 46.20 15.27 -9.95
N CYS D 522 45.48 14.62 -10.85
CA CYS D 522 45.64 14.86 -12.27
C CYS D 522 44.71 16.00 -12.71
N HIS D 523 44.90 16.45 -13.95
CA HIS D 523 44.06 17.51 -14.50
C HIS D 523 43.47 17.18 -15.86
N TYR D 524 44.04 16.22 -16.59
CA TYR D 524 43.52 15.70 -17.86
C TYR D 524 43.42 16.79 -18.92
N LYS D 525 44.43 17.66 -18.99
CA LYS D 525 44.44 18.68 -20.03
C LYS D 525 44.87 18.10 -21.36
N THR D 526 45.87 17.23 -21.37
CA THR D 526 46.32 16.62 -22.61
C THR D 526 45.58 15.33 -22.89
N GLN D 527 45.58 14.95 -24.17
CA GLN D 527 44.96 13.70 -24.58
C GLN D 527 45.77 12.49 -24.14
N GLU D 528 47.06 12.68 -23.85
CA GLU D 528 47.86 11.59 -23.28
C GLU D 528 47.38 11.24 -21.87
N GLU D 529 46.85 12.22 -21.14
CA GLU D 529 46.22 11.94 -19.86
C GLU D 529 44.77 11.48 -20.01
N ARG D 530 44.06 11.95 -21.04
CA ARG D 530 42.67 11.56 -21.23
C ARG D 530 42.49 10.22 -21.90
N ALA D 531 43.57 9.45 -22.10
CA ALA D 531 43.46 8.08 -22.58
C ALA D 531 43.91 7.07 -21.55
N LYS D 532 44.16 7.51 -20.32
CA LYS D 532 44.54 6.63 -19.23
C LYS D 532 43.33 6.17 -18.43
N LEU D 533 42.12 6.49 -18.87
CA LEU D 533 40.91 6.08 -18.18
C LEU D 533 40.48 4.69 -18.64
N ARG D 534 39.40 4.21 -18.03
CA ARG D 534 38.93 2.86 -18.30
C ARG D 534 37.69 2.85 -19.17
N TYR D 535 36.92 3.92 -19.19
CA TYR D 535 35.82 4.14 -20.13
C TYR D 535 36.08 5.39 -20.94
N GLY D 536 35.17 5.67 -21.88
CA GLY D 536 35.30 6.83 -22.72
C GLY D 536 34.39 7.96 -22.31
N CYS D 537 33.27 7.64 -21.69
CA CYS D 537 32.30 8.64 -21.25
C CYS D 537 31.42 8.05 -20.16
N ILE D 538 31.04 8.88 -19.20
CA ILE D 538 29.99 8.55 -18.24
C ILE D 538 28.67 9.06 -18.83
N VAL D 539 27.63 8.23 -18.79
CA VAL D 539 26.33 8.55 -19.38
C VAL D 539 25.27 8.37 -18.31
N ALA D 540 24.66 9.45 -17.87
CA ALA D 540 23.72 9.41 -16.76
C ALA D 540 22.34 9.04 -17.26
N CYS D 541 21.96 7.77 -17.08
CA CYS D 541 20.61 7.30 -17.36
C CYS D 541 19.78 7.53 -16.10
N VAL D 542 19.15 8.69 -16.03
CA VAL D 542 18.40 9.07 -14.84
C VAL D 542 16.93 9.16 -15.21
N ASP D 543 16.10 9.41 -14.21
CA ASP D 543 14.68 9.59 -14.44
C ASP D 543 14.43 10.92 -15.14
N GLN D 544 13.24 11.06 -15.71
CA GLN D 544 12.87 12.31 -16.37
C GLN D 544 11.96 13.17 -15.50
N ASP D 545 11.53 12.67 -14.34
CA ASP D 545 10.81 13.56 -13.43
C ASP D 545 11.78 14.57 -12.84
N LEU D 546 11.22 15.62 -12.25
CA LEU D 546 11.97 16.84 -12.00
C LEU D 546 13.03 16.64 -10.93
N ASP D 547 12.79 15.70 -10.01
CA ASP D 547 13.78 15.35 -8.98
C ASP D 547 15.02 14.74 -9.61
N GLY D 548 14.84 13.66 -10.37
CA GLY D 548 15.98 12.99 -10.96
C GLY D 548 16.64 13.73 -12.10
N CYS D 549 15.85 14.50 -12.86
CA CYS D 549 16.44 15.25 -13.97
C CYS D 549 17.17 16.49 -13.47
N GLY D 550 16.64 17.16 -12.45
CA GLY D 550 17.31 18.34 -11.95
C GLY D 550 18.35 18.07 -10.90
N LYS D 551 17.96 17.46 -9.78
CA LYS D 551 18.77 17.46 -8.56
C LYS D 551 20.02 16.60 -8.70
N ILE D 552 19.86 15.30 -8.97
CA ILE D 552 21.04 14.44 -8.90
C ILE D 552 21.89 14.59 -10.15
N LEU D 553 21.31 15.04 -11.26
CA LEU D 553 22.11 15.35 -12.43
C LEU D 553 22.91 16.63 -12.24
N GLY D 554 22.33 17.63 -11.55
CA GLY D 554 23.09 18.82 -11.22
C GLY D 554 24.18 18.54 -10.20
N LEU D 555 23.92 17.63 -9.26
CA LEU D 555 24.96 17.28 -8.28
C LEU D 555 26.08 16.47 -8.91
N LEU D 556 25.76 15.63 -9.90
CA LEU D 556 26.81 14.92 -10.64
C LEU D 556 27.66 15.88 -11.47
N LEU D 557 27.00 16.85 -12.13
CA LEU D 557 27.74 17.89 -12.83
C LEU D 557 28.59 18.73 -11.87
N ALA D 558 28.08 19.00 -10.68
CA ALA D 558 28.79 19.83 -9.73
C ALA D 558 30.02 19.11 -9.20
N TYR D 559 29.92 17.81 -8.98
CA TYR D 559 31.06 16.98 -8.59
C TYR D 559 32.15 17.01 -9.66
N PHE D 560 31.77 16.73 -10.92
CA PHE D 560 32.76 16.74 -11.98
C PHE D 560 33.33 18.12 -12.26
N HIS D 561 32.55 19.18 -12.07
CA HIS D 561 33.10 20.52 -12.22
C HIS D 561 34.07 20.86 -11.10
N LEU D 562 33.72 20.49 -9.87
CA LEU D 562 34.53 20.86 -8.73
C LEU D 562 35.86 20.11 -8.71
N PHE D 563 35.94 18.94 -9.35
CA PHE D 563 37.23 18.26 -9.34
C PHE D 563 37.93 18.14 -10.68
N TRP D 564 37.21 18.00 -11.80
CA TRP D 564 37.85 17.86 -13.11
C TRP D 564 37.06 18.62 -14.16
N PRO D 565 37.22 19.94 -14.24
CA PRO D 565 36.44 20.70 -15.23
C PRO D 565 36.89 20.48 -16.66
N GLN D 566 38.10 19.94 -16.85
CA GLN D 566 38.63 19.75 -18.19
C GLN D 566 37.93 18.61 -18.91
N LEU D 567 37.28 17.70 -18.18
CA LEU D 567 36.54 16.64 -18.83
C LEU D 567 35.15 17.11 -19.25
N ILE D 568 34.61 18.09 -18.54
CA ILE D 568 33.37 18.73 -19.00
C ILE D 568 33.67 19.60 -20.21
N ILE D 569 34.89 20.15 -20.28
CA ILE D 569 35.36 20.81 -21.51
C ILE D 569 35.38 19.84 -22.69
N HIS D 570 35.96 18.66 -22.49
CA HIS D 570 36.25 17.75 -23.60
C HIS D 570 35.26 16.60 -23.72
N GLY D 571 33.98 16.83 -23.41
CA GLY D 571 32.92 15.89 -23.74
C GLY D 571 32.96 14.52 -23.07
N PHE D 572 32.93 14.50 -21.74
CA PHE D 572 32.99 13.25 -21.00
C PHE D 572 31.71 12.92 -20.27
N VAL D 573 30.89 13.92 -19.95
CA VAL D 573 29.64 13.73 -19.23
C VAL D 573 28.50 13.78 -20.23
N LYS D 574 27.71 12.72 -20.31
CA LYS D 574 26.62 12.61 -21.26
C LYS D 574 25.34 12.22 -20.54
N ARG D 575 24.23 12.23 -21.27
CA ARG D 575 22.95 11.82 -20.70
C ARG D 575 22.01 11.34 -21.80
N LEU D 576 21.11 10.42 -21.44
CA LEU D 576 19.98 10.10 -22.30
C LEU D 576 18.91 11.17 -22.23
N LEU D 577 17.80 10.89 -22.89
CA LEU D 577 16.67 11.80 -22.86
C LEU D 577 15.43 10.97 -23.14
N THR D 578 14.60 10.81 -22.13
CA THR D 578 13.43 9.95 -22.16
C THR D 578 12.15 10.76 -22.08
N PRO D 579 11.00 10.19 -22.45
CA PRO D 579 9.73 10.87 -22.20
C PRO D 579 9.34 10.85 -20.74
N LEU D 580 8.57 11.87 -20.34
CA LEU D 580 7.90 11.88 -19.06
C LEU D 580 6.41 11.60 -19.17
N ILE D 581 5.74 12.10 -20.21
CA ILE D 581 4.34 11.78 -20.46
C ILE D 581 4.22 11.34 -21.91
N ARG D 582 3.59 10.20 -22.14
CA ARG D 582 3.13 9.82 -23.47
C ARG D 582 1.61 9.85 -23.51
N VAL D 583 1.05 10.37 -24.59
CA VAL D 583 -0.39 10.42 -24.79
C VAL D 583 -0.73 9.64 -26.05
N TYR D 584 -1.72 8.76 -25.96
CA TYR D 584 -2.09 7.86 -27.04
C TYR D 584 -3.45 8.23 -27.61
N GLU D 585 -3.46 8.67 -28.86
CA GLU D 585 -4.69 8.93 -29.59
C GLU D 585 -5.35 7.62 -29.98
N LYS D 586 -6.69 7.57 -29.86
CA LYS D 586 -7.44 6.44 -30.39
C LYS D 586 -7.34 6.43 -31.91
N GLY D 587 -7.00 5.27 -32.46
CA GLY D 587 -6.86 5.13 -33.89
C GLY D 587 -5.45 5.29 -34.42
N LYS D 588 -4.82 6.44 -34.17
CA LYS D 588 -3.49 6.68 -34.71
C LYS D 588 -2.44 5.82 -34.01
N THR D 589 -1.29 5.66 -34.66
CA THR D 589 -0.26 4.75 -34.20
C THR D 589 0.99 5.46 -33.70
N MET D 590 0.91 6.76 -33.44
CA MET D 590 2.05 7.50 -32.90
C MET D 590 1.58 8.26 -31.67
N PRO D 591 2.27 8.14 -30.53
CA PRO D 591 1.91 8.91 -29.35
C PRO D 591 2.58 10.29 -29.36
N VAL D 592 2.08 11.16 -28.50
CA VAL D 592 2.63 12.49 -28.31
C VAL D 592 3.45 12.47 -27.03
N GLU D 593 4.72 12.83 -27.12
CA GLU D 593 5.65 12.73 -26.00
C GLU D 593 5.98 14.12 -25.46
N PHE D 594 5.73 14.32 -24.18
CA PHE D 594 6.07 15.53 -23.47
C PHE D 594 7.19 15.22 -22.47
N TYR D 595 8.13 16.16 -22.34
CA TYR D 595 9.31 15.97 -21.51
C TYR D 595 9.25 16.74 -20.20
N TYR D 596 8.36 17.72 -20.10
CA TYR D 596 8.19 18.51 -18.89
C TYR D 596 6.72 18.51 -18.53
N GLU D 597 6.44 18.67 -17.23
CA GLU D 597 5.06 18.51 -16.77
C GLU D 597 4.21 19.73 -17.12
N GLN D 598 4.79 20.93 -17.01
CA GLN D 598 4.03 22.14 -17.29
C GLN D 598 3.73 22.29 -18.78
N GLU D 599 4.58 21.71 -19.64
CA GLU D 599 4.30 21.68 -21.07
C GLU D 599 3.03 20.87 -21.35
N PHE D 600 2.92 19.71 -20.70
CA PHE D 600 1.71 18.91 -20.82
C PHE D 600 0.50 19.60 -20.18
N ASP D 601 0.69 20.34 -19.09
CA ASP D 601 -0.46 21.01 -18.47
C ASP D 601 -0.98 22.13 -19.35
N ALA D 602 -0.08 22.93 -19.94
CA ALA D 602 -0.49 23.94 -20.90
C ALA D 602 -1.09 23.33 -22.16
N TRP D 603 -0.63 22.14 -22.55
CA TRP D 603 -1.23 21.45 -23.68
C TRP D 603 -2.65 20.99 -23.35
N ALA D 604 -2.81 20.30 -22.22
CA ALA D 604 -4.07 19.67 -21.86
C ALA D 604 -5.12 20.68 -21.44
N LYS D 605 -4.73 21.88 -21.04
CA LYS D 605 -5.73 22.92 -20.79
C LYS D 605 -6.27 23.48 -22.10
N LYS D 606 -5.49 23.41 -23.18
CA LYS D 606 -5.94 23.93 -24.48
C LYS D 606 -7.01 23.07 -25.12
N GLN D 607 -7.10 21.80 -24.76
CA GLN D 607 -8.01 20.89 -25.43
C GLN D 607 -9.45 21.18 -25.00
N THR D 608 -10.40 20.61 -25.74
CA THR D 608 -11.81 20.73 -25.41
C THR D 608 -12.48 19.40 -25.14
N SER D 609 -11.87 18.29 -25.56
CA SER D 609 -12.49 16.98 -25.43
C SER D 609 -11.36 15.96 -25.32
N LEU D 610 -11.07 15.54 -24.09
CA LEU D 610 -9.98 14.61 -23.85
C LEU D 610 -10.62 13.32 -23.35
N ALA D 611 -11.71 12.93 -24.00
CA ALA D 611 -12.52 11.81 -23.54
C ALA D 611 -12.05 10.48 -24.09
N ASN D 612 -11.11 10.46 -25.04
CA ASN D 612 -10.66 9.22 -25.65
C ASN D 612 -9.15 9.13 -25.75
N HIS D 613 -8.42 9.97 -25.02
CA HIS D 613 -6.97 9.90 -24.93
C HIS D 613 -6.57 9.21 -23.64
N THR D 614 -5.47 8.47 -23.68
CA THR D 614 -4.94 7.78 -22.50
C THR D 614 -3.58 8.37 -22.17
N VAL D 615 -3.54 9.16 -21.11
CA VAL D 615 -2.32 9.81 -20.67
C VAL D 615 -1.55 8.85 -19.77
N LYS D 616 -0.27 8.63 -20.07
CA LYS D 616 0.56 7.75 -19.29
C LYS D 616 1.67 8.55 -18.64
N TYR D 617 1.74 8.53 -17.32
CA TYR D 617 2.83 9.13 -16.58
C TYR D 617 3.87 8.06 -16.30
N TYR D 618 5.13 8.35 -16.59
CA TYR D 618 6.21 7.41 -16.38
C TYR D 618 7.07 7.97 -15.26
N LYS D 619 6.83 7.50 -14.04
CA LYS D 619 7.50 7.98 -12.83
C LYS D 619 9.00 7.77 -12.85
N GLY D 620 9.44 6.52 -12.85
CA GLY D 620 10.82 6.17 -13.09
C GLY D 620 10.93 5.52 -14.46
N LEU D 621 12.16 5.25 -14.86
CA LEU D 621 12.31 4.67 -16.19
C LEU D 621 12.01 3.19 -16.23
N ALA D 622 11.87 2.52 -15.08
CA ALA D 622 11.48 1.11 -15.07
C ALA D 622 9.99 0.89 -15.22
N ALA D 623 9.21 1.92 -15.54
CA ALA D 623 7.79 1.77 -15.81
C ALA D 623 7.50 1.68 -17.29
N HIS D 624 8.50 1.43 -18.11
CA HIS D 624 8.37 1.52 -19.56
C HIS D 624 8.16 0.12 -20.13
N ASP D 625 7.11 -0.04 -20.92
CA ASP D 625 6.68 -1.36 -21.39
C ASP D 625 7.65 -1.87 -22.47
N THR D 626 7.40 -3.08 -22.97
CA THR D 626 8.36 -3.75 -23.85
C THR D 626 8.41 -3.13 -25.24
N HIS D 627 7.25 -2.77 -25.81
CA HIS D 627 7.28 -2.11 -27.11
C HIS D 627 7.84 -0.71 -27.00
N GLU D 628 7.64 -0.07 -25.86
CA GLU D 628 8.22 1.26 -25.65
C GLU D 628 9.73 1.18 -25.50
N VAL D 629 10.25 0.18 -24.80
CA VAL D 629 11.71 0.12 -24.67
C VAL D 629 12.34 -0.36 -25.96
N LYS D 630 11.61 -1.12 -26.78
CA LYS D 630 12.13 -1.46 -28.10
C LYS D 630 12.21 -0.21 -28.98
N SER D 631 11.17 0.62 -28.97
CA SER D 631 11.21 1.83 -29.78
C SER D 631 12.13 2.90 -29.18
N MET D 632 12.53 2.78 -27.92
CA MET D 632 13.54 3.69 -27.38
C MET D 632 14.95 3.19 -27.60
N PHE D 633 15.14 1.90 -27.82
CA PHE D 633 16.47 1.39 -28.06
C PHE D 633 16.78 1.15 -29.53
N LYS D 634 15.80 1.30 -30.42
CA LYS D 634 16.15 1.42 -31.83
C LYS D 634 16.77 2.76 -32.17
N HIS D 635 16.59 3.76 -31.31
CA HIS D 635 17.03 5.12 -31.54
C HIS D 635 17.88 5.61 -30.38
N PHE D 636 18.88 4.80 -30.01
CA PHE D 636 19.65 5.06 -28.80
C PHE D 636 20.59 6.24 -29.00
N ASP D 637 21.45 6.18 -30.02
CA ASP D 637 22.39 7.27 -30.29
C ASP D 637 21.68 8.50 -30.83
N ASN D 638 20.43 8.35 -31.27
CA ASN D 638 19.60 9.49 -31.64
C ASN D 638 19.25 10.35 -30.43
N MET D 639 19.26 9.78 -29.22
CA MET D 639 18.77 10.49 -28.05
C MET D 639 19.78 10.59 -26.91
N VAL D 640 21.08 10.53 -27.20
CA VAL D 640 22.09 10.86 -26.19
C VAL D 640 22.58 12.27 -26.46
N TYR D 641 22.85 13.00 -25.38
CA TYR D 641 23.25 14.40 -25.42
C TYR D 641 24.60 14.54 -24.73
N THR D 642 25.25 15.69 -24.90
CA THR D 642 26.58 15.90 -24.34
C THR D 642 26.66 17.31 -23.77
N PHE D 643 27.33 17.46 -22.63
CA PHE D 643 27.44 18.74 -21.95
C PHE D 643 28.65 19.52 -22.41
N THR D 644 28.45 20.81 -22.68
CA THR D 644 29.53 21.72 -23.03
C THR D 644 29.66 22.76 -21.94
N LEU D 645 30.90 23.05 -21.54
CA LEU D 645 31.14 23.96 -20.44
C LEU D 645 31.37 25.37 -20.95
N ASP D 646 30.66 26.31 -20.34
CA ASP D 646 30.68 27.73 -20.68
C ASP D 646 31.78 28.40 -19.85
N ASP D 647 31.87 29.72 -19.94
CA ASP D 647 32.70 30.49 -19.02
C ASP D 647 31.90 31.15 -17.91
N SER D 648 30.59 31.32 -18.10
CA SER D 648 29.69 31.84 -17.08
C SER D 648 29.18 30.77 -16.14
N ALA D 649 29.68 29.54 -16.25
CA ALA D 649 29.11 28.44 -15.50
C ALA D 649 29.60 28.38 -14.07
N LYS D 650 30.75 28.98 -13.76
CA LYS D 650 31.30 28.90 -12.41
C LYS D 650 30.42 29.63 -11.41
N GLU D 651 29.85 30.77 -11.82
CA GLU D 651 28.96 31.50 -10.94
C GLU D 651 27.67 30.74 -10.70
N LEU D 652 27.14 30.06 -11.73
CA LEU D 652 25.91 29.30 -11.52
C LEU D 652 26.15 28.04 -10.70
N PHE D 653 27.31 27.40 -10.86
CA PHE D 653 27.61 26.28 -9.97
C PHE D 653 27.90 26.73 -8.55
N HIS D 654 28.31 27.97 -8.35
CA HIS D 654 28.49 28.43 -6.98
C HIS D 654 27.17 28.88 -6.35
N ILE D 655 26.22 29.38 -7.14
CA ILE D 655 24.95 29.82 -6.59
C ILE D 655 24.12 28.62 -6.14
N TYR D 656 23.93 27.64 -7.03
CA TYR D 656 22.98 26.57 -6.75
C TYR D 656 23.48 25.58 -5.73
N PHE D 657 24.78 25.34 -5.66
CA PHE D 657 25.27 24.28 -4.80
C PHE D 657 26.33 24.75 -3.82
N GLY D 658 26.49 26.05 -3.63
CA GLY D 658 27.46 26.55 -2.68
C GLY D 658 26.91 26.69 -1.29
N GLY D 659 27.81 26.93 -0.35
CA GLY D 659 27.44 27.01 1.05
C GLY D 659 26.85 28.32 1.50
N GLU D 660 26.51 29.22 0.59
CA GLU D 660 25.91 30.50 0.91
C GLU D 660 24.48 30.50 0.42
N SER D 661 23.53 30.67 1.34
CA SER D 661 22.12 30.52 1.01
C SER D 661 21.48 31.79 0.46
N GLU D 662 22.06 32.96 0.73
CA GLU D 662 21.44 34.21 0.35
C GLU D 662 21.51 34.48 -1.14
N LEU D 663 22.53 33.94 -1.83
CA LEU D 663 22.55 33.93 -3.28
C LEU D 663 21.36 33.15 -3.80
N ARG D 664 21.03 32.05 -3.12
CA ARG D 664 19.95 31.16 -3.53
C ARG D 664 18.59 31.74 -3.17
N LYS D 665 18.50 32.55 -2.11
CA LYS D 665 17.27 33.30 -1.87
C LYS D 665 17.09 34.40 -2.91
N ARG D 666 18.17 35.08 -3.27
CA ARG D 666 18.06 36.20 -4.19
C ARG D 666 17.74 35.74 -5.60
N GLU D 667 18.23 34.55 -5.99
CA GLU D 667 17.89 34.04 -7.31
C GLU D 667 16.44 33.60 -7.39
N LEU D 668 16.02 32.77 -6.46
CA LEU D 668 14.90 31.86 -6.64
C LEU D 668 13.55 32.50 -6.34
N CYS D 669 13.49 33.84 -6.33
CA CYS D 669 12.21 34.53 -6.27
C CYS D 669 11.46 34.38 -7.58
N THR D 670 12.08 34.81 -8.67
CA THR D 670 11.46 34.79 -9.99
C THR D 670 11.44 33.37 -10.56
N GLY D 671 10.46 33.12 -11.42
CA GLY D 671 10.28 31.81 -12.00
C GLY D 671 11.32 31.47 -13.04
N VAL D 672 11.10 30.34 -13.68
CA VAL D 672 12.05 29.84 -14.66
C VAL D 672 11.87 30.60 -15.98
N VAL D 673 12.99 31.03 -16.55
CA VAL D 673 12.96 31.71 -17.84
C VAL D 673 12.63 30.70 -18.93
N PRO D 674 11.61 30.95 -19.75
CA PRO D 674 11.29 30.04 -20.85
C PRO D 674 12.41 30.02 -21.88
N LEU D 675 12.40 28.96 -22.69
CA LEU D 675 13.51 28.65 -23.57
C LEU D 675 13.18 29.14 -24.97
N THR D 676 14.14 29.79 -25.61
CA THR D 676 13.92 30.45 -26.89
C THR D 676 13.92 29.43 -28.03
N GLU D 677 13.66 29.91 -29.24
CA GLU D 677 13.54 29.07 -30.42
C GLU D 677 14.89 28.74 -31.05
N THR D 678 15.81 29.71 -31.05
CA THR D 678 17.15 29.47 -31.57
C THR D 678 17.91 28.48 -30.70
N GLN D 679 17.78 28.63 -29.38
CA GLN D 679 18.42 27.70 -28.45
C GLN D 679 17.80 26.31 -28.55
N THR D 680 16.48 26.23 -28.77
CA THR D 680 15.81 24.96 -28.96
C THR D 680 16.32 24.24 -30.19
N GLN D 681 16.38 24.96 -31.32
CA GLN D 681 16.85 24.34 -32.56
C GLN D 681 18.32 23.98 -32.49
N SER D 682 19.14 24.78 -31.78
CA SER D 682 20.54 24.44 -31.62
C SER D 682 20.73 23.18 -30.78
N ILE D 683 19.97 23.07 -29.68
CA ILE D 683 20.07 21.87 -28.83
C ILE D 683 19.59 20.63 -29.58
N HIS D 684 18.46 20.72 -30.25
CA HIS D 684 17.96 19.55 -30.95
C HIS D 684 18.69 19.24 -32.24
N SER D 685 19.51 20.16 -32.76
CA SER D 685 20.21 19.93 -34.02
C SER D 685 21.66 19.53 -33.83
N VAL D 686 22.47 20.36 -33.16
CA VAL D 686 23.88 20.00 -33.02
C VAL D 686 24.08 19.03 -31.86
N ARG D 687 23.03 18.84 -31.04
CA ARG D 687 22.91 17.76 -30.06
C ARG D 687 23.95 17.90 -28.94
N ARG D 688 24.06 19.12 -28.42
CA ARG D 688 24.93 19.42 -27.28
C ARG D 688 24.21 20.38 -26.34
N ILE D 689 24.65 20.39 -25.09
CA ILE D 689 23.97 21.14 -24.03
C ILE D 689 24.96 22.05 -23.30
N PRO D 690 24.70 23.35 -23.20
CA PRO D 690 25.47 24.19 -22.28
C PRO D 690 25.04 23.95 -20.84
N CYS D 691 26.02 23.94 -19.94
CA CYS D 691 25.74 23.64 -18.53
C CYS D 691 24.91 24.75 -17.89
N SER D 692 25.15 26.00 -18.28
CA SER D 692 24.42 27.11 -17.68
C SER D 692 22.95 27.12 -18.10
N LEU D 693 22.67 26.70 -19.32
CA LEU D 693 21.32 26.62 -19.81
C LEU D 693 20.55 25.47 -19.18
N HIS D 694 21.28 24.47 -18.67
CA HIS D 694 20.69 23.39 -17.88
C HIS D 694 20.43 23.82 -16.45
N LEU D 695 21.39 24.50 -15.83
CA LEU D 695 21.22 24.92 -14.45
C LEU D 695 20.18 26.01 -14.31
N GLN D 696 19.90 26.78 -15.36
CA GLN D 696 18.89 27.80 -15.21
C GLN D 696 17.50 27.34 -15.64
N VAL D 697 17.33 26.10 -16.06
CA VAL D 697 16.02 25.54 -16.35
C VAL D 697 15.71 24.37 -15.42
N ASP D 698 16.48 23.29 -15.50
CA ASP D 698 16.13 22.05 -14.79
C ASP D 698 16.34 22.17 -13.29
N THR D 699 17.53 22.62 -12.88
CA THR D 699 17.84 22.72 -11.46
C THR D 699 16.98 23.79 -10.78
N LYS D 700 16.71 24.89 -11.48
CA LYS D 700 15.88 25.94 -10.90
C LYS D 700 14.41 25.51 -10.83
N ALA D 701 13.93 24.76 -11.83
CA ALA D 701 12.57 24.25 -11.78
C ALA D 701 12.40 23.23 -10.67
N TYR D 702 13.43 22.40 -10.44
CA TYR D 702 13.42 21.49 -9.31
C TYR D 702 13.36 22.23 -7.98
N LYS D 703 14.18 23.27 -7.83
CA LYS D 703 14.22 23.95 -6.54
C LYS D 703 12.93 24.70 -6.26
N LEU D 704 12.29 25.23 -7.30
CA LEU D 704 10.96 25.82 -7.09
C LEU D 704 9.93 24.74 -6.74
N ASP D 705 10.04 23.56 -7.34
CA ASP D 705 9.15 22.45 -7.00
C ASP D 705 9.32 21.99 -5.56
N ALA D 706 10.57 21.95 -5.08
CA ALA D 706 10.83 21.53 -3.72
C ALA D 706 10.35 22.56 -2.71
N ILE D 707 10.40 23.85 -3.05
CA ILE D 707 9.76 24.86 -2.20
C ILE D 707 8.26 24.65 -2.16
N GLU D 708 7.66 24.30 -3.30
CA GLU D 708 6.21 24.03 -3.32
C GLU D 708 5.84 22.83 -2.46
N ARG D 709 6.66 21.77 -2.49
CA ARG D 709 6.34 20.56 -1.75
C ARG D 709 6.67 20.66 -0.27
N GLN D 710 7.66 21.45 0.11
CA GLN D 710 8.19 21.39 1.47
C GLN D 710 7.86 22.61 2.34
N ILE D 711 7.10 23.57 1.84
CA ILE D 711 6.76 24.75 2.63
C ILE D 711 5.25 24.98 2.57
N PRO D 712 4.61 25.27 3.72
CA PRO D 712 3.15 25.36 3.75
C PRO D 712 2.60 26.58 3.05
N ASN D 713 1.30 26.53 2.78
CA ASN D 713 0.54 27.66 2.28
C ASN D 713 -0.03 28.41 3.47
N PHE D 714 -0.06 29.74 3.39
CA PHE D 714 -0.43 30.52 4.56
C PHE D 714 -1.93 30.59 4.78
N LEU D 715 -2.73 30.05 3.87
CA LEU D 715 -4.19 30.10 4.05
C LEU D 715 -4.69 28.90 4.86
N ASP D 716 -4.44 27.68 4.37
CA ASP D 716 -4.87 26.48 5.08
C ASP D 716 -3.84 25.97 6.06
N GLY D 717 -2.57 26.30 5.88
CA GLY D 717 -1.53 25.88 6.80
C GLY D 717 -0.88 24.56 6.47
N MET D 718 -1.33 23.87 5.43
CA MET D 718 -0.84 22.54 5.12
C MET D 718 -0.11 22.54 3.79
N THR D 719 0.76 21.55 3.61
CA THR D 719 1.57 21.42 2.40
C THR D 719 0.77 20.73 1.31
N ARG D 720 1.46 20.31 0.25
CA ARG D 720 0.80 19.69 -0.89
C ARG D 720 0.31 18.29 -0.54
N ALA D 721 1.17 17.51 0.13
CA ALA D 721 0.85 16.14 0.49
C ALA D 721 -0.29 16.07 1.50
N ARG D 722 -0.25 16.93 2.52
CA ARG D 722 -1.30 16.91 3.52
C ARG D 722 -2.64 17.39 2.96
N ARG D 723 -2.59 18.22 1.92
CA ARG D 723 -3.82 18.65 1.27
C ARG D 723 -4.43 17.53 0.44
N LYS D 724 -3.58 16.75 -0.26
CA LYS D 724 -4.05 15.54 -0.92
C LYS D 724 -4.61 14.53 0.08
N ILE D 725 -3.97 14.41 1.24
CA ILE D 725 -4.42 13.45 2.25
C ILE D 725 -5.77 13.86 2.84
N LEU D 726 -5.98 15.16 3.08
CA LEU D 726 -7.28 15.62 3.57
C LEU D 726 -8.39 15.45 2.52
N ALA D 727 -8.08 15.74 1.25
CA ALA D 727 -9.08 15.56 0.20
C ALA D 727 -9.44 14.09 -0.01
N GLY D 728 -8.43 13.22 -0.01
CA GLY D 728 -8.68 11.79 -0.12
C GLY D 728 -9.35 11.20 1.10
N GLY D 729 -9.15 11.81 2.28
CA GLY D 729 -9.83 11.35 3.46
C GLY D 729 -11.27 11.77 3.53
N VAL D 730 -11.59 12.97 3.04
CA VAL D 730 -13.00 13.36 2.93
C VAL D 730 -13.70 12.49 1.89
N LYS D 731 -13.00 12.14 0.81
CA LYS D 731 -13.63 11.32 -0.22
C LYS D 731 -13.79 9.86 0.21
N CYS D 732 -12.82 9.33 0.99
CA CYS D 732 -12.82 7.92 1.32
C CYS D 732 -13.87 7.57 2.36
N PHE D 733 -13.91 8.32 3.46
CA PHE D 733 -14.74 8.00 4.61
C PHE D 733 -16.13 8.59 4.50
N ALA D 734 -16.63 8.80 3.29
CA ALA D 734 -17.89 9.52 3.10
C ALA D 734 -19.09 8.68 3.48
N SER D 735 -19.14 7.44 2.99
CA SER D 735 -20.26 6.52 3.20
C SER D 735 -20.46 6.20 4.67
N ASN D 736 -19.49 5.54 5.28
CA ASN D 736 -19.45 5.37 6.72
C ASN D 736 -18.04 5.66 7.19
N ASN D 737 -17.92 6.05 8.45
CA ASN D 737 -16.60 6.39 8.99
C ASN D 737 -15.93 5.15 9.55
N ARG D 738 -15.82 4.11 8.71
CA ARG D 738 -15.19 2.87 9.08
C ARG D 738 -13.68 3.01 8.97
N GLU D 739 -12.97 2.40 9.93
CA GLU D 739 -11.52 2.47 9.98
C GLU D 739 -10.89 1.79 8.78
N ARG D 740 -9.73 2.27 8.39
CA ARG D 740 -8.87 1.60 7.43
C ARG D 740 -7.51 1.46 8.06
N LYS D 741 -6.61 0.73 7.42
CA LYS D 741 -5.23 0.71 7.87
C LYS D 741 -4.52 1.97 7.41
N VAL D 742 -3.22 2.04 7.62
CA VAL D 742 -2.47 3.16 7.05
C VAL D 742 -2.08 2.88 5.60
N PHE D 743 -1.67 1.65 5.28
CA PHE D 743 -1.25 1.38 3.91
C PHE D 743 -2.42 1.25 2.95
N GLN D 744 -3.59 0.90 3.44
CA GLN D 744 -4.77 0.81 2.57
C GLN D 744 -5.33 2.19 2.25
N PHE D 745 -5.41 3.06 3.26
CA PHE D 745 -5.77 4.45 3.02
C PHE D 745 -4.73 5.17 2.18
N GLY D 746 -3.45 4.81 2.34
CA GLY D 746 -2.43 5.39 1.49
C GLY D 746 -2.54 4.95 0.05
N GLY D 747 -2.90 3.69 -0.18
CA GLY D 747 -3.19 3.24 -1.53
C GLY D 747 -4.39 3.97 -2.14
N TYR D 748 -5.39 4.25 -1.31
CA TYR D 748 -6.56 5.01 -1.80
C TYR D 748 -6.17 6.43 -2.19
N VAL D 749 -5.43 7.13 -1.33
CA VAL D 749 -5.09 8.52 -1.65
C VAL D 749 -3.99 8.63 -2.68
N ALA D 750 -3.27 7.56 -2.97
CA ALA D 750 -2.39 7.57 -4.13
C ALA D 750 -3.12 7.23 -5.42
N ASP D 751 -4.25 6.54 -5.34
CA ASP D 751 -4.98 6.26 -6.57
C ASP D 751 -5.84 7.44 -6.99
N HIS D 752 -6.67 7.95 -6.07
CA HIS D 752 -7.69 8.92 -6.49
C HIS D 752 -7.22 10.36 -6.49
N MET D 753 -6.14 10.69 -5.80
CA MET D 753 -5.60 12.03 -5.77
C MET D 753 -4.37 12.20 -6.64
N PHE D 754 -4.03 11.17 -7.43
CA PHE D 754 -3.02 11.22 -8.48
C PHE D 754 -1.63 11.54 -7.93
N TYR D 755 -1.31 10.95 -6.79
CA TYR D 755 0.00 11.12 -6.18
C TYR D 755 1.05 10.39 -7.02
N HIS D 756 2.15 11.07 -7.34
CA HIS D 756 3.15 10.51 -8.24
C HIS D 756 4.49 10.26 -7.57
N HIS D 757 4.50 9.74 -6.34
CA HIS D 757 5.76 9.56 -5.64
C HIS D 757 5.73 8.20 -4.95
N GLY D 758 6.68 7.97 -4.05
CA GLY D 758 6.77 6.71 -3.35
C GLY D 758 5.70 6.52 -2.29
N ASP D 759 5.68 5.32 -1.73
CA ASP D 759 4.66 4.93 -0.77
C ASP D 759 5.09 5.07 0.68
N MET D 760 6.39 4.90 0.95
CA MET D 760 6.91 5.00 2.32
C MET D 760 6.78 6.42 2.85
N SER D 761 7.05 7.42 2.01
CA SER D 761 6.93 8.80 2.45
C SER D 761 5.47 9.21 2.63
N LEU D 762 4.57 8.69 1.80
CA LEU D 762 3.15 8.98 1.98
C LEU D 762 2.62 8.36 3.26
N ASN D 763 3.04 7.13 3.57
CA ASN D 763 2.58 6.49 4.80
C ASN D 763 3.15 7.17 6.04
N THR D 764 4.41 7.64 5.96
CA THR D 764 4.97 8.42 7.06
C THR D 764 4.21 9.73 7.24
N SER D 765 3.78 10.36 6.15
CA SER D 765 3.01 11.59 6.24
C SER D 765 1.65 11.35 6.87
N ILE D 766 1.01 10.22 6.56
CA ILE D 766 -0.29 9.90 7.16
C ILE D 766 -0.13 9.64 8.65
N ILE D 767 0.92 8.93 9.04
CA ILE D 767 1.20 8.64 10.45
C ILE D 767 1.42 9.93 11.22
N LYS D 768 2.28 10.81 10.73
CA LYS D 768 2.53 12.05 11.45
C LYS D 768 1.40 13.06 11.31
N ALA D 769 0.48 12.86 10.37
CA ALA D 769 -0.72 13.69 10.36
C ALA D 769 -1.76 13.20 11.35
N ALA D 770 -1.67 11.95 11.79
CA ALA D 770 -2.64 11.43 12.74
C ALA D 770 -2.23 11.56 14.20
N GLN D 771 -0.96 11.87 14.50
CA GLN D 771 -0.45 11.81 15.86
C GLN D 771 -1.00 12.93 16.73
N TYR D 772 -1.08 12.66 18.04
CA TYR D 772 -1.58 13.64 19.01
C TYR D 772 -1.01 13.30 20.38
N TYR D 773 0.00 14.05 20.80
CA TYR D 773 0.60 13.89 22.12
C TYR D 773 1.09 15.27 22.54
N PRO D 774 1.42 15.47 23.87
CA PRO D 774 1.89 16.80 24.28
C PRO D 774 3.22 17.17 23.68
N GLY D 775 3.19 18.09 22.71
CA GLY D 775 4.37 18.48 21.98
C GLY D 775 4.42 18.01 20.55
N SER D 776 3.34 17.49 20.00
CA SER D 776 3.33 17.09 18.60
C SER D 776 3.20 18.32 17.72
N SER D 777 3.36 18.10 16.42
CA SER D 777 3.29 19.20 15.46
C SER D 777 1.89 19.76 15.36
N HIS D 778 0.90 18.90 15.25
CA HIS D 778 -0.47 19.32 15.06
C HIS D 778 -1.18 19.41 16.40
N LEU D 779 -1.79 20.56 16.66
CA LEU D 779 -2.68 20.69 17.81
C LEU D 779 -4.12 20.35 17.48
N TYR D 780 -4.49 20.38 16.20
CA TYR D 780 -5.85 20.06 15.78
C TYR D 780 -5.72 19.12 14.59
N PRO D 781 -5.51 17.82 14.82
CA PRO D 781 -5.24 16.92 13.71
C PRO D 781 -6.47 16.61 12.89
N VAL D 782 -6.20 16.27 11.62
CA VAL D 782 -7.25 15.89 10.69
C VAL D 782 -7.88 14.57 11.08
N PHE D 783 -7.08 13.64 11.59
CA PHE D 783 -7.55 12.28 11.81
C PHE D 783 -7.56 11.92 13.29
N ILE D 784 -8.35 10.90 13.60
CA ILE D 784 -8.34 10.20 14.87
C ILE D 784 -7.50 8.94 14.69
N GLY D 785 -6.43 8.80 15.46
CA GLY D 785 -5.54 7.67 15.34
C GLY D 785 -5.93 6.56 16.29
N ILE D 786 -5.86 5.32 15.80
CA ILE D 786 -6.36 4.15 16.53
C ILE D 786 -5.24 3.11 16.53
N GLY D 787 -4.58 2.95 17.67
CA GLY D 787 -3.45 2.05 17.77
C GLY D 787 -2.32 2.69 18.54
N SER D 788 -1.08 2.30 18.24
CA SER D 788 0.11 2.89 18.84
C SER D 788 0.66 3.98 17.93
N PHE D 789 0.50 5.24 18.32
CA PHE D 789 1.01 6.37 17.54
C PHE D 789 2.12 7.15 18.22
N GLY D 790 2.91 6.52 19.08
CA GLY D 790 4.09 7.16 19.61
C GLY D 790 3.79 8.14 20.73
N SER D 791 4.86 8.51 21.44
CA SER D 791 4.74 9.27 22.67
C SER D 791 5.68 10.47 22.63
N ARG D 792 5.67 11.23 23.74
CA ARG D 792 6.52 12.39 23.89
C ARG D 792 7.99 12.03 23.90
N HIS D 793 8.30 10.83 24.40
CA HIS D 793 9.62 10.51 24.90
C HIS D 793 10.61 10.31 23.77
N LEU D 794 10.21 9.58 22.73
CA LEU D 794 11.04 9.42 21.54
C LEU D 794 10.64 10.40 20.45
N GLY D 795 9.90 11.44 20.80
CA GLY D 795 9.53 12.45 19.84
C GLY D 795 8.53 12.01 18.80
N GLY D 796 7.73 11.02 19.09
CA GLY D 796 6.81 10.50 18.10
C GLY D 796 7.43 9.61 17.06
N LYS D 797 8.70 9.24 17.22
CA LYS D 797 9.41 8.34 16.33
C LYS D 797 9.27 6.89 16.76
N ASP D 798 8.38 6.60 17.71
CA ASP D 798 8.17 5.26 18.22
C ASP D 798 6.73 4.81 17.98
N ALA D 799 6.24 5.00 16.77
CA ALA D 799 4.92 4.56 16.40
C ALA D 799 4.97 3.09 15.97
N GLY D 800 3.88 2.59 15.40
CA GLY D 800 3.83 1.25 14.88
C GLY D 800 4.15 1.24 13.40
N SER D 801 4.24 0.04 12.85
CA SER D 801 4.34 -0.11 11.42
C SER D 801 2.97 0.17 10.80
N PRO D 802 2.92 0.56 9.52
CA PRO D 802 1.62 0.90 8.92
C PRO D 802 0.67 -0.27 8.68
N ARG D 803 1.09 -1.51 8.92
CA ARG D 803 0.18 -2.64 8.86
C ARG D 803 -0.55 -2.90 10.17
N TYR D 804 -0.23 -2.15 11.22
CA TYR D 804 -0.77 -2.33 12.54
C TYR D 804 -1.80 -1.27 12.91
N ILE D 805 -1.48 -0.02 12.64
CA ILE D 805 -2.19 1.13 13.16
C ILE D 805 -3.24 1.60 12.17
N SER D 806 -4.25 2.29 12.68
CA SER D 806 -5.38 2.70 11.88
C SER D 806 -5.64 4.19 12.05
N VAL D 807 -6.35 4.76 11.08
CA VAL D 807 -6.79 6.14 11.15
C VAL D 807 -8.29 6.18 10.92
N GLN D 808 -8.89 7.32 11.24
CA GLN D 808 -10.31 7.54 11.05
C GLN D 808 -10.49 9.04 10.88
N LEU D 809 -11.56 9.43 10.20
CA LEU D 809 -11.78 10.84 9.92
C LEU D 809 -12.43 11.52 11.13
N ALA D 810 -11.79 12.57 11.65
CA ALA D 810 -12.36 13.35 12.74
C ALA D 810 -13.50 14.19 12.16
N SER D 811 -14.68 13.56 12.09
CA SER D 811 -15.69 13.97 11.11
C SER D 811 -16.31 15.32 11.44
N GLU D 812 -16.59 15.59 12.72
CA GLU D 812 -17.27 16.84 13.03
C GLU D 812 -16.32 18.04 13.02
N PHE D 813 -15.06 17.86 13.40
CA PHE D 813 -14.09 18.95 13.28
C PHE D 813 -13.81 19.29 11.82
N ILE D 814 -13.64 18.27 10.98
CA ILE D 814 -13.46 18.48 9.53
C ILE D 814 -14.70 19.08 8.92
N LYS D 815 -15.88 18.74 9.43
CA LYS D 815 -17.12 19.33 8.91
C LYS D 815 -17.24 20.80 9.29
N THR D 816 -16.88 21.17 10.51
CA THR D 816 -17.06 22.55 10.94
C THR D 816 -15.97 23.48 10.41
N MET D 817 -14.70 23.04 10.42
CA MET D 817 -13.61 23.92 9.99
C MET D 817 -13.59 24.09 8.48
N PHE D 818 -13.82 23.02 7.73
CA PHE D 818 -13.77 23.02 6.27
C PHE D 818 -15.15 22.66 5.76
N PRO D 819 -16.04 23.64 5.57
CA PRO D 819 -17.42 23.31 5.18
C PRO D 819 -17.51 22.77 3.76
N ALA D 820 -18.43 21.83 3.58
CA ALA D 820 -18.52 21.07 2.32
C ALA D 820 -19.07 21.90 1.19
N GLU D 821 -20.00 22.80 1.48
CA GLU D 821 -20.58 23.67 0.47
C GLU D 821 -19.65 24.80 0.05
N ASP D 822 -18.51 24.97 0.73
CA ASP D 822 -17.49 25.89 0.28
C ASP D 822 -16.49 25.26 -0.67
N SER D 823 -16.31 23.94 -0.62
CA SER D 823 -15.31 23.26 -1.43
C SER D 823 -15.71 23.14 -2.88
N TRP D 824 -16.95 23.47 -3.23
CA TRP D 824 -17.33 23.49 -4.63
C TRP D 824 -16.82 24.73 -5.35
N LEU D 825 -16.38 25.74 -4.60
CA LEU D 825 -16.10 27.06 -5.11
C LEU D 825 -14.64 27.43 -4.87
N LEU D 826 -13.75 26.52 -5.17
CA LEU D 826 -12.32 26.70 -4.98
C LEU D 826 -11.58 26.39 -6.27
N PRO D 827 -10.41 26.99 -6.49
CA PRO D 827 -9.59 26.58 -7.62
C PRO D 827 -8.92 25.24 -7.36
N TYR D 828 -8.95 24.37 -8.35
CA TYR D 828 -8.44 23.01 -8.18
C TYR D 828 -7.13 22.81 -8.94
N VAL D 829 -6.45 21.72 -8.58
CA VAL D 829 -5.24 21.26 -9.25
C VAL D 829 -5.65 20.13 -10.18
N PHE D 830 -5.16 20.18 -11.42
CA PHE D 830 -5.38 19.11 -12.39
C PHE D 830 -4.08 18.33 -12.53
N GLU D 831 -4.14 17.03 -12.27
CA GLU D 831 -3.10 16.11 -12.72
C GLU D 831 -3.64 15.28 -13.87
N ASP D 832 -2.95 15.34 -15.00
CA ASP D 832 -3.17 14.49 -16.17
C ASP D 832 -4.55 14.70 -16.79
N GLY D 833 -5.18 15.84 -16.56
CA GLY D 833 -6.51 16.08 -17.08
C GLY D 833 -7.62 16.14 -16.04
N GLN D 834 -7.58 15.27 -15.03
CA GLN D 834 -8.68 15.17 -14.09
C GLN D 834 -8.43 16.04 -12.86
N ARG D 835 -9.54 16.39 -12.19
CA ARG D 835 -9.44 17.11 -10.92
C ARG D 835 -8.86 16.21 -9.85
N ALA D 836 -7.95 16.73 -9.05
CA ALA D 836 -7.53 15.98 -7.89
C ALA D 836 -7.87 16.75 -6.62
N GLU D 837 -7.28 17.91 -6.38
CA GLU D 837 -7.42 18.52 -5.07
C GLU D 837 -7.34 20.03 -5.20
N PRO D 838 -7.79 20.81 -4.20
CA PRO D 838 -7.76 22.27 -4.33
C PRO D 838 -6.36 22.85 -4.40
N GLU D 839 -6.31 24.12 -4.78
CA GLU D 839 -5.08 24.89 -4.66
C GLU D 839 -4.78 25.17 -3.20
N TYR D 840 -5.83 25.31 -2.39
CA TYR D 840 -5.80 25.60 -0.97
C TYR D 840 -7.19 25.40 -0.41
N TYR D 841 -7.26 25.14 0.88
CA TYR D 841 -8.50 25.29 1.63
C TYR D 841 -8.52 26.64 2.32
N VAL D 842 -9.71 27.17 2.52
CA VAL D 842 -9.85 28.44 3.23
C VAL D 842 -10.63 28.14 4.50
N PRO D 843 -9.97 27.89 5.62
CA PRO D 843 -10.68 27.46 6.83
C PRO D 843 -11.41 28.63 7.47
N VAL D 844 -12.23 28.29 8.47
CA VAL D 844 -12.94 29.32 9.23
C VAL D 844 -11.98 30.02 10.18
N LEU D 845 -10.90 29.36 10.60
CA LEU D 845 -9.91 29.99 11.43
C LEU D 845 -8.55 30.01 10.74
N PRO D 846 -7.67 30.98 11.07
CA PRO D 846 -6.36 31.02 10.42
C PRO D 846 -5.45 29.92 10.93
N LEU D 847 -5.58 28.75 10.34
CA LEU D 847 -4.94 27.55 10.84
C LEU D 847 -3.43 27.53 10.60
N ALA D 848 -2.90 28.46 9.82
CA ALA D 848 -1.46 28.48 9.56
C ALA D 848 -0.66 29.02 10.74
N ILE D 849 -1.29 29.71 11.68
CA ILE D 849 -0.64 30.24 12.87
C ILE D 849 -1.10 29.54 14.13
N MET D 850 -1.85 28.45 14.00
CA MET D 850 -2.43 27.75 15.12
C MET D 850 -1.68 26.48 15.48
N GLU D 851 -0.67 26.09 14.70
CA GLU D 851 0.08 24.88 14.98
C GLU D 851 1.58 25.11 14.91
N TYR D 852 2.37 24.04 14.97
CA TYR D 852 3.83 24.10 14.99
C TYR D 852 4.40 23.69 13.63
N GLY D 853 5.73 23.70 13.55
CA GLY D 853 6.40 23.32 12.34
C GLY D 853 7.85 23.74 12.33
N ALA D 854 8.73 22.90 11.77
CA ALA D 854 10.14 23.23 11.62
C ALA D 854 10.70 22.39 10.46
N ASN D 855 10.86 23.01 9.30
CA ASN D 855 11.40 22.32 8.14
C ASN D 855 12.54 23.12 7.54
N PRO D 856 13.50 22.45 6.92
CA PRO D 856 14.30 23.10 5.88
C PRO D 856 13.61 23.02 4.53
N SER D 857 14.19 23.70 3.56
CA SER D 857 13.74 23.66 2.16
C SER D 857 14.90 24.14 1.29
N GLU D 858 14.61 24.49 0.05
CA GLU D 858 15.60 25.09 -0.85
C GLU D 858 15.60 26.60 -0.62
N GLY D 859 16.69 27.12 -0.09
CA GLY D 859 16.84 28.54 0.13
C GLY D 859 16.27 29.09 1.42
N TRP D 860 15.09 28.64 1.82
CA TRP D 860 14.38 29.17 2.97
C TRP D 860 14.21 28.12 4.05
N LYS D 861 13.83 28.60 5.23
CA LYS D 861 13.57 27.82 6.42
C LYS D 861 12.13 28.10 6.87
N TYR D 862 11.48 27.10 7.46
CA TYR D 862 10.15 27.27 8.02
C TYR D 862 10.17 26.86 9.49
N THR D 863 9.62 27.71 10.35
CA THR D 863 9.57 27.44 11.79
C THR D 863 8.47 28.30 12.38
N THR D 864 7.46 27.68 12.99
CA THR D 864 6.40 28.43 13.65
C THR D 864 6.19 27.91 15.06
N TRP D 865 5.61 28.77 15.90
CA TRP D 865 5.19 28.43 17.25
C TRP D 865 3.75 28.90 17.41
N ALA D 866 2.88 28.02 17.88
CA ALA D 866 1.45 28.25 17.80
C ALA D 866 0.98 29.32 18.78
N ARG D 867 -0.09 30.02 18.39
CA ARG D 867 -0.66 31.09 19.18
C ARG D 867 -1.78 30.58 20.06
N GLN D 868 -2.19 31.39 21.03
CA GLN D 868 -3.35 31.08 21.85
C GLN D 868 -4.62 31.02 21.00
N LEU D 869 -5.54 30.15 21.39
CA LEU D 869 -6.80 30.05 20.68
C LEU D 869 -7.68 31.24 20.98
N GLU D 870 -7.68 31.70 22.24
CA GLU D 870 -8.57 32.77 22.68
C GLU D 870 -8.20 34.10 22.04
N ASP D 871 -6.90 34.35 21.84
CA ASP D 871 -6.46 35.57 21.16
C ASP D 871 -6.98 35.61 19.73
N ILE D 872 -6.89 34.48 19.03
CA ILE D 872 -7.33 34.41 17.64
C ILE D 872 -8.84 34.56 17.55
N LEU D 873 -9.57 33.96 18.48
CA LEU D 873 -11.02 34.10 18.52
C LEU D 873 -11.44 35.54 18.79
N ALA D 874 -10.71 36.23 19.69
CA ALA D 874 -11.00 37.62 19.99
C ALA D 874 -10.71 38.52 18.80
N LEU D 875 -9.64 38.22 18.05
CA LEU D 875 -9.30 39.01 16.86
C LEU D 875 -10.35 38.86 15.77
N VAL D 876 -10.77 37.63 15.48
CA VAL D 876 -11.73 37.44 14.40
C VAL D 876 -13.13 37.93 14.80
N ARG D 877 -13.49 37.80 16.08
CA ARG D 877 -14.76 38.38 16.52
C ARG D 877 -14.71 39.90 16.60
N ALA D 878 -13.53 40.49 16.76
CA ALA D 878 -13.43 41.94 16.66
C ALA D 878 -13.54 42.41 15.22
N TYR D 879 -13.04 41.61 14.28
CA TYR D 879 -13.17 42.00 12.88
C TYR D 879 -14.62 41.86 12.40
N VAL D 880 -15.25 40.73 12.67
CA VAL D 880 -16.51 40.40 12.00
C VAL D 880 -17.70 41.06 12.67
N ASP D 881 -17.81 40.94 13.99
CA ASP D 881 -19.00 41.39 14.71
C ASP D 881 -19.02 42.90 14.84
N LYS D 882 -20.15 43.51 14.51
CA LYS D 882 -20.28 44.95 14.56
C LYS D 882 -20.72 45.46 15.94
N ASP D 883 -21.23 44.59 16.80
CA ASP D 883 -21.61 44.98 18.15
C ASP D 883 -20.47 44.80 19.15
N ASN D 884 -19.31 44.35 18.70
CA ASN D 884 -18.14 44.25 19.56
C ASN D 884 -17.52 45.63 19.72
N PRO D 885 -17.26 46.08 20.96
CA PRO D 885 -16.70 47.43 21.14
C PRO D 885 -15.24 47.64 20.75
N LYS D 886 -14.63 46.70 20.04
CA LYS D 886 -13.30 46.90 19.49
C LYS D 886 -13.30 46.66 17.98
N HIS D 887 -14.33 47.15 17.31
CA HIS D 887 -14.60 46.89 15.90
C HIS D 887 -13.89 47.90 15.00
N GLU D 888 -14.25 49.18 15.17
CA GLU D 888 -13.69 50.23 14.32
C GLU D 888 -12.26 50.58 14.71
N LEU D 889 -11.88 50.36 15.97
CA LEU D 889 -10.48 50.46 16.37
C LEU D 889 -9.64 49.46 15.61
N LEU D 890 -10.13 48.22 15.51
CA LEU D 890 -9.39 47.19 14.80
C LEU D 890 -9.40 47.44 13.29
N HIS D 891 -10.46 48.06 12.77
CA HIS D 891 -10.44 48.46 11.37
C HIS D 891 -9.43 49.56 11.09
N TYR D 892 -9.31 50.53 11.99
CA TYR D 892 -8.26 51.55 11.89
C TYR D 892 -6.87 50.92 11.96
N ALA D 893 -6.71 49.92 12.83
CA ALA D 893 -5.42 49.25 12.94
C ALA D 893 -5.07 48.45 11.70
N ILE D 894 -6.08 47.87 11.03
CA ILE D 894 -5.82 47.22 9.75
C ILE D 894 -5.47 48.24 8.68
N LYS D 895 -6.10 49.43 8.72
CA LYS D 895 -5.77 50.48 7.75
C LYS D 895 -4.35 51.00 7.93
N HIS D 896 -3.88 51.13 9.18
CA HIS D 896 -2.62 51.79 9.44
C HIS D 896 -1.56 50.85 10.04
N LYS D 897 -1.80 49.54 10.01
CA LYS D 897 -0.78 48.50 10.23
C LYS D 897 -0.21 48.54 11.64
N ILE D 898 -1.06 48.80 12.63
CA ILE D 898 -0.65 48.82 14.03
C ILE D 898 -1.40 47.71 14.76
N THR D 899 -0.98 47.45 15.99
CA THR D 899 -1.55 46.37 16.79
C THR D 899 -2.30 46.94 17.99
N ILE D 900 -3.38 46.26 18.38
CA ILE D 900 -4.19 46.64 19.53
C ILE D 900 -4.31 45.49 20.50
N LEU D 901 -4.82 44.36 20.02
CA LEU D 901 -5.13 43.11 20.71
C LEU D 901 -3.88 42.23 20.79
N PRO D 902 -3.66 41.58 21.93
CA PRO D 902 -2.44 40.79 22.11
C PRO D 902 -2.48 39.50 21.31
N LEU D 903 -1.31 38.90 21.16
CA LEU D 903 -1.21 37.63 20.45
C LEU D 903 -0.06 36.85 21.07
N ARG D 904 -0.38 36.03 22.04
CA ARG D 904 0.58 35.31 22.87
C ARG D 904 0.84 33.92 22.31
N PRO D 905 1.95 33.30 22.68
CA PRO D 905 2.15 31.90 22.31
C PRO D 905 1.21 30.98 23.05
N SER D 906 1.03 29.78 22.51
CA SER D 906 0.12 28.80 23.08
C SER D 906 0.81 28.02 24.18
N ASN D 907 0.31 28.17 25.41
CA ASN D 907 0.80 27.42 26.55
C ASN D 907 -0.09 26.23 26.88
N TYR D 908 -0.99 25.85 25.99
CA TYR D 908 -1.86 24.71 26.23
C TYR D 908 -1.04 23.44 26.28
N ASN D 909 -1.35 22.60 27.27
CA ASN D 909 -0.73 21.28 27.50
C ASN D 909 0.76 21.43 27.81
N PHE D 910 1.15 22.57 28.38
CA PHE D 910 2.51 22.88 28.74
C PHE D 910 2.52 23.46 30.14
N LYS D 911 3.33 22.89 31.03
CA LYS D 911 3.28 23.22 32.44
C LYS D 911 4.47 24.00 32.94
N GLY D 912 5.40 24.40 32.06
CA GLY D 912 6.44 25.35 32.40
C GLY D 912 5.93 26.77 32.27
N HIS D 913 6.84 27.70 31.97
CA HIS D 913 6.38 29.09 31.88
C HIS D 913 7.15 29.87 30.83
N LEU D 914 6.50 30.91 30.32
CA LEU D 914 6.96 31.69 29.17
C LEU D 914 7.27 33.12 29.61
N LYS D 915 8.40 33.65 29.14
CA LYS D 915 8.83 35.00 29.50
C LYS D 915 9.30 35.75 28.25
N ARG D 916 8.85 36.99 28.09
CA ARG D 916 9.22 37.82 26.94
C ARG D 916 10.34 38.77 27.34
N PHE D 917 11.53 38.54 26.81
CA PHE D 917 12.71 39.34 27.15
C PHE D 917 13.23 39.99 25.88
N GLY D 918 13.06 41.30 25.78
CA GLY D 918 13.48 42.02 24.60
C GLY D 918 12.58 41.74 23.41
N GLN D 919 13.13 41.00 22.45
CA GLN D 919 12.45 40.79 21.18
C GLN D 919 12.01 39.34 20.98
N TYR D 920 12.20 38.47 21.98
CA TYR D 920 11.78 37.08 21.86
C TYR D 920 11.18 36.57 23.16
N TYR D 921 10.43 35.49 23.02
CA TYR D 921 9.95 34.70 24.14
C TYR D 921 10.91 33.56 24.42
N TYR D 922 11.00 33.19 25.70
CA TYR D 922 11.73 32.02 26.17
C TYR D 922 10.76 31.12 26.91
N SER D 923 11.02 29.81 26.84
CA SER D 923 10.23 28.81 27.54
C SER D 923 11.10 28.10 28.56
N TYR D 924 10.53 27.88 29.74
CA TYR D 924 11.23 27.42 30.93
C TYR D 924 10.59 26.16 31.47
N GLY D 925 11.42 25.16 31.78
CA GLY D 925 10.97 23.98 32.48
C GLY D 925 11.12 24.13 33.99
N THR D 926 10.59 23.14 34.71
CA THR D 926 10.42 23.23 36.15
C THR D 926 11.24 22.16 36.86
N TYR D 927 12.05 22.58 37.83
CA TYR D 927 12.77 21.64 38.68
C TYR D 927 12.19 21.68 40.09
N VAL D 928 12.78 20.87 40.96
CA VAL D 928 12.39 20.81 42.37
C VAL D 928 13.57 20.26 43.15
N ILE D 929 14.08 21.02 44.11
CA ILE D 929 15.38 20.77 44.71
C ILE D 929 15.21 20.30 46.14
N SER D 930 16.18 19.54 46.63
CA SER D 930 16.21 19.07 48.01
C SER D 930 17.66 18.79 48.39
N GLU D 931 18.21 19.60 49.29
CA GLU D 931 19.61 19.44 49.70
C GLU D 931 19.79 18.35 50.75
N GLN D 932 18.68 17.86 51.34
CA GLN D 932 18.76 16.80 52.33
C GLN D 932 19.11 15.46 51.72
N ARG D 933 18.98 15.31 50.40
CA ARG D 933 19.33 14.09 49.72
C ARG D 933 20.18 14.32 48.48
N ASN D 934 20.54 15.58 48.18
CA ASN D 934 21.23 16.00 46.95
C ASN D 934 20.48 15.55 45.70
N ILE D 935 19.18 15.81 45.68
CA ILE D 935 18.30 15.40 44.59
C ILE D 935 17.66 16.65 44.00
N ILE D 936 17.74 16.77 42.68
CA ILE D 936 16.91 17.69 41.91
C ILE D 936 15.93 16.85 41.12
N THR D 937 14.66 17.21 41.15
CA THR D 937 13.61 16.49 40.44
C THR D 937 13.09 17.36 39.31
N ILE D 938 13.39 16.98 38.08
CA ILE D 938 12.85 17.70 36.91
C ILE D 938 11.42 17.26 36.71
N THR D 939 10.50 18.21 36.70
CA THR D 939 9.08 17.88 36.51
C THR D 939 8.51 18.43 35.22
N GLU D 940 9.30 19.15 34.42
CA GLU D 940 8.82 19.74 33.18
C GLU D 940 10.01 20.11 32.32
N LEU D 941 9.93 19.79 31.04
CA LEU D 941 10.89 20.21 30.04
C LEU D 941 10.32 21.36 29.22
N PRO D 942 11.16 22.15 28.51
CA PRO D 942 10.63 23.21 27.64
C PRO D 942 9.82 22.70 26.44
N LEU D 943 9.30 23.61 25.62
CA LEU D 943 8.41 23.23 24.53
C LEU D 943 9.13 22.42 23.45
N ARG D 944 8.53 21.28 23.10
CA ARG D 944 8.96 20.40 22.03
C ARG D 944 10.38 19.89 22.25
N VAL D 945 10.64 19.43 23.46
CA VAL D 945 11.91 18.79 23.83
C VAL D 945 11.62 17.31 24.09
N PRO D 946 12.16 16.40 23.28
CA PRO D 946 12.04 14.98 23.60
C PRO D 946 12.83 14.62 24.84
N THR D 947 12.35 13.59 25.53
CA THR D 947 12.87 13.27 26.86
C THR D 947 14.19 12.51 26.78
N VAL D 948 14.25 11.49 25.92
CA VAL D 948 15.45 10.68 25.87
C VAL D 948 16.58 11.42 25.14
N ALA D 949 16.22 12.33 24.23
CA ALA D 949 17.23 13.18 23.59
C ALA D 949 17.82 14.18 24.59
N TYR D 950 16.97 14.72 25.47
CA TYR D 950 17.46 15.58 26.54
C TYR D 950 18.38 14.83 27.50
N ILE D 951 18.00 13.61 27.88
CA ILE D 951 18.81 12.88 28.84
C ILE D 951 20.12 12.43 28.23
N GLU D 952 20.13 12.03 26.96
CA GLU D 952 21.41 11.70 26.35
C GLU D 952 22.24 12.95 26.06
N SER D 953 21.62 14.12 25.91
CA SER D 953 22.39 15.34 25.72
C SER D 953 23.03 15.81 27.02
N ILE D 954 22.39 15.54 28.16
CA ILE D 954 22.99 15.98 29.42
C ILE D 954 24.13 15.05 29.85
N LYS D 955 24.25 13.86 29.25
CA LYS D 955 25.30 12.92 29.60
C LYS D 955 26.57 13.09 28.78
N LYS D 956 26.53 13.86 27.71
CA LYS D 956 27.72 14.06 26.88
C LYS D 956 28.57 15.22 27.33
N SER D 957 28.03 16.10 28.16
CA SER D 957 28.76 17.27 28.64
C SER D 957 29.51 16.88 29.91
N SER D 958 30.82 16.63 29.78
CA SER D 958 31.64 16.25 30.92
C SER D 958 31.87 17.40 31.90
N ASN D 959 31.57 18.64 31.51
CA ASN D 959 31.57 19.75 32.45
C ASN D 959 30.44 19.59 33.47
N ARG D 960 29.35 18.92 33.08
CA ARG D 960 28.25 18.65 33.98
C ARG D 960 28.31 17.27 34.61
N MET D 961 29.01 16.33 33.99
CA MET D 961 29.10 14.98 34.54
C MET D 961 30.00 14.91 35.77
N THR D 962 30.85 15.91 35.97
CA THR D 962 31.70 15.98 37.15
C THR D 962 30.94 16.35 38.41
N PHE D 963 29.65 16.66 38.31
CA PHE D 963 28.85 17.05 39.45
C PHE D 963 27.70 16.10 39.77
N ILE D 964 27.34 15.21 38.84
CA ILE D 964 26.24 14.29 39.08
C ILE D 964 26.77 12.86 39.05
N GLU D 965 26.11 11.98 39.79
CA GLU D 965 26.45 10.57 39.87
C GLU D 965 25.49 9.69 39.07
N GLU D 966 24.20 9.76 39.35
CA GLU D 966 23.24 8.82 38.80
C GLU D 966 21.98 9.56 38.37
N ILE D 967 21.48 9.20 37.19
CA ILE D 967 20.32 9.83 36.58
C ILE D 967 19.29 8.74 36.24
N ILE D 968 18.08 8.88 36.78
CA ILE D 968 17.05 7.85 36.67
C ILE D 968 15.77 8.49 36.15
N ASP D 969 15.14 7.85 35.17
CA ASP D 969 13.90 8.30 34.56
C ASP D 969 12.71 7.58 35.18
N TYR D 970 11.78 8.34 35.75
CA TYR D 970 10.53 7.82 36.29
C TYR D 970 9.34 8.43 35.56
N SER D 971 9.42 8.56 34.25
CA SER D 971 8.40 9.29 33.53
C SER D 971 7.14 8.46 33.35
N SER D 972 6.03 9.14 33.14
CA SER D 972 4.78 8.52 32.77
C SER D 972 4.70 8.39 31.26
N SER D 973 3.51 8.09 30.75
CA SER D 973 3.32 8.07 29.30
C SER D 973 3.22 9.48 28.73
N GLU D 974 2.72 10.43 29.51
CA GLU D 974 2.54 11.80 29.05
C GLU D 974 3.03 12.85 30.06
N THR D 975 3.73 12.43 31.11
CA THR D 975 4.15 13.33 32.17
C THR D 975 5.62 13.09 32.44
N ILE D 976 6.37 14.17 32.63
CA ILE D 976 7.81 14.10 32.84
C ILE D 976 8.09 13.96 34.32
N GLU D 977 9.05 13.10 34.67
CA GLU D 977 9.57 13.02 36.04
C GLU D 977 10.99 12.45 35.97
N ILE D 978 11.98 13.32 36.08
CA ILE D 978 13.38 12.95 35.93
C ILE D 978 14.06 13.18 37.27
N LEU D 979 14.94 12.26 37.65
CA LEU D 979 15.58 12.34 38.96
C LEU D 979 17.09 12.23 38.79
N VAL D 980 17.81 13.27 39.20
CA VAL D 980 19.25 13.25 39.19
C VAL D 980 19.74 12.89 40.59
N LYS D 981 21.01 12.53 40.69
CA LYS D 981 21.66 12.37 41.98
C LYS D 981 22.98 13.13 41.94
N LEU D 982 23.26 13.87 43.00
CA LEU D 982 24.47 14.67 43.08
C LEU D 982 25.47 13.99 44.01
N LYS D 983 26.74 14.03 43.64
CA LYS D 983 27.78 13.66 44.58
C LYS D 983 27.85 14.73 45.68
N PRO D 984 28.24 14.35 46.90
CA PRO D 984 28.11 15.27 48.04
C PRO D 984 29.03 16.47 47.94
N ASN D 985 28.51 17.61 48.42
CA ASN D 985 29.16 18.92 48.40
C ASN D 985 29.51 19.33 46.97
N SER D 986 28.45 19.50 46.17
CA SER D 986 28.60 20.06 44.83
C SER D 986 27.52 21.06 44.43
N LEU D 987 26.52 21.33 45.28
CA LEU D 987 25.55 22.36 44.96
C LEU D 987 26.17 23.76 44.98
N ASN D 988 27.01 24.03 45.98
CA ASN D 988 27.64 25.35 46.07
C ASN D 988 28.62 25.59 44.93
N ARG D 989 29.27 24.52 44.44
CA ARG D 989 30.12 24.66 43.26
C ARG D 989 29.30 24.94 42.01
N ILE D 990 28.09 24.39 41.93
CA ILE D 990 27.19 24.72 40.82
C ILE D 990 26.77 26.17 40.88
N VAL D 991 26.45 26.67 42.09
CA VAL D 991 25.99 28.04 42.22
C VAL D 991 27.10 29.04 41.91
N GLU D 992 28.33 28.77 42.38
CA GLU D 992 29.40 29.71 42.09
C GLU D 992 30.02 29.51 40.71
N GLU D 993 29.80 28.35 40.07
CA GLU D 993 30.48 28.03 38.82
C GLU D 993 29.60 28.25 37.60
N PHE D 994 28.33 27.88 37.65
CA PHE D 994 27.36 28.22 36.61
C PHE D 994 26.59 29.44 37.08
N LYS D 995 26.99 30.61 36.58
CA LYS D 995 26.53 31.89 37.13
C LYS D 995 25.09 32.18 36.74
N GLU D 996 24.48 33.05 37.52
CA GLU D 996 23.07 33.41 37.37
C GLU D 996 22.95 34.82 36.82
N THR D 997 22.31 34.95 35.67
CA THR D 997 21.82 36.23 35.19
C THR D 997 20.35 36.37 35.56
N GLU D 998 19.77 37.52 35.25
CA GLU D 998 18.36 37.72 35.57
C GLU D 998 17.44 37.16 34.50
N GLU D 999 17.98 36.56 33.45
CA GLU D 999 17.18 35.89 32.43
C GLU D 999 17.09 34.38 32.65
N GLN D 1000 18.07 33.77 33.31
CA GLN D 1000 17.99 32.34 33.61
C GLN D 1000 18.72 32.03 34.91
N ASP D 1001 18.18 31.04 35.62
CA ASP D 1001 18.66 30.62 36.92
C ASP D 1001 19.97 29.84 36.77
N SER D 1002 20.66 29.62 37.89
CA SER D 1002 21.85 28.79 37.87
C SER D 1002 21.50 27.32 37.68
N ILE D 1003 20.40 26.86 38.29
CA ILE D 1003 20.00 25.47 38.16
C ILE D 1003 19.48 25.21 36.76
N GLU D 1004 18.82 26.20 36.14
CA GLU D 1004 18.38 26.07 34.76
C GLU D 1004 19.55 26.19 33.79
N ASN D 1005 20.58 26.93 34.16
CA ASN D 1005 21.79 26.96 33.35
C ASN D 1005 22.52 25.64 33.45
N PHE D 1006 22.43 24.98 34.61
CA PHE D 1006 23.06 23.68 34.79
C PHE D 1006 22.30 22.59 34.05
N LEU D 1007 20.97 22.62 34.08
CA LEU D 1007 20.15 21.51 33.61
C LEU D 1007 19.47 21.78 32.27
N ARG D 1008 19.93 22.79 31.51
CA ARG D 1008 19.49 23.05 30.12
C ARG D 1008 18.00 23.35 30.03
N LEU D 1009 17.48 24.19 30.92
CA LEU D 1009 16.04 24.29 31.13
C LEU D 1009 15.41 25.57 30.61
N ARG D 1010 15.89 26.11 29.49
CA ARG D 1010 15.12 27.10 28.75
C ARG D 1010 15.49 27.03 27.28
N ASN D 1011 14.58 27.50 26.43
CA ASN D 1011 14.94 27.71 25.03
C ASN D 1011 14.20 28.91 24.45
N CYS D 1012 14.68 29.39 23.31
CA CYS D 1012 14.10 30.55 22.65
C CYS D 1012 13.06 30.13 21.63
N LEU D 1013 11.95 30.86 21.58
CA LEU D 1013 10.91 30.61 20.59
C LEU D 1013 11.20 31.49 19.38
N HIS D 1014 12.06 31.01 18.49
CA HIS D 1014 12.57 31.80 17.39
C HIS D 1014 11.92 31.33 16.09
N SER D 1015 11.30 32.26 15.37
CA SER D 1015 10.42 31.96 14.26
C SER D 1015 11.06 32.29 12.92
N HIS D 1016 10.60 31.59 11.88
CA HIS D 1016 10.99 31.85 10.49
C HIS D 1016 9.71 31.72 9.66
N LEU D 1017 8.99 32.83 9.51
CA LEU D 1017 7.66 32.81 8.90
C LEU D 1017 7.83 32.98 7.40
N ASN D 1018 7.97 31.85 6.70
CA ASN D 1018 8.18 31.82 5.26
C ASN D 1018 7.18 30.84 4.66
N PHE D 1019 6.18 31.34 3.95
CA PHE D 1019 5.12 30.51 3.41
C PHE D 1019 5.13 30.58 1.89
N VAL D 1020 4.28 29.79 1.25
CA VAL D 1020 4.04 29.96 -0.18
C VAL D 1020 2.70 30.65 -0.33
N LYS D 1021 2.53 31.36 -1.42
CA LYS D 1021 1.34 32.14 -1.69
C LYS D 1021 0.52 31.46 -2.78
N PRO D 1022 -0.76 31.83 -2.93
CA PRO D 1022 -1.52 31.32 -4.07
C PRO D 1022 -0.96 31.82 -5.40
N LYS D 1023 -1.19 31.01 -6.44
CA LYS D 1023 -0.58 31.12 -7.76
C LYS D 1023 0.95 31.06 -7.68
N GLY D 1024 1.47 30.32 -6.70
CA GLY D 1024 2.87 29.98 -6.64
C GLY D 1024 3.83 31.07 -6.18
N GLY D 1025 4.85 30.68 -5.44
CA GLY D 1025 5.87 31.64 -5.05
C GLY D 1025 6.01 31.82 -3.56
N ILE D 1026 7.23 32.12 -3.12
CA ILE D 1026 7.48 32.34 -1.70
C ILE D 1026 6.91 33.69 -1.29
N ILE D 1027 6.52 33.79 -0.03
CA ILE D 1027 6.18 35.04 0.63
C ILE D 1027 6.75 34.97 2.04
N GLU D 1028 7.33 36.07 2.51
CA GLU D 1028 7.98 36.07 3.81
C GLU D 1028 7.42 37.19 4.66
N PHE D 1029 6.81 36.80 5.78
CA PHE D 1029 6.16 37.69 6.72
C PHE D 1029 7.09 38.01 7.88
N ASN D 1030 6.75 39.05 8.63
CA ASN D 1030 7.52 39.48 9.77
C ASN D 1030 6.87 39.16 11.11
N THR D 1031 5.55 39.19 11.19
CA THR D 1031 4.87 38.86 12.43
C THR D 1031 3.56 38.17 12.09
N TYR D 1032 2.93 37.59 13.11
CA TYR D 1032 1.74 36.78 12.90
C TYR D 1032 0.51 37.63 12.57
N TYR D 1033 0.54 38.90 12.95
CA TYR D 1033 -0.53 39.83 12.59
C TYR D 1033 -0.61 40.03 11.08
N GLU D 1034 0.53 40.03 10.40
CA GLU D 1034 0.53 40.14 8.95
C GLU D 1034 -0.14 38.94 8.30
N ILE D 1035 0.04 37.75 8.89
CA ILE D 1035 -0.55 36.54 8.35
C ILE D 1035 -2.06 36.55 8.55
N LEU D 1036 -2.51 37.01 9.72
CA LEU D 1036 -3.95 37.12 9.97
C LEU D 1036 -4.61 38.14 9.04
N TYR D 1037 -3.96 39.30 8.84
CA TYR D 1037 -4.55 40.35 8.04
C TYR D 1037 -4.51 40.00 6.56
N ALA D 1038 -3.58 39.14 6.15
CA ALA D 1038 -3.61 38.61 4.80
C ALA D 1038 -4.67 37.54 4.65
N TRP D 1039 -4.99 36.83 5.73
CA TRP D 1039 -5.95 35.72 5.64
C TRP D 1039 -7.40 36.19 5.50
N LEU D 1040 -7.80 37.23 6.23
CA LEU D 1040 -9.22 37.62 6.31
C LEU D 1040 -9.99 37.90 4.99
N PRO D 1041 -9.46 38.64 3.99
CA PRO D 1041 -10.30 38.95 2.82
C PRO D 1041 -10.67 37.76 1.94
N TYR D 1042 -9.84 36.71 1.91
CA TYR D 1042 -10.18 35.50 1.17
C TYR D 1042 -11.44 34.85 1.70
N ARG D 1043 -11.56 34.72 3.03
CA ARG D 1043 -12.75 34.13 3.63
C ARG D 1043 -13.96 35.01 3.41
N ARG D 1044 -13.77 36.34 3.47
CA ARG D 1044 -14.86 37.28 3.22
C ARG D 1044 -15.45 37.12 1.82
N GLU D 1045 -14.58 37.11 0.81
CA GLU D 1045 -15.06 36.96 -0.56
C GLU D 1045 -15.65 35.58 -0.82
N LEU D 1046 -15.16 34.55 -0.12
CA LEU D 1046 -15.70 33.21 -0.32
C LEU D 1046 -17.13 33.11 0.22
N TYR D 1047 -17.44 33.78 1.33
CA TYR D 1047 -18.83 33.87 1.78
C TYR D 1047 -19.71 34.61 0.77
N GLN D 1048 -19.18 35.68 0.17
CA GLN D 1048 -20.00 36.40 -0.80
C GLN D 1048 -20.35 35.54 -2.01
N LYS D 1049 -19.38 34.77 -2.51
CA LYS D 1049 -19.72 33.99 -3.70
C LYS D 1049 -20.55 32.75 -3.38
N ARG D 1050 -20.44 32.18 -2.17
CA ARG D 1050 -21.36 31.08 -1.86
C ARG D 1050 -22.79 31.56 -1.69
N LEU D 1051 -22.99 32.79 -1.20
CA LEU D 1051 -24.36 33.30 -1.11
C LEU D 1051 -24.94 33.61 -2.49
N MET D 1052 -24.11 34.12 -3.39
CA MET D 1052 -24.58 34.35 -4.76
C MET D 1052 -24.97 33.05 -5.46
N ARG D 1053 -24.15 32.00 -5.27
CA ARG D 1053 -24.47 30.69 -5.84
C ARG D 1053 -25.76 30.12 -5.26
N GLU D 1054 -25.96 30.25 -3.94
CA GLU D 1054 -27.18 29.72 -3.31
C GLU D 1054 -28.43 30.45 -3.80
N HIS D 1055 -28.34 31.77 -3.96
CA HIS D 1055 -29.45 32.56 -4.48
C HIS D 1055 -29.86 32.12 -5.87
N ALA D 1056 -28.86 31.89 -6.74
CA ALA D 1056 -29.14 31.46 -8.11
C ALA D 1056 -29.79 30.08 -8.15
N VAL D 1057 -29.25 29.13 -7.37
CA VAL D 1057 -29.77 27.77 -7.39
C VAL D 1057 -31.18 27.71 -6.81
N LEU D 1058 -31.48 28.54 -5.80
CA LEU D 1058 -32.83 28.55 -5.22
C LEU D 1058 -33.86 29.08 -6.22
N LYS D 1059 -33.54 30.17 -6.93
CA LYS D 1059 -34.47 30.65 -7.96
C LYS D 1059 -34.71 29.61 -9.05
N LEU D 1060 -33.65 28.94 -9.47
CA LEU D 1060 -33.79 27.95 -10.54
C LEU D 1060 -34.59 26.73 -10.09
N ARG D 1061 -34.45 26.31 -8.83
CA ARG D 1061 -35.22 25.17 -8.34
C ARG D 1061 -36.69 25.50 -8.07
N ILE D 1062 -36.99 26.74 -7.66
CA ILE D 1062 -38.38 27.20 -7.60
C ILE D 1062 -39.03 27.11 -8.98
N ILE D 1063 -38.32 27.60 -10.01
CA ILE D 1063 -38.80 27.51 -11.38
C ILE D 1063 -38.98 26.05 -11.81
N MET D 1064 -38.11 25.15 -11.33
CA MET D 1064 -38.23 23.75 -11.76
C MET D 1064 -39.43 23.05 -11.12
N GLU D 1065 -39.64 23.22 -9.82
CA GLU D 1065 -40.75 22.49 -9.20
C GLU D 1065 -42.11 23.11 -9.45
N THR D 1066 -42.17 24.42 -9.75
CA THR D 1066 -43.47 24.98 -10.09
C THR D 1066 -43.72 24.89 -11.60
N ALA D 1067 -43.43 23.74 -12.14
CA ALA D 1067 -43.90 23.12 -13.36
C ALA D 1067 -44.27 21.68 -13.10
N ILE D 1068 -43.53 21.00 -12.23
CA ILE D 1068 -43.81 19.60 -11.89
C ILE D 1068 -45.13 19.50 -11.13
N VAL D 1069 -45.40 20.46 -10.25
CA VAL D 1069 -46.63 20.36 -9.46
C VAL D 1069 -47.87 20.58 -10.34
N ARG D 1070 -47.81 21.54 -11.27
CA ARG D 1070 -48.95 21.70 -12.15
C ARG D 1070 -49.02 20.60 -13.21
N TYR D 1071 -47.90 19.92 -13.50
CA TYR D 1071 -48.01 18.73 -14.34
C TYR D 1071 -48.71 17.59 -13.62
N ILE D 1072 -48.49 17.47 -12.31
CA ILE D 1072 -49.25 16.47 -11.57
C ILE D 1072 -50.73 16.85 -11.53
N ASN D 1073 -51.01 18.15 -11.47
CA ASN D 1073 -52.41 18.58 -11.50
C ASN D 1073 -53.07 18.37 -12.86
N GLU D 1074 -52.30 18.40 -13.95
CA GLU D 1074 -52.87 18.40 -15.29
C GLU D 1074 -52.56 17.16 -16.12
N SER D 1075 -51.82 16.20 -15.58
CA SER D 1075 -51.46 15.01 -16.34
C SER D 1075 -52.55 13.95 -16.32
N ALA D 1076 -53.58 14.11 -15.50
CA ALA D 1076 -54.69 13.17 -15.52
C ALA D 1076 -55.49 13.29 -16.79
N GLU D 1077 -55.61 14.52 -17.32
CA GLU D 1077 -56.29 14.75 -18.58
C GLU D 1077 -55.34 15.12 -19.71
N LEU D 1078 -54.07 15.38 -19.43
CA LEU D 1078 -53.10 15.51 -20.50
C LEU D 1078 -52.88 14.17 -21.18
N ASN D 1079 -52.88 13.09 -20.40
CA ASN D 1079 -52.90 11.69 -20.86
C ASN D 1079 -51.69 11.39 -21.76
N LEU D 1080 -50.53 11.42 -21.12
CA LEU D 1080 -49.28 11.16 -21.83
C LEU D 1080 -49.14 9.70 -22.27
N SER D 1081 -49.95 8.79 -21.72
CA SER D 1081 -49.95 7.40 -22.13
C SER D 1081 -50.44 7.18 -23.56
N HIS D 1082 -51.09 8.18 -24.16
CA HIS D 1082 -51.65 8.07 -25.49
C HIS D 1082 -50.64 8.31 -26.61
N TYR D 1083 -49.52 8.95 -26.31
CA TYR D 1083 -48.60 9.41 -27.34
C TYR D 1083 -47.59 8.33 -27.69
N GLU D 1084 -46.96 8.49 -28.86
CA GLU D 1084 -46.17 7.41 -29.43
C GLU D 1084 -44.81 7.29 -28.77
N ASP D 1085 -43.99 8.34 -28.84
CA ASP D 1085 -42.65 8.31 -28.28
C ASP D 1085 -42.43 9.63 -27.54
N GLU D 1086 -41.18 9.89 -27.17
CA GLU D 1086 -40.90 11.04 -26.32
C GLU D 1086 -40.77 12.35 -27.11
N LYS D 1087 -40.63 12.29 -28.43
CA LYS D 1087 -40.56 13.52 -29.20
C LYS D 1087 -41.93 14.18 -29.33
N GLU D 1088 -42.96 13.37 -29.61
CA GLU D 1088 -44.34 13.84 -29.59
C GLU D 1088 -44.73 14.35 -28.21
N ALA D 1089 -44.25 13.67 -27.16
CA ALA D 1089 -44.53 14.09 -25.79
C ALA D 1089 -43.84 15.42 -25.47
N SER D 1090 -42.59 15.59 -25.91
CA SER D 1090 -41.89 16.85 -25.68
C SER D 1090 -42.53 17.99 -26.45
N ARG D 1091 -43.03 17.71 -27.65
CA ARG D 1091 -43.77 18.70 -28.42
C ARG D 1091 -45.04 19.13 -27.71
N ILE D 1092 -45.84 18.17 -27.24
CA ILE D 1092 -47.10 18.53 -26.62
C ILE D 1092 -46.90 19.10 -25.22
N LEU D 1093 -45.75 18.82 -24.58
CA LEU D 1093 -45.44 19.50 -23.32
C LEU D 1093 -44.98 20.93 -23.56
N SER D 1094 -44.26 21.18 -24.66
CA SER D 1094 -43.87 22.55 -24.97
C SER D 1094 -45.02 23.37 -25.53
N GLU D 1095 -46.06 22.72 -26.05
CA GLU D 1095 -47.24 23.44 -26.52
C GLU D 1095 -48.21 23.82 -25.42
N HIS D 1096 -47.90 23.54 -24.15
CA HIS D 1096 -48.74 23.97 -23.04
C HIS D 1096 -47.98 24.81 -22.02
N GLY D 1097 -46.78 25.28 -22.38
CA GLY D 1097 -46.07 26.20 -21.53
C GLY D 1097 -45.18 25.58 -20.48
N PHE D 1098 -44.65 24.38 -20.74
CA PHE D 1098 -43.71 23.94 -19.72
C PHE D 1098 -42.29 24.36 -20.10
N PRO D 1099 -41.50 24.83 -19.13
CA PRO D 1099 -40.18 25.37 -19.47
C PRO D 1099 -39.17 24.26 -19.73
N PRO D 1100 -38.39 24.37 -20.79
CA PRO D 1100 -37.28 23.42 -20.99
C PRO D 1100 -36.17 23.69 -20.00
N LEU D 1101 -35.73 22.64 -19.32
CA LEU D 1101 -34.80 22.78 -18.20
C LEU D 1101 -33.71 21.73 -18.32
N ASN D 1102 -32.54 22.05 -17.77
CA ASN D 1102 -31.43 21.11 -17.68
C ASN D 1102 -31.48 20.48 -16.30
N HIS D 1103 -32.12 19.31 -16.20
CA HIS D 1103 -32.42 18.71 -14.90
C HIS D 1103 -31.19 18.20 -14.18
N THR D 1104 -30.18 17.73 -14.91
CA THR D 1104 -28.99 17.17 -14.28
C THR D 1104 -28.01 18.23 -13.78
N LEU D 1105 -28.31 19.51 -13.95
CA LEU D 1105 -27.48 20.59 -13.42
C LEU D 1105 -28.23 21.51 -12.48
N ILE D 1106 -29.55 21.54 -12.56
CA ILE D 1106 -30.35 22.21 -11.53
C ILE D 1106 -30.26 21.44 -10.23
N ILE D 1107 -30.42 20.11 -10.30
CA ILE D 1107 -30.51 19.32 -9.08
C ILE D 1107 -29.13 19.02 -8.50
N SER D 1108 -28.07 19.12 -9.29
CA SER D 1108 -26.71 18.87 -8.81
C SER D 1108 -25.72 19.84 -9.46
N PRO D 1109 -25.64 21.06 -8.96
CA PRO D 1109 -24.55 21.94 -9.40
C PRO D 1109 -23.28 21.56 -8.65
N GLU D 1110 -22.34 20.97 -9.36
CA GLU D 1110 -21.12 20.52 -8.69
C GLU D 1110 -20.04 21.60 -8.75
N PHE D 1111 -19.53 21.89 -9.93
CA PHE D 1111 -18.40 22.81 -10.07
C PHE D 1111 -18.72 23.85 -11.13
N ALA D 1112 -20.01 24.19 -11.25
CA ALA D 1112 -20.46 25.19 -12.20
C ALA D 1112 -20.43 26.56 -11.54
N SER D 1113 -19.75 27.51 -12.19
CA SER D 1113 -19.82 28.89 -11.77
C SER D 1113 -21.18 29.47 -12.15
N ILE D 1114 -21.46 30.66 -11.63
CA ILE D 1114 -22.81 31.22 -11.73
C ILE D 1114 -23.12 31.67 -13.16
N GLU D 1115 -22.09 31.98 -13.95
CA GLU D 1115 -22.31 32.33 -15.36
C GLU D 1115 -22.74 31.11 -16.17
N GLU D 1116 -22.03 30.00 -16.02
CA GLU D 1116 -22.44 28.75 -16.63
C GLU D 1116 -23.55 28.05 -15.86
N LEU D 1117 -24.01 28.63 -14.75
CA LEU D 1117 -25.24 28.16 -14.13
C LEU D 1117 -26.45 28.82 -14.79
N ASN D 1118 -26.46 30.14 -14.92
CA ASN D 1118 -27.59 30.78 -15.59
C ASN D 1118 -27.40 30.87 -17.11
N GLN D 1119 -26.38 30.21 -17.66
CA GLN D 1119 -26.07 30.26 -19.08
C GLN D 1119 -26.53 29.02 -19.84
N LYS D 1120 -26.51 27.84 -19.22
CA LYS D 1120 -26.82 26.61 -19.93
C LYS D 1120 -27.89 25.75 -19.24
N ALA D 1121 -28.56 26.28 -18.22
CA ALA D 1121 -29.53 25.47 -17.48
C ALA D 1121 -30.97 25.64 -17.96
N LEU D 1122 -31.30 26.78 -18.56
CA LEU D 1122 -32.62 26.97 -19.15
C LEU D 1122 -32.68 26.51 -20.59
N GLN D 1123 -31.68 25.76 -21.03
CA GLN D 1123 -31.51 25.30 -22.41
C GLN D 1123 -31.36 23.79 -22.44
N GLY D 1124 -32.26 23.09 -21.75
CA GLY D 1124 -32.23 21.65 -21.71
C GLY D 1124 -33.37 20.98 -22.44
N CYS D 1125 -34.12 20.15 -21.73
CA CYS D 1125 -35.18 19.35 -22.32
C CYS D 1125 -36.25 19.11 -21.27
N TYR D 1126 -37.09 18.10 -21.49
CA TYR D 1126 -38.18 17.76 -20.60
C TYR D 1126 -37.92 16.47 -19.84
N THR D 1127 -36.67 16.23 -19.47
CA THR D 1127 -36.30 15.05 -18.70
C THR D 1127 -36.76 15.15 -17.25
N TYR D 1128 -36.88 16.37 -16.74
CA TYR D 1128 -37.35 16.59 -15.37
C TYR D 1128 -38.79 16.12 -15.19
N ILE D 1129 -39.57 16.14 -16.26
CA ILE D 1129 -41.00 15.89 -16.17
C ILE D 1129 -41.39 14.56 -16.78
N LEU D 1130 -40.53 13.95 -17.57
CA LEU D 1130 -40.82 12.69 -18.21
C LEU D 1130 -40.24 11.52 -17.44
N SER D 1131 -39.33 11.79 -16.50
CA SER D 1131 -38.71 10.77 -15.67
C SER D 1131 -39.29 10.74 -14.26
N LEU D 1132 -40.57 11.05 -14.10
CA LEU D 1132 -41.25 10.95 -12.82
C LEU D 1132 -41.82 9.55 -12.62
N GLN D 1133 -41.60 8.99 -11.44
CA GLN D 1133 -42.19 7.70 -11.09
C GLN D 1133 -43.67 7.88 -10.78
N ALA D 1134 -44.43 6.79 -10.93
CA ALA D 1134 -45.85 6.84 -10.63
C ALA D 1134 -46.14 6.90 -9.14
N ARG D 1135 -45.13 6.67 -8.29
CA ARG D 1135 -45.27 6.92 -6.87
C ARG D 1135 -45.46 8.40 -6.58
N GLU D 1136 -44.93 9.27 -7.44
CA GLU D 1136 -44.95 10.69 -7.22
C GLU D 1136 -46.32 11.32 -7.44
N LEU D 1137 -47.25 10.61 -8.09
CA LEU D 1137 -48.53 11.16 -8.51
C LEU D 1137 -49.60 11.05 -7.44
N LEU D 1138 -49.23 10.76 -6.20
CA LEU D 1138 -50.20 10.62 -5.14
C LEU D 1138 -50.40 11.95 -4.43
N ILE D 1139 -51.38 12.01 -3.54
CA ILE D 1139 -51.78 13.27 -2.94
C ILE D 1139 -50.78 13.72 -1.88
N ALA D 1140 -50.23 12.77 -1.13
CA ALA D 1140 -49.23 13.11 -0.11
C ALA D 1140 -47.94 13.64 -0.73
N ALA D 1141 -47.57 13.13 -1.91
CA ALA D 1141 -46.38 13.64 -2.59
C ALA D 1141 -46.62 15.05 -3.12
N LYS D 1142 -47.83 15.34 -3.60
CA LYS D 1142 -48.20 16.71 -3.95
C LYS D 1142 -48.11 17.64 -2.76
N THR D 1143 -48.62 17.20 -1.60
CA THR D 1143 -48.56 18.00 -0.39
C THR D 1143 -47.12 18.28 0.02
N ARG D 1144 -46.27 17.25 -0.05
CA ARG D 1144 -44.86 17.42 0.33
C ARG D 1144 -44.13 18.34 -0.64
N ARG D 1145 -44.44 18.27 -1.93
CA ARG D 1145 -43.83 19.22 -2.87
C ARG D 1145 -44.31 20.64 -2.64
N VAL D 1146 -45.57 20.82 -2.22
CA VAL D 1146 -46.07 22.16 -1.94
C VAL D 1146 -45.34 22.76 -0.73
N GLU D 1147 -45.22 21.99 0.37
CA GLU D 1147 -44.49 22.54 1.51
C GLU D 1147 -43.00 22.69 1.25
N LYS D 1148 -42.44 21.88 0.36
CA LYS D 1148 -41.03 22.07 0.01
C LYS D 1148 -40.81 23.32 -0.84
N ILE D 1149 -41.77 23.65 -1.70
CA ILE D 1149 -41.75 24.94 -2.41
C ILE D 1149 -41.86 26.10 -1.44
N LYS D 1150 -42.70 25.95 -0.40
CA LYS D 1150 -42.81 27.01 0.62
C LYS D 1150 -41.50 27.20 1.39
N LYS D 1151 -40.82 26.10 1.73
CA LYS D 1151 -39.56 26.21 2.44
C LYS D 1151 -38.47 26.82 1.57
N MET D 1152 -38.44 26.48 0.27
CA MET D 1152 -37.46 27.10 -0.60
C MET D 1152 -37.74 28.58 -0.82
N GLN D 1153 -39.02 28.97 -0.83
CA GLN D 1153 -39.35 30.39 -0.96
C GLN D 1153 -38.91 31.17 0.28
N ALA D 1154 -39.11 30.60 1.47
CA ALA D 1154 -38.65 31.24 2.71
C ALA D 1154 -37.12 31.33 2.74
N ARG D 1155 -36.43 30.28 2.27
CA ARG D 1155 -34.98 30.32 2.25
C ARG D 1155 -34.45 31.33 1.24
N LEU D 1156 -35.13 31.49 0.11
CA LEU D 1156 -34.72 32.52 -0.86
C LEU D 1156 -34.90 33.92 -0.28
N ASP D 1157 -35.96 34.13 0.50
CA ASP D 1157 -36.13 35.40 1.20
C ASP D 1157 -35.03 35.64 2.23
N LYS D 1158 -34.61 34.59 2.94
CA LYS D 1158 -33.53 34.76 3.91
C LYS D 1158 -32.19 35.03 3.23
N VAL D 1159 -31.96 34.41 2.07
CA VAL D 1159 -30.71 34.63 1.35
C VAL D 1159 -30.62 36.06 0.83
N GLU D 1160 -31.71 36.57 0.24
CA GLU D 1160 -31.69 37.96 -0.20
C GLU D 1160 -31.70 38.93 0.98
N GLN D 1161 -32.18 38.51 2.15
CA GLN D 1161 -32.13 39.38 3.30
C GLN D 1161 -30.72 39.48 3.89
N LEU D 1162 -29.93 38.41 3.85
CA LEU D 1162 -28.59 38.47 4.43
C LEU D 1162 -27.50 38.66 3.39
N LEU D 1163 -27.85 38.85 2.12
CA LEU D 1163 -26.86 39.38 1.18
C LEU D 1163 -26.55 40.85 1.39
N GLN D 1164 -27.43 41.61 2.04
CA GLN D 1164 -27.31 43.06 2.12
C GLN D 1164 -26.81 43.56 3.47
N GLU D 1165 -26.40 42.67 4.36
CA GLU D 1165 -26.11 43.09 5.72
C GLU D 1165 -24.74 43.77 5.80
N SER D 1166 -24.50 44.40 6.94
CA SER D 1166 -23.32 45.17 7.28
C SER D 1166 -22.46 44.41 8.27
N PRO D 1167 -21.12 44.46 8.14
CA PRO D 1167 -20.29 45.21 7.19
C PRO D 1167 -20.19 44.63 5.78
N PHE D 1168 -20.12 43.32 5.65
CA PHE D 1168 -20.01 42.65 4.37
C PHE D 1168 -21.05 41.54 4.30
N PRO D 1169 -21.39 41.06 3.10
CA PRO D 1169 -22.37 39.97 3.00
C PRO D 1169 -21.91 38.69 3.68
N GLY D 1170 -22.80 38.12 4.49
CA GLY D 1170 -22.51 36.89 5.20
C GLY D 1170 -21.70 37.12 6.45
N ALA D 1171 -22.15 38.05 7.29
CA ALA D 1171 -21.40 38.41 8.48
C ALA D 1171 -21.87 37.69 9.72
N SER D 1172 -23.13 37.27 9.78
CA SER D 1172 -23.62 36.50 10.91
C SER D 1172 -23.32 35.01 10.75
N VAL D 1173 -23.29 34.53 9.50
CA VAL D 1173 -23.01 33.13 9.20
C VAL D 1173 -21.60 32.76 9.65
N TRP D 1174 -20.67 33.67 9.48
CA TRP D 1174 -19.29 33.39 9.87
C TRP D 1174 -19.13 33.45 11.38
N LEU D 1175 -19.96 34.23 12.08
CA LEU D 1175 -20.00 34.16 13.54
C LEU D 1175 -20.52 32.82 14.03
N GLU D 1176 -21.55 32.30 13.37
CA GLU D 1176 -22.10 30.99 13.74
C GLU D 1176 -21.08 29.88 13.51
N GLU D 1177 -20.32 29.97 12.42
CA GLU D 1177 -19.29 28.96 12.18
C GLU D 1177 -18.12 29.09 13.15
N ILE D 1178 -17.81 30.32 13.60
CA ILE D 1178 -16.86 30.51 14.70
C ILE D 1178 -17.31 29.75 15.95
N ASP D 1179 -18.59 29.88 16.30
CA ASP D 1179 -19.10 29.23 17.51
C ASP D 1179 -19.07 27.71 17.40
N ALA D 1180 -19.44 27.19 16.23
CA ALA D 1180 -19.44 25.74 16.04
C ALA D 1180 -18.03 25.14 16.08
N VAL D 1181 -17.05 25.81 15.43
CA VAL D 1181 -15.68 25.33 15.48
C VAL D 1181 -15.13 25.38 16.89
N GLU D 1182 -15.48 26.43 17.65
CA GLU D 1182 -14.96 26.55 19.02
C GLU D 1182 -15.50 25.45 19.93
N LYS D 1183 -16.79 25.13 19.83
CA LYS D 1183 -17.29 24.06 20.70
C LYS D 1183 -16.84 22.68 20.22
N ALA D 1184 -16.58 22.51 18.92
CA ALA D 1184 -15.99 21.24 18.47
C ALA D 1184 -14.55 21.08 18.96
N ILE D 1185 -13.79 22.18 19.04
CA ILE D 1185 -12.44 22.11 19.59
C ILE D 1185 -12.48 21.80 21.08
N ILE D 1186 -13.44 22.36 21.81
CA ILE D 1186 -13.57 22.05 23.23
C ILE D 1186 -13.94 20.58 23.44
N LYS D 1187 -14.91 20.08 22.68
CA LYS D 1187 -15.33 18.69 22.82
C LYS D 1187 -14.26 17.71 22.36
N GLY D 1188 -13.36 18.13 21.47
CA GLY D 1188 -12.23 17.29 21.14
C GLY D 1188 -11.10 17.33 22.15
N ARG D 1189 -10.92 18.46 22.83
CA ARG D 1189 -9.91 18.51 23.88
C ARG D 1189 -10.35 17.74 25.12
N ASN D 1190 -11.66 17.65 25.36
CA ASN D 1190 -12.12 16.94 26.54
C ASN D 1190 -11.98 15.43 26.42
N THR D 1191 -11.92 14.90 25.20
CA THR D 1191 -11.93 13.45 25.00
C THR D 1191 -10.60 12.92 24.51
N GLN D 1192 -9.50 13.64 24.78
CA GLN D 1192 -8.14 13.30 24.35
C GLN D 1192 -8.03 13.11 22.84
N TRP D 1193 -8.81 13.92 22.12
CA TRP D 1193 -8.95 13.89 20.66
C TRP D 1193 -9.37 12.52 20.16
N LYS D 1194 -10.39 11.96 20.80
CA LYS D 1194 -10.99 10.71 20.38
C LYS D 1194 -12.47 10.81 20.10
N PHE D 1195 -13.14 11.87 20.56
CA PHE D 1195 -14.52 12.22 20.20
C PHE D 1195 -15.50 11.11 20.58
N HIS D 1196 -15.50 10.75 21.86
CA HIS D 1196 -16.32 9.68 22.41
C HIS D 1196 -17.81 10.01 22.37
MG MG E . 1.47 -10.99 14.28
MG MG F . 13.29 9.64 -9.84
#